data_6HQG
#
_entry.id   6HQG
#
_cell.length_a   105.464
_cell.length_b   89.207
_cell.length_c   201.820
_cell.angle_alpha   90.00
_cell.angle_beta   96.60
_cell.angle_gamma   90.00
#
_symmetry.space_group_name_H-M   'C 1 2 1'
#
loop_
_entity.id
_entity.type
_entity.pdbx_description
1 polymer 'Cytochrome P450'
2 non-polymer 'PROTOPORPHYRIN IX CONTAINING FE'
3 water water
#
_entity_poly.entity_id   1
_entity_poly.type   'polypeptide(L)'
_entity_poly.pdbx_seq_one_letter_code
;MDDASIDLQRAARDAAYSMPIEEINPADPELFRTDTMWPYFERLRKEDPVHWGVSPHEDVGGYWSVTKYNDIMAVDTNHE
VFSSEPTIVLPDPADDFTLPMFIAMDPPKHDVQRKTVQPIVAPNHLAYLEPIIRERAGKILDDLPIGEEINWVDKVSIEL
TTMTLATLFDFPWEDRRKLTFWSDVATSAPESGILGTTDPEEHENLRRQTLFECVDYFMRLWNERVNAPPKPDLISMLAH
GESTKNMDRMEYLGNLILLIVGGNDTTRNTISGSVLALHQNPDQDRKLRENPGLIPAMVSETIRWQTPLAYMRRRAKRDF
ELGGKTIREGDKVAMWYVSGNRDEEVIDRPNDYWIERPRVRQHLSFGFGVHRCVGNRLAELQLKIIWEEILARFPRLEVV
GPPRRVYSSFVKGYEELPVVIPTRN
;
_entity_poly.pdbx_strand_id   A,B,C,D
#
loop_
_chem_comp.id
_chem_comp.type
_chem_comp.name
_chem_comp.formula
HEM non-polymer 'PROTOPORPHYRIN IX CONTAINING FE' 'C34 H32 Fe N4 O4'
#
# COMPACT_ATOMS: atom_id res chain seq x y z
N ASP A 7 0.14 -19.79 -11.60
CA ASP A 7 -1.21 -20.19 -12.06
C ASP A 7 -2.20 -19.22 -11.44
N LEU A 8 -3.22 -19.73 -10.74
CA LEU A 8 -4.21 -18.89 -10.08
C LEU A 8 -3.62 -18.29 -8.78
N GLN A 9 -3.00 -19.15 -7.96
CA GLN A 9 -2.51 -18.81 -6.60
C GLN A 9 -1.52 -17.63 -6.64
N ARG A 10 -0.79 -17.49 -7.76
CA ARG A 10 0.20 -16.41 -7.99
C ARG A 10 -0.54 -15.10 -8.30
N ALA A 11 -1.53 -15.17 -9.20
CA ALA A 11 -2.29 -13.99 -9.60
C ALA A 11 -2.97 -13.31 -8.39
N ALA A 12 -3.48 -14.14 -7.47
CA ALA A 12 -4.17 -13.70 -6.25
C ALA A 12 -3.17 -13.13 -5.25
N ARG A 13 -2.01 -13.79 -5.12
CA ARG A 13 -0.94 -13.29 -4.26
C ARG A 13 -0.61 -11.86 -4.74
N ASP A 14 -0.49 -11.66 -6.06
CA ASP A 14 -0.22 -10.34 -6.65
C ASP A 14 -1.34 -9.36 -6.29
N ALA A 15 -2.58 -9.72 -6.60
CA ALA A 15 -3.77 -8.88 -6.34
C ALA A 15 -3.94 -8.55 -4.84
N ALA A 16 -3.54 -9.47 -3.94
CA ALA A 16 -3.81 -9.32 -2.52
C ALA A 16 -2.77 -8.41 -1.86
N TYR A 17 -1.50 -8.55 -2.25
CA TYR A 17 -0.42 -7.76 -1.69
C TYR A 17 -0.48 -6.35 -2.32
N SER A 18 -1.02 -6.26 -3.52
CA SER A 18 -1.07 -5.00 -4.26
C SER A 18 -2.14 -4.09 -3.66
N MET A 19 -3.36 -4.59 -3.56
CA MET A 19 -4.54 -3.78 -3.23
C MET A 19 -4.39 -3.11 -1.85
N PRO A 20 -5.18 -2.05 -1.56
CA PRO A 20 -5.12 -1.38 -0.26
C PRO A 20 -5.79 -2.19 0.87
N ILE A 21 -5.01 -2.46 1.92
CA ILE A 21 -5.29 -3.51 2.93
C ILE A 21 -6.67 -3.33 3.57
N GLU A 22 -7.28 -2.15 3.43
CA GLU A 22 -8.51 -1.87 4.14
C GLU A 22 -9.68 -2.48 3.36
N GLU A 23 -9.43 -2.78 2.07
CA GLU A 23 -10.46 -3.21 1.14
C GLU A 23 -10.59 -4.74 1.15
N ILE A 24 -9.73 -5.42 1.94
CA ILE A 24 -9.69 -6.90 2.03
C ILE A 24 -10.92 -7.42 2.80
N ASN A 25 -11.78 -8.13 2.08
CA ASN A 25 -13.08 -8.59 2.54
C ASN A 25 -13.06 -10.11 2.60
N PRO A 26 -12.48 -10.75 3.64
CA PRO A 26 -12.22 -12.19 3.63
C PRO A 26 -13.48 -13.08 3.46
N ALA A 27 -14.65 -12.49 3.73
CA ALA A 27 -15.92 -13.16 3.69
C ALA A 27 -16.50 -13.27 2.25
N ASP A 28 -15.86 -12.64 1.26
CA ASP A 28 -16.16 -12.86 -0.15
C ASP A 28 -16.28 -14.37 -0.41
N PRO A 29 -17.43 -14.90 -0.88
CA PRO A 29 -17.56 -16.32 -1.15
C PRO A 29 -16.85 -16.71 -2.46
N GLU A 30 -16.49 -15.72 -3.27
CA GLU A 30 -15.87 -15.98 -4.59
C GLU A 30 -14.37 -16.22 -4.42
N LEU A 31 -13.78 -15.74 -3.32
CA LEU A 31 -12.41 -16.12 -2.93
C LEU A 31 -12.34 -17.61 -2.55
N PHE A 32 -13.34 -18.10 -1.79
CA PHE A 32 -13.36 -19.47 -1.24
C PHE A 32 -13.67 -20.55 -2.28
N ARG A 33 -14.52 -20.24 -3.26
CA ARG A 33 -14.84 -21.17 -4.33
C ARG A 33 -13.70 -21.27 -5.35
N THR A 34 -12.99 -20.18 -5.62
CA THR A 34 -11.85 -20.23 -6.50
C THR A 34 -10.61 -20.71 -5.74
N ASP A 35 -10.66 -20.73 -4.40
CA ASP A 35 -9.59 -21.26 -3.57
C ASP A 35 -8.40 -20.29 -3.51
N THR A 36 -8.66 -19.00 -3.77
CA THR A 36 -7.65 -17.94 -3.89
C THR A 36 -7.57 -17.10 -2.59
N MET A 37 -8.17 -17.57 -1.51
CA MET A 37 -8.39 -16.71 -0.32
C MET A 37 -7.16 -16.73 0.61
N TRP A 38 -6.24 -17.68 0.43
CA TRP A 38 -5.08 -17.89 1.32
C TRP A 38 -4.19 -16.65 1.40
N PRO A 39 -3.83 -16.00 0.27
CA PRO A 39 -2.90 -14.87 0.28
C PRO A 39 -3.43 -13.65 1.03
N TYR A 40 -4.76 -13.45 0.93
CA TYR A 40 -5.45 -12.36 1.60
C TYR A 40 -5.28 -12.55 3.10
N PHE A 41 -5.58 -13.77 3.57
CA PHE A 41 -5.48 -14.19 5.00
C PHE A 41 -4.03 -14.15 5.48
N GLU A 42 -3.10 -14.60 4.64
CA GLU A 42 -1.73 -14.55 5.01
C GLU A 42 -1.30 -13.10 5.29
N ARG A 43 -1.73 -12.20 4.42
CA ARG A 43 -1.29 -10.82 4.49
C ARG A 43 -1.84 -10.15 5.74
N LEU A 44 -3.15 -10.34 5.97
CA LEU A 44 -3.78 -9.84 7.16
C LEU A 44 -3.03 -10.38 8.38
N ARG A 45 -2.69 -11.68 8.36
CA ARG A 45 -2.06 -12.36 9.52
C ARG A 45 -0.79 -11.64 9.96
N LYS A 46 -0.20 -10.88 9.04
CA LYS A 46 1.06 -10.24 9.20
C LYS A 46 0.90 -8.74 9.50
N GLU A 47 0.21 -8.05 8.60
CA GLU A 47 0.15 -6.62 8.63
C GLU A 47 -1.03 -6.12 9.45
N ASP A 48 -2.18 -6.83 9.42
CA ASP A 48 -3.46 -6.42 10.09
C ASP A 48 -4.20 -7.63 10.63
N PRO A 49 -3.69 -8.27 11.73
CA PRO A 49 -4.26 -9.50 12.27
C PRO A 49 -5.74 -9.45 12.67
N VAL A 50 -6.14 -8.34 13.30
CA VAL A 50 -7.52 -8.02 13.69
C VAL A 50 -7.98 -6.88 12.77
N HIS A 51 -8.77 -7.23 11.76
CA HIS A 51 -8.95 -6.42 10.59
C HIS A 51 -10.42 -6.08 10.36
N TRP A 52 -10.68 -4.78 10.36
CA TRP A 52 -11.96 -4.21 10.02
C TRP A 52 -12.13 -4.17 8.49
N GLY A 53 -13.12 -4.91 7.98
CA GLY A 53 -13.48 -4.86 6.57
C GLY A 53 -14.98 -4.72 6.40
N VAL A 54 -15.41 -4.41 5.19
CA VAL A 54 -16.81 -4.23 4.86
C VAL A 54 -17.14 -5.06 3.61
N SER A 55 -18.26 -5.79 3.68
CA SER A 55 -18.77 -6.55 2.56
C SER A 55 -19.78 -5.68 1.82
N PRO A 56 -19.85 -5.80 0.47
CA PRO A 56 -20.95 -5.25 -0.33
C PRO A 56 -22.36 -5.64 0.12
N HIS A 57 -22.51 -6.79 0.79
CA HIS A 57 -23.82 -7.28 1.23
C HIS A 57 -24.18 -6.61 2.55
N GLU A 58 -25.43 -6.09 2.63
CA GLU A 58 -26.06 -5.44 3.81
C GLU A 58 -26.07 -6.37 5.02
N ASP A 59 -26.65 -7.55 4.82
CA ASP A 59 -26.80 -8.52 5.89
C ASP A 59 -25.45 -8.65 6.62
N VAL A 60 -24.33 -8.38 5.93
CA VAL A 60 -22.97 -8.49 6.48
C VAL A 60 -22.45 -7.13 6.95
N GLY A 61 -22.33 -6.18 6.02
CA GLY A 61 -21.80 -4.86 6.33
C GLY A 61 -20.36 -4.93 6.82
N GLY A 62 -20.07 -4.21 7.91
CA GLY A 62 -18.73 -4.14 8.47
C GLY A 62 -18.58 -5.08 9.65
N TYR A 63 -17.38 -5.67 9.76
CA TYR A 63 -17.08 -6.76 10.71
C TYR A 63 -15.56 -6.92 10.90
N TRP A 64 -15.18 -7.46 12.07
CA TRP A 64 -13.82 -7.78 12.43
C TRP A 64 -13.50 -9.22 11.96
N SER A 65 -12.36 -9.36 11.27
CA SER A 65 -11.74 -10.63 10.93
C SER A 65 -10.59 -10.87 11.91
N VAL A 66 -10.69 -11.92 12.71
CA VAL A 66 -9.64 -12.34 13.64
C VAL A 66 -8.92 -13.53 13.01
N THR A 67 -7.64 -13.35 12.63
CA THR A 67 -7.01 -14.22 11.62
C THR A 67 -5.91 -15.14 12.21
N LYS A 68 -5.55 -14.94 13.49
CA LYS A 68 -4.46 -15.70 14.08
C LYS A 68 -4.97 -16.63 15.20
N TYR A 69 -4.18 -17.69 15.42
CA TYR A 69 -4.55 -18.81 16.28
C TYR A 69 -4.90 -18.32 17.69
N ASN A 70 -3.96 -17.64 18.34
CA ASN A 70 -4.14 -17.23 19.72
C ASN A 70 -5.26 -16.19 19.82
N ASP A 71 -5.23 -15.20 18.94
CA ASP A 71 -6.31 -14.24 18.90
C ASP A 71 -7.64 -15.02 18.85
N ILE A 72 -7.77 -15.97 17.92
CA ILE A 72 -9.03 -16.65 17.70
C ILE A 72 -9.46 -17.32 18.99
N MET A 73 -8.53 -18.00 19.65
CA MET A 73 -8.79 -18.68 20.95
C MET A 73 -9.35 -17.69 21.99
N ALA A 74 -8.78 -16.48 22.06
CA ALA A 74 -9.15 -15.48 23.04
C ALA A 74 -10.62 -15.04 22.89
N VAL A 75 -11.09 -15.06 21.64
CA VAL A 75 -12.47 -14.78 21.28
C VAL A 75 -13.35 -16.01 21.64
N ASP A 76 -12.94 -17.17 21.14
CA ASP A 76 -13.71 -18.42 21.23
C ASP A 76 -13.98 -18.80 22.70
N THR A 77 -12.97 -18.66 23.56
CA THR A 77 -13.04 -19.07 24.96
C THR A 77 -13.74 -18.04 25.85
N ASN A 78 -14.02 -16.84 25.32
CA ASN A 78 -14.57 -15.74 26.15
C ASN A 78 -16.02 -15.40 25.77
N HIS A 79 -16.98 -16.17 26.32
CA HIS A 79 -18.42 -16.05 25.98
C HIS A 79 -19.13 -14.93 26.77
N GLU A 80 -18.42 -14.28 27.70
CA GLU A 80 -18.97 -13.14 28.43
C GLU A 80 -18.97 -11.92 27.51
N VAL A 81 -17.84 -11.70 26.81
CA VAL A 81 -17.69 -10.56 25.88
C VAL A 81 -18.26 -10.91 24.51
N PHE A 82 -17.90 -12.09 23.99
CA PHE A 82 -18.20 -12.51 22.59
C PHE A 82 -19.37 -13.50 22.60
N SER A 83 -20.54 -12.98 22.20
CA SER A 83 -21.84 -13.65 22.32
C SER A 83 -22.14 -14.43 21.03
N SER A 84 -22.57 -15.68 21.19
CA SER A 84 -23.00 -16.49 20.06
C SER A 84 -24.44 -16.14 19.64
N GLU A 85 -25.03 -15.12 20.28
CA GLU A 85 -26.34 -14.57 19.97
C GLU A 85 -26.17 -13.21 19.31
N PRO A 86 -26.98 -12.88 18.27
CA PRO A 86 -28.14 -13.69 17.88
C PRO A 86 -27.86 -14.90 16.96
N THR A 87 -26.80 -14.86 16.15
CA THR A 87 -26.39 -16.01 15.30
C THR A 87 -24.87 -16.17 15.37
N ILE A 88 -24.33 -17.06 14.52
CA ILE A 88 -22.88 -17.46 14.46
C ILE A 88 -22.33 -17.35 13.03
N VAL A 89 -23.17 -17.03 12.04
CA VAL A 89 -22.71 -16.65 10.68
C VAL A 89 -22.71 -15.12 10.60
N LEU A 90 -22.01 -14.55 9.62
CA LEU A 90 -21.93 -13.10 9.56
C LEU A 90 -23.31 -12.48 9.29
N PRO A 91 -24.03 -12.86 8.21
CA PRO A 91 -25.29 -12.21 7.87
C PRO A 91 -26.29 -12.29 9.03
N ASP A 92 -26.99 -11.18 9.30
CA ASP A 92 -27.91 -11.11 10.44
C ASP A 92 -29.13 -11.95 10.12
N PRO A 93 -29.83 -12.50 11.14
CA PRO A 93 -30.90 -13.46 10.94
C PRO A 93 -32.12 -12.82 10.27
N ALA A 94 -32.72 -13.57 9.33
CA ALA A 94 -34.04 -13.27 8.77
C ALA A 94 -35.11 -13.86 9.71
N ASP A 95 -36.22 -14.36 9.14
CA ASP A 95 -37.13 -15.24 9.88
C ASP A 95 -37.71 -16.31 8.96
N ASP A 96 -36.83 -17.05 8.28
CA ASP A 96 -37.17 -18.24 7.50
C ASP A 96 -37.27 -19.45 8.46
N PHE A 97 -36.30 -19.55 9.38
CA PHE A 97 -36.12 -20.71 10.27
C PHE A 97 -35.90 -20.20 11.71
N THR A 98 -36.94 -20.32 12.53
CA THR A 98 -36.98 -19.79 13.87
C THR A 98 -36.82 -20.94 14.88
N LEU A 99 -36.33 -22.10 14.41
CA LEU A 99 -36.10 -23.31 15.26
C LEU A 99 -34.92 -23.04 16.21
N PRO A 100 -35.05 -23.31 17.54
CA PRO A 100 -33.99 -22.98 18.50
C PRO A 100 -32.67 -23.78 18.36
N MET A 101 -31.66 -23.13 17.79
CA MET A 101 -30.29 -23.65 17.65
C MET A 101 -29.50 -23.24 18.90
N PHE A 102 -29.01 -24.22 19.67
CA PHE A 102 -28.24 -23.90 20.89
C PHE A 102 -26.79 -23.45 20.58
N ILE A 103 -26.37 -23.60 19.33
CA ILE A 103 -25.08 -23.06 18.93
C ILE A 103 -25.12 -21.52 19.01
N ALA A 104 -26.30 -20.93 18.74
CA ALA A 104 -26.50 -19.47 18.75
C ALA A 104 -27.23 -19.03 20.04
N MET A 105 -26.88 -19.69 21.15
CA MET A 105 -27.40 -19.40 22.45
C MET A 105 -26.23 -19.30 23.44
N ASP A 106 -26.43 -18.51 24.50
CA ASP A 106 -25.35 -18.16 25.41
C ASP A 106 -25.47 -18.96 26.70
N PRO A 107 -24.31 -19.20 27.35
CA PRO A 107 -24.11 -20.19 28.41
C PRO A 107 -25.22 -20.76 29.31
N PRO A 108 -25.87 -20.03 30.25
CA PRO A 108 -26.82 -20.70 31.16
C PRO A 108 -27.82 -21.52 30.30
N LYS A 109 -28.54 -20.83 29.41
CA LYS A 109 -29.54 -21.49 28.55
C LYS A 109 -28.83 -22.52 27.65
N HIS A 110 -27.64 -22.18 27.15
CA HIS A 110 -26.90 -23.04 26.22
C HIS A 110 -26.47 -24.34 26.90
N ASP A 111 -25.92 -24.24 28.13
CA ASP A 111 -25.33 -25.39 28.81
C ASP A 111 -26.38 -26.47 29.11
N VAL A 112 -27.64 -26.06 29.31
CA VAL A 112 -28.73 -26.96 29.65
C VAL A 112 -29.05 -27.81 28.42
N GLN A 113 -29.24 -27.14 27.28
CA GLN A 113 -29.67 -27.78 26.05
C GLN A 113 -28.63 -28.80 25.57
N ARG A 114 -27.34 -28.46 25.70
CA ARG A 114 -26.23 -29.30 25.27
C ARG A 114 -26.27 -30.63 26.02
N LYS A 115 -26.58 -30.58 27.31
CA LYS A 115 -26.67 -31.76 28.17
C LYS A 115 -27.68 -32.76 27.60
N THR A 116 -28.63 -32.29 26.79
CA THR A 116 -29.62 -33.16 26.20
C THR A 116 -29.09 -33.98 25.02
N VAL A 117 -27.91 -33.65 24.49
CA VAL A 117 -27.42 -34.38 23.32
C VAL A 117 -26.10 -35.10 23.64
N GLN A 118 -25.50 -34.85 24.81
CA GLN A 118 -24.22 -35.44 25.16
C GLN A 118 -24.34 -36.96 25.27
N PRO A 119 -25.48 -37.53 25.76
CA PRO A 119 -25.69 -38.98 25.74
C PRO A 119 -25.55 -39.67 24.38
N ILE A 120 -26.13 -39.06 23.33
CA ILE A 120 -26.22 -39.70 22.00
C ILE A 120 -24.83 -39.79 21.34
N VAL A 121 -23.87 -39.02 21.85
CA VAL A 121 -22.48 -38.97 21.37
C VAL A 121 -21.54 -39.42 22.49
N ALA A 122 -22.06 -40.16 23.47
CA ALA A 122 -21.25 -40.61 24.61
C ALA A 122 -20.40 -41.83 24.22
N PRO A 123 -19.20 -42.03 24.84
CA PRO A 123 -18.25 -43.09 24.45
C PRO A 123 -18.77 -44.53 24.40
N ASN A 124 -19.67 -44.87 25.32
CA ASN A 124 -20.23 -46.23 25.36
C ASN A 124 -21.22 -46.43 24.19
N HIS A 125 -21.83 -45.34 23.70
CA HIS A 125 -22.74 -45.38 22.55
C HIS A 125 -21.94 -45.42 21.24
N LEU A 126 -20.83 -44.66 21.20
CA LEU A 126 -19.92 -44.76 20.06
C LEU A 126 -19.43 -46.21 19.91
N ALA A 127 -19.11 -46.88 21.02
CA ALA A 127 -18.58 -48.25 20.99
C ALA A 127 -19.61 -49.21 20.42
N TYR A 128 -20.89 -48.98 20.73
CA TYR A 128 -21.99 -49.74 20.12
C TYR A 128 -21.99 -49.51 18.59
N LEU A 129 -21.89 -48.24 18.16
CA LEU A 129 -22.08 -47.83 16.76
C LEU A 129 -20.93 -48.32 15.86
N GLU A 130 -19.72 -48.49 16.41
CA GLU A 130 -18.52 -48.67 15.56
C GLU A 130 -18.70 -49.85 14.61
N PRO A 131 -18.90 -51.10 15.11
CA PRO A 131 -18.99 -52.28 14.26
C PRO A 131 -20.12 -52.21 13.22
N ILE A 132 -21.16 -51.41 13.54
CA ILE A 132 -22.30 -51.12 12.64
C ILE A 132 -21.85 -50.16 11.52
N ILE A 133 -21.22 -49.05 11.89
CA ILE A 133 -20.75 -48.06 10.92
C ILE A 133 -19.82 -48.76 9.92
N ARG A 134 -18.99 -49.66 10.43
CA ARG A 134 -17.96 -50.37 9.66
C ARG A 134 -18.57 -51.34 8.64
N GLU A 135 -19.51 -52.18 9.11
CA GLU A 135 -20.31 -53.06 8.25
C GLU A 135 -20.90 -52.20 7.12
N ARG A 136 -21.66 -51.16 7.48
CA ARG A 136 -22.47 -50.32 6.58
C ARG A 136 -21.58 -49.56 5.60
N ALA A 137 -20.39 -49.14 6.06
CA ALA A 137 -19.41 -48.44 5.21
C ALA A 137 -18.86 -49.43 4.17
N GLY A 138 -18.56 -50.64 4.65
CA GLY A 138 -18.10 -51.79 3.87
C GLY A 138 -18.96 -52.07 2.66
N LYS A 139 -20.29 -52.00 2.84
CA LYS A 139 -21.28 -52.23 1.75
C LYS A 139 -21.34 -51.03 0.80
N ILE A 140 -21.41 -49.80 1.31
CA ILE A 140 -21.45 -48.65 0.43
C ILE A 140 -20.25 -48.74 -0.53
N LEU A 141 -19.08 -49.09 0.02
CA LEU A 141 -17.82 -49.12 -0.71
C LEU A 141 -17.74 -50.30 -1.68
N ASP A 142 -18.27 -51.47 -1.29
CA ASP A 142 -18.33 -52.64 -2.17
C ASP A 142 -19.22 -52.42 -3.41
N ASP A 143 -20.11 -51.41 -3.40
CA ASP A 143 -21.06 -51.11 -4.49
C ASP A 143 -20.52 -50.05 -5.46
N LEU A 144 -19.42 -49.38 -5.16
CA LEU A 144 -18.91 -48.34 -6.05
C LEU A 144 -18.46 -48.98 -7.35
N PRO A 145 -18.53 -48.28 -8.50
CA PRO A 145 -17.99 -48.79 -9.76
C PRO A 145 -16.46 -48.63 -9.88
N ILE A 146 -15.83 -49.58 -10.59
CA ILE A 146 -14.37 -49.62 -10.80
C ILE A 146 -14.07 -49.19 -12.25
N GLY A 147 -12.96 -48.44 -12.42
CA GLY A 147 -12.47 -48.01 -13.73
C GLY A 147 -13.46 -47.11 -14.45
N GLU A 148 -14.29 -46.40 -13.68
CA GLU A 148 -15.28 -45.45 -14.23
C GLU A 148 -15.32 -44.21 -13.32
N GLU A 149 -15.51 -43.05 -13.96
CA GLU A 149 -15.38 -41.73 -13.32
C GLU A 149 -16.69 -41.43 -12.59
N ILE A 150 -16.55 -41.01 -11.33
CA ILE A 150 -17.66 -40.69 -10.44
C ILE A 150 -17.37 -39.35 -9.76
N ASN A 151 -18.47 -38.62 -9.46
CA ASN A 151 -18.42 -37.46 -8.59
C ASN A 151 -18.30 -37.97 -7.15
N TRP A 152 -17.07 -37.97 -6.60
CA TRP A 152 -16.77 -38.61 -5.30
C TRP A 152 -17.71 -38.06 -4.22
N VAL A 153 -18.07 -36.78 -4.33
CA VAL A 153 -18.95 -36.09 -3.35
C VAL A 153 -20.33 -36.77 -3.27
N ASP A 154 -21.00 -36.95 -4.42
CA ASP A 154 -22.33 -37.60 -4.50
C ASP A 154 -22.26 -39.11 -4.25
N LYS A 155 -21.25 -39.80 -4.80
CA LYS A 155 -21.20 -41.26 -4.79
C LYS A 155 -20.59 -41.84 -3.50
N VAL A 156 -19.74 -41.08 -2.79
CA VAL A 156 -18.99 -41.63 -1.62
C VAL A 156 -19.19 -40.79 -0.35
N SER A 157 -18.90 -39.49 -0.42
CA SER A 157 -18.92 -38.62 0.77
C SER A 157 -20.35 -38.45 1.32
N ILE A 158 -21.32 -38.22 0.43
CA ILE A 158 -22.71 -38.03 0.83
C ILE A 158 -23.25 -39.38 1.31
N GLU A 159 -23.05 -40.44 0.52
CA GLU A 159 -23.53 -41.75 0.87
C GLU A 159 -23.08 -42.12 2.29
N LEU A 160 -21.76 -42.04 2.55
CA LEU A 160 -21.17 -42.42 3.86
C LEU A 160 -21.66 -41.48 4.97
N THR A 161 -21.85 -40.19 4.63
CA THR A 161 -22.25 -39.23 5.63
C THR A 161 -23.69 -39.49 6.04
N THR A 162 -24.53 -39.85 5.06
CA THR A 162 -25.95 -40.13 5.28
C THR A 162 -26.11 -41.37 6.16
N MET A 163 -25.34 -42.42 5.82
CA MET A 163 -25.25 -43.66 6.59
C MET A 163 -24.94 -43.41 8.07
N THR A 164 -23.95 -42.55 8.37
CA THR A 164 -23.52 -42.26 9.76
C THR A 164 -24.65 -41.59 10.54
N LEU A 165 -25.31 -40.61 9.93
CA LEU A 165 -26.38 -39.86 10.60
C LEU A 165 -27.56 -40.79 10.89
N ALA A 166 -28.00 -41.54 9.86
CA ALA A 166 -29.01 -42.60 10.03
C ALA A 166 -28.62 -43.53 11.18
N THR A 167 -27.36 -43.95 11.21
CA THR A 167 -26.90 -44.93 12.17
C THR A 167 -26.89 -44.32 13.58
N LEU A 168 -26.68 -43.00 13.65
CA LEU A 168 -26.50 -42.33 14.93
C LEU A 168 -27.86 -42.27 15.65
N PHE A 169 -28.93 -42.07 14.88
CA PHE A 169 -30.30 -41.86 15.38
C PHE A 169 -31.19 -43.11 15.15
N ASP A 170 -30.61 -44.25 14.74
CA ASP A 170 -31.35 -45.46 14.41
C ASP A 170 -32.60 -45.07 13.60
N PHE A 171 -32.39 -44.29 12.53
CA PHE A 171 -33.41 -43.99 11.52
C PHE A 171 -33.50 -45.14 10.50
N PRO A 172 -34.71 -45.44 9.98
CA PRO A 172 -34.95 -46.51 9.00
C PRO A 172 -33.74 -47.20 8.35
N TRP A 173 -33.05 -46.51 7.43
CA TRP A 173 -31.98 -47.08 6.59
C TRP A 173 -32.50 -48.32 5.85
N ASN A 205 -42.66 -49.28 15.63
CA ASN A 205 -42.27 -48.86 14.28
C ASN A 205 -43.13 -47.66 13.85
N LEU A 206 -44.28 -47.48 14.50
CA LEU A 206 -45.19 -46.37 14.20
C LEU A 206 -44.61 -45.05 14.74
N ARG A 207 -43.90 -45.09 15.88
CA ARG A 207 -43.26 -43.89 16.46
C ARG A 207 -41.85 -43.72 15.89
N ARG A 208 -41.03 -44.78 15.81
CA ARG A 208 -39.69 -44.72 15.15
C ARG A 208 -39.82 -44.06 13.76
N GLN A 209 -40.84 -44.48 12.98
CA GLN A 209 -41.05 -44.04 11.58
C GLN A 209 -41.58 -42.60 11.54
N THR A 210 -42.39 -42.24 12.53
CA THR A 210 -43.08 -40.92 12.58
C THR A 210 -42.09 -39.81 12.96
N LEU A 211 -41.08 -40.17 13.78
CA LEU A 211 -39.97 -39.28 14.17
C LEU A 211 -39.09 -38.99 12.94
N PHE A 212 -38.75 -40.02 12.14
CA PHE A 212 -37.91 -39.79 10.96
C PHE A 212 -38.58 -38.77 10.05
N GLU A 213 -39.90 -38.95 9.87
CA GLU A 213 -40.67 -38.14 8.96
C GLU A 213 -40.70 -36.71 9.48
N CYS A 214 -40.93 -36.57 10.78
CA CYS A 214 -40.88 -35.28 11.45
C CYS A 214 -39.54 -34.61 11.10
N VAL A 215 -38.43 -35.32 11.36
CA VAL A 215 -37.03 -34.81 11.15
C VAL A 215 -36.79 -34.47 9.67
N ASP A 216 -37.21 -35.36 8.76
CA ASP A 216 -37.05 -35.10 7.34
C ASP A 216 -37.78 -33.79 6.99
N TYR A 217 -39.01 -33.61 7.49
CA TYR A 217 -39.77 -32.37 7.21
C TYR A 217 -38.92 -31.13 7.52
N PHE A 218 -38.45 -31.05 8.78
CA PHE A 218 -37.84 -29.86 9.26
C PHE A 218 -36.50 -29.60 8.57
N MET A 219 -35.82 -30.68 8.15
CA MET A 219 -34.48 -30.57 7.52
C MET A 219 -34.61 -30.02 6.10
N ARG A 220 -35.77 -30.27 5.47
CA ARG A 220 -36.04 -29.81 4.13
C ARG A 220 -36.30 -28.30 4.15
N LEU A 221 -37.14 -27.88 5.11
CA LEU A 221 -37.48 -26.49 5.37
C LEU A 221 -36.18 -25.70 5.60
N TRP A 222 -35.33 -26.22 6.49
CA TRP A 222 -33.98 -25.68 6.82
C TRP A 222 -33.21 -25.29 5.54
N ASN A 223 -33.08 -26.23 4.59
CA ASN A 223 -32.32 -26.04 3.33
C ASN A 223 -32.92 -24.89 2.49
N GLU A 224 -34.26 -24.87 2.33
CA GLU A 224 -34.96 -23.89 1.50
C GLU A 224 -34.47 -22.48 1.85
N MET A 250 -40.34 -25.68 20.95
CA MET A 250 -39.65 -26.46 19.88
C MET A 250 -38.16 -26.67 20.20
N GLU A 251 -37.85 -26.84 21.49
CA GLU A 251 -36.49 -26.89 22.05
C GLU A 251 -35.76 -28.14 21.54
N TYR A 252 -36.26 -29.32 21.92
CA TYR A 252 -35.56 -30.60 21.75
C TYR A 252 -35.41 -30.94 20.25
N LEU A 253 -36.30 -30.40 19.42
CA LEU A 253 -36.31 -30.70 17.98
C LEU A 253 -35.17 -29.95 17.28
N GLY A 254 -34.98 -28.68 17.64
CA GLY A 254 -33.84 -27.88 17.17
C GLY A 254 -32.51 -28.53 17.52
N ASN A 255 -32.33 -28.85 18.82
CA ASN A 255 -31.17 -29.57 19.33
C ASN A 255 -30.87 -30.79 18.44
N LEU A 256 -31.89 -31.53 18.00
CA LEU A 256 -31.68 -32.74 17.18
C LEU A 256 -31.33 -32.34 15.74
N ILE A 257 -31.97 -31.27 15.24
CA ILE A 257 -31.69 -30.72 13.90
C ILE A 257 -30.26 -30.18 13.86
N LEU A 258 -29.78 -29.62 14.98
CA LEU A 258 -28.44 -29.02 15.07
C LEU A 258 -27.39 -30.13 14.90
N LEU A 259 -27.55 -31.25 15.61
CA LEU A 259 -26.66 -32.40 15.48
C LEU A 259 -26.51 -32.86 14.02
N ILE A 260 -27.63 -32.96 13.31
CA ILE A 260 -27.65 -33.42 11.93
C ILE A 260 -26.90 -32.40 11.06
N VAL A 261 -27.27 -31.12 11.18
CA VAL A 261 -26.73 -30.04 10.39
C VAL A 261 -25.24 -29.89 10.70
N GLY A 262 -24.91 -30.03 11.98
CA GLY A 262 -23.56 -29.80 12.49
C GLY A 262 -22.61 -30.95 12.22
N GLY A 263 -23.15 -32.11 11.84
CA GLY A 263 -22.38 -33.32 11.51
C GLY A 263 -22.56 -33.80 10.06
N ASN A 264 -23.31 -33.07 9.24
CA ASN A 264 -23.52 -33.47 7.85
C ASN A 264 -22.36 -32.96 7.00
N ASP A 265 -22.48 -31.71 6.51
CA ASP A 265 -21.56 -31.18 5.49
C ASP A 265 -20.10 -31.16 5.99
N THR A 266 -19.90 -31.07 7.31
CA THR A 266 -18.56 -31.07 7.89
C THR A 266 -17.89 -32.43 7.67
N THR A 267 -18.61 -33.54 7.93
CA THR A 267 -18.05 -34.90 7.80
C THR A 267 -17.89 -35.22 6.32
N ARG A 268 -18.87 -34.75 5.55
CA ARG A 268 -18.90 -34.94 4.10
C ARG A 268 -17.62 -34.38 3.48
N ASN A 269 -17.37 -33.10 3.77
CA ASN A 269 -16.33 -32.32 3.17
C ASN A 269 -14.97 -32.82 3.67
N THR A 270 -14.93 -33.46 4.83
CA THR A 270 -13.69 -33.94 5.31
C THR A 270 -13.35 -35.24 4.58
N ILE A 271 -14.36 -36.02 4.20
CA ILE A 271 -14.15 -37.21 3.35
C ILE A 271 -13.65 -36.78 1.95
N SER A 272 -14.38 -35.88 1.28
CA SER A 272 -13.91 -35.34 0.03
C SER A 272 -12.52 -34.70 0.20
N GLY A 273 -12.29 -33.99 1.30
CA GLY A 273 -11.01 -33.35 1.55
C GLY A 273 -9.86 -34.33 1.54
N SER A 274 -9.97 -35.40 2.33
CA SER A 274 -8.92 -36.39 2.47
C SER A 274 -8.42 -36.86 1.11
N VAL A 275 -9.37 -37.14 0.20
CA VAL A 275 -9.09 -37.74 -1.09
C VAL A 275 -8.24 -36.79 -1.94
N LEU A 276 -8.53 -35.48 -1.84
CA LEU A 276 -7.83 -34.48 -2.60
C LEU A 276 -6.43 -34.23 -2.01
N ALA A 277 -6.36 -34.20 -0.69
CA ALA A 277 -5.14 -33.97 0.04
C ALA A 277 -4.09 -34.99 -0.39
N LEU A 278 -4.51 -36.25 -0.54
CA LEU A 278 -3.65 -37.40 -0.83
C LEU A 278 -3.27 -37.41 -2.31
N HIS A 279 -4.18 -36.93 -3.15
CA HIS A 279 -3.89 -36.67 -4.56
C HIS A 279 -2.78 -35.60 -4.74
N GLN A 280 -2.82 -34.56 -3.89
CA GLN A 280 -1.86 -33.42 -3.90
C GLN A 280 -0.55 -33.77 -3.15
N ASN A 281 -0.52 -34.84 -2.37
CA ASN A 281 0.68 -35.19 -1.63
C ASN A 281 0.92 -36.70 -1.72
N PRO A 282 1.39 -37.24 -2.88
CA PRO A 282 1.65 -38.68 -3.03
C PRO A 282 2.69 -39.28 -2.05
N ASP A 283 3.58 -38.42 -1.54
CA ASP A 283 4.49 -38.72 -0.44
C ASP A 283 3.67 -39.23 0.76
N GLN A 284 2.59 -38.53 1.11
CA GLN A 284 1.81 -38.78 2.34
C GLN A 284 0.79 -39.91 2.13
N ASP A 285 0.42 -40.19 0.88
CA ASP A 285 -0.42 -41.34 0.53
C ASP A 285 0.36 -42.62 0.80
N ARG A 286 1.58 -42.67 0.27
CA ARG A 286 2.55 -43.73 0.48
C ARG A 286 2.69 -44.01 1.99
N LYS A 287 3.05 -42.98 2.76
CA LYS A 287 3.25 -43.06 4.23
C LYS A 287 2.03 -43.70 4.92
N LEU A 288 0.83 -43.43 4.38
CA LEU A 288 -0.42 -43.85 4.98
C LEU A 288 -0.70 -45.32 4.67
N ARG A 289 -0.54 -45.69 3.40
CA ARG A 289 -0.86 -47.04 2.96
C ARG A 289 0.20 -48.02 3.48
N GLU A 290 1.46 -47.59 3.55
CA GLU A 290 2.60 -48.34 4.18
C GLU A 290 2.30 -48.69 5.65
N ASN A 291 1.86 -47.71 6.45
CA ASN A 291 1.53 -47.89 7.89
C ASN A 291 0.12 -47.35 8.17
N PRO A 292 -0.94 -48.20 8.17
CA PRO A 292 -2.31 -47.76 8.47
C PRO A 292 -2.61 -47.28 9.90
N GLY A 293 -1.65 -47.41 10.81
CA GLY A 293 -1.77 -46.81 12.16
C GLY A 293 -1.80 -45.28 12.15
N LEU A 294 -1.40 -44.67 11.01
CA LEU A 294 -1.34 -43.22 10.82
C LEU A 294 -2.69 -42.63 10.38
N ILE A 295 -3.78 -43.42 10.38
CA ILE A 295 -5.11 -42.96 9.86
C ILE A 295 -5.68 -41.90 10.79
N PRO A 296 -5.80 -42.15 12.12
CA PRO A 296 -6.22 -41.11 13.04
C PRO A 296 -5.37 -39.81 12.90
N ALA A 297 -4.06 -39.93 12.68
CA ALA A 297 -3.18 -38.73 12.40
C ALA A 297 -3.65 -38.03 11.11
N MET A 298 -3.79 -38.81 10.04
CA MET A 298 -4.22 -38.29 8.77
C MET A 298 -5.58 -37.58 8.91
N VAL A 299 -6.53 -38.21 9.63
CA VAL A 299 -7.89 -37.63 9.85
C VAL A 299 -7.76 -36.29 10.57
N SER A 300 -6.90 -36.22 11.59
CA SER A 300 -6.62 -34.96 12.26
C SER A 300 -6.09 -33.90 11.26
N GLU A 301 -5.05 -34.28 10.52
CA GLU A 301 -4.37 -33.33 9.68
C GLU A 301 -5.28 -32.89 8.53
N THR A 302 -6.19 -33.74 8.06
CA THR A 302 -7.18 -33.32 7.06
C THR A 302 -8.16 -32.29 7.65
N ILE A 303 -8.62 -32.55 8.88
CA ILE A 303 -9.63 -31.70 9.56
C ILE A 303 -9.05 -30.30 9.83
N ARG A 304 -7.72 -30.19 9.97
CA ARG A 304 -7.02 -28.93 10.04
C ARG A 304 -6.94 -28.37 8.62
N TRP A 305 -6.42 -29.18 7.71
CA TRP A 305 -5.97 -28.75 6.38
C TRP A 305 -7.16 -28.22 5.59
N GLN A 306 -8.16 -29.09 5.44
CA GLN A 306 -9.51 -28.69 5.13
C GLN A 306 -10.02 -28.11 6.43
N THR A 307 -10.75 -26.99 6.40
CA THR A 307 -11.31 -26.46 7.62
C THR A 307 -12.77 -26.29 7.29
N PRO A 308 -13.57 -27.38 7.45
CA PRO A 308 -14.89 -27.50 6.82
C PRO A 308 -15.80 -26.30 7.12
N LEU A 309 -15.81 -25.88 8.39
CA LEU A 309 -16.38 -24.62 8.79
C LEU A 309 -15.23 -23.63 8.93
N ALA A 310 -15.19 -22.67 8.02
CA ALA A 310 -14.04 -21.84 7.89
C ALA A 310 -13.99 -20.87 9.08
N TYR A 311 -15.15 -20.32 9.43
CA TYR A 311 -15.20 -19.38 10.50
C TYR A 311 -16.44 -19.64 11.34
N MET A 312 -16.48 -18.95 12.48
CA MET A 312 -17.67 -18.76 13.29
C MET A 312 -17.63 -17.32 13.79
N ARG A 313 -18.80 -16.67 13.82
CA ARG A 313 -18.90 -15.29 14.26
C ARG A 313 -19.49 -15.14 15.68
N ARG A 314 -19.15 -13.99 16.25
CA ARG A 314 -19.52 -13.61 17.54
C ARG A 314 -19.83 -12.10 17.51
N ARG A 315 -20.44 -11.62 18.60
CA ARG A 315 -20.91 -10.25 18.75
C ARG A 315 -20.48 -9.69 20.11
N ALA A 316 -19.70 -8.60 20.11
CA ALA A 316 -19.08 -8.08 21.33
C ALA A 316 -20.15 -7.42 22.21
N LYS A 317 -20.13 -7.73 23.51
CA LYS A 317 -21.12 -7.23 24.52
C LYS A 317 -20.57 -6.02 25.29
N ARG A 318 -19.25 -5.77 25.18
CA ARG A 318 -18.59 -4.53 25.61
C ARG A 318 -17.41 -4.22 24.68
N ASP A 319 -16.88 -3.01 24.83
CA ASP A 319 -15.64 -2.61 24.18
C ASP A 319 -14.53 -3.54 24.67
N PHE A 320 -13.68 -4.02 23.74
CA PHE A 320 -12.65 -5.03 24.05
C PHE A 320 -11.41 -4.84 23.18
N GLU A 321 -10.23 -5.02 23.80
CA GLU A 321 -8.91 -4.80 23.17
C GLU A 321 -8.29 -6.16 22.76
N LEU A 322 -8.03 -6.31 21.48
CA LEU A 322 -7.49 -7.52 20.91
C LEU A 322 -6.62 -7.14 19.73
N GLY A 323 -5.39 -7.67 19.71
CA GLY A 323 -4.39 -7.37 18.69
C GLY A 323 -4.16 -5.88 18.60
N GLY A 324 -4.13 -5.23 19.79
CA GLY A 324 -4.09 -3.76 19.95
C GLY A 324 -5.08 -3.05 19.04
N LYS A 325 -6.35 -3.39 19.18
CA LYS A 325 -7.43 -2.72 18.47
C LYS A 325 -8.67 -2.82 19.35
N THR A 326 -9.49 -1.77 19.30
CA THR A 326 -10.66 -1.64 20.15
C THR A 326 -11.89 -2.11 19.36
N ILE A 327 -12.29 -3.36 19.62
CA ILE A 327 -13.52 -3.94 19.12
C ILE A 327 -14.65 -3.36 19.97
N ARG A 328 -15.62 -2.72 19.30
CA ARG A 328 -16.65 -1.92 19.96
C ARG A 328 -17.85 -2.81 20.24
N GLU A 329 -18.63 -2.43 21.27
CA GLU A 329 -19.88 -3.10 21.61
C GLU A 329 -20.82 -3.20 20.40
N GLY A 330 -21.39 -4.39 20.20
CA GLY A 330 -22.33 -4.67 19.13
C GLY A 330 -21.68 -4.97 17.79
N ASP A 331 -20.34 -5.00 17.72
CA ASP A 331 -19.62 -5.29 16.50
C ASP A 331 -19.63 -6.80 16.24
N LYS A 332 -19.64 -7.18 14.95
CA LYS A 332 -19.51 -8.60 14.53
C LYS A 332 -18.03 -9.00 14.45
N VAL A 333 -17.72 -10.20 14.96
CA VAL A 333 -16.36 -10.70 15.04
C VAL A 333 -16.33 -12.11 14.43
N ALA A 334 -15.58 -12.25 13.33
CA ALA A 334 -15.49 -13.49 12.59
C ALA A 334 -14.20 -14.20 13.01
N MET A 335 -14.35 -15.40 13.63
CA MET A 335 -13.23 -16.21 14.02
C MET A 335 -12.86 -17.11 12.84
N TRP A 336 -11.85 -16.65 12.08
CA TRP A 336 -11.38 -17.34 10.89
C TRP A 336 -10.43 -18.49 11.30
N TYR A 337 -11.05 -19.65 11.58
CA TYR A 337 -10.36 -20.90 11.83
C TYR A 337 -9.52 -21.30 10.60
N VAL A 338 -10.08 -21.18 9.39
CA VAL A 338 -9.35 -21.44 8.14
C VAL A 338 -7.98 -20.73 8.17
N SER A 339 -7.94 -19.48 8.67
CA SER A 339 -6.70 -18.67 8.66
C SER A 339 -5.82 -18.94 9.89
N GLY A 340 -6.47 -19.27 11.02
CA GLY A 340 -5.77 -19.62 12.27
C GLY A 340 -5.02 -20.94 12.21
N ASN A 341 -5.57 -21.88 11.42
CA ASN A 341 -4.98 -23.22 11.20
C ASN A 341 -3.68 -23.11 10.37
N ARG A 342 -3.34 -21.89 9.88
CA ARG A 342 -2.14 -21.69 9.06
C ARG A 342 -1.24 -20.57 9.60
N ASP A 343 -1.30 -20.35 10.90
CA ASP A 343 -0.48 -19.37 11.59
C ASP A 343 0.90 -19.98 11.82
N GLU A 344 1.92 -19.43 11.15
CA GLU A 344 3.30 -19.91 11.31
C GLU A 344 3.75 -19.81 12.77
N GLU A 345 3.11 -18.95 13.57
CA GLU A 345 3.54 -18.65 14.92
C GLU A 345 3.24 -19.80 15.89
N VAL A 346 2.24 -20.62 15.58
CA VAL A 346 1.79 -21.68 16.49
C VAL A 346 2.01 -23.05 15.84
N ILE A 347 1.84 -23.14 14.53
CA ILE A 347 1.92 -24.37 13.76
C ILE A 347 3.21 -24.36 12.92
N ASP A 348 4.01 -25.42 13.02
CA ASP A 348 5.19 -25.61 12.14
C ASP A 348 4.74 -26.00 10.72
N ARG A 349 5.31 -25.33 9.72
CA ARG A 349 5.10 -25.69 8.31
C ARG A 349 3.60 -25.72 8.03
N PRO A 350 2.90 -24.61 8.27
CA PRO A 350 1.44 -24.60 8.28
C PRO A 350 0.80 -24.96 6.95
N ASN A 351 1.41 -24.64 5.81
CA ASN A 351 0.76 -24.93 4.51
C ASN A 351 1.31 -26.22 3.88
N ASP A 352 1.51 -27.24 4.71
CA ASP A 352 2.01 -28.55 4.37
C ASP A 352 1.01 -29.58 4.90
N TYR A 353 0.46 -30.42 4.01
CA TYR A 353 -0.23 -31.60 4.43
C TYR A 353 0.81 -32.55 5.01
N TRP A 354 0.76 -32.78 6.32
CA TRP A 354 1.82 -33.47 7.00
C TRP A 354 1.25 -34.36 8.12
N ILE A 355 1.14 -35.66 7.85
CA ILE A 355 0.40 -36.57 8.70
C ILE A 355 1.16 -36.76 10.02
N GLU A 356 2.48 -36.91 9.87
CA GLU A 356 3.36 -37.21 10.97
C GLU A 356 3.93 -35.91 11.57
N ARG A 357 3.26 -34.78 11.34
CA ARG A 357 3.66 -33.52 11.96
C ARG A 357 3.48 -33.68 13.46
N PRO A 358 4.38 -33.12 14.30
CA PRO A 358 4.19 -33.14 15.75
C PRO A 358 2.97 -32.28 16.12
N ARG A 359 2.27 -32.67 17.20
CA ARG A 359 1.05 -32.01 17.73
C ARG A 359 -0.08 -31.93 16.69
N VAL A 360 -0.35 -33.03 15.97
CA VAL A 360 -1.30 -33.04 14.87
C VAL A 360 -2.69 -32.61 15.37
N ARG A 361 -2.94 -32.77 16.67
CA ARG A 361 -4.28 -32.61 17.26
C ARG A 361 -4.57 -31.14 17.59
N GLN A 362 -3.50 -30.34 17.77
CA GLN A 362 -3.58 -28.91 18.12
C GLN A 362 -4.08 -28.12 16.90
N HIS A 363 -5.38 -27.79 16.87
CA HIS A 363 -6.01 -27.13 15.69
C HIS A 363 -7.41 -26.60 16.04
N LEU A 364 -7.87 -25.66 15.21
CA LEU A 364 -9.01 -24.79 15.54
C LEU A 364 -10.32 -25.27 14.92
N SER A 365 -10.28 -26.34 14.13
CA SER A 365 -11.38 -26.59 13.22
C SER A 365 -12.63 -27.03 13.98
N PHE A 366 -12.46 -27.51 15.23
CA PHE A 366 -13.57 -27.92 16.17
C PHE A 366 -13.86 -26.84 17.24
N GLY A 367 -13.13 -25.73 17.17
CA GLY A 367 -13.29 -24.61 18.05
C GLY A 367 -12.62 -24.86 19.40
N PHE A 368 -12.83 -23.90 20.30
CA PHE A 368 -12.45 -23.95 21.70
C PHE A 368 -13.50 -23.24 22.57
N GLY A 369 -13.65 -23.68 23.82
CA GLY A 369 -14.58 -23.06 24.73
C GLY A 369 -15.87 -23.83 24.79
N VAL A 370 -16.92 -23.21 25.34
CA VAL A 370 -18.15 -23.91 25.72
C VAL A 370 -18.86 -24.44 24.47
N HIS A 371 -18.59 -23.87 23.30
CA HIS A 371 -19.27 -24.30 22.09
C HIS A 371 -18.44 -25.33 21.30
N ARG A 372 -17.39 -25.89 21.90
CA ARG A 372 -16.48 -26.78 21.20
C ARG A 372 -17.30 -27.94 20.64
N CYS A 373 -17.16 -28.20 19.34
CA CYS A 373 -17.93 -29.24 18.67
C CYS A 373 -18.10 -30.45 19.59
N VAL A 374 -19.37 -30.70 19.94
CA VAL A 374 -19.83 -31.80 20.79
C VAL A 374 -19.68 -33.15 20.06
N GLY A 375 -19.57 -33.14 18.72
CA GLY A 375 -19.56 -34.35 17.88
C GLY A 375 -18.18 -34.71 17.36
N ASN A 376 -17.15 -34.10 17.95
CA ASN A 376 -15.74 -34.14 17.46
C ASN A 376 -15.20 -35.57 17.50
N ARG A 377 -15.55 -36.34 18.53
CA ARG A 377 -15.01 -37.69 18.66
C ARG A 377 -15.80 -38.66 17.80
N LEU A 378 -17.06 -38.36 17.53
CA LEU A 378 -17.80 -39.17 16.63
C LEU A 378 -17.21 -38.96 15.23
N ALA A 379 -16.94 -37.70 14.87
CA ALA A 379 -16.40 -37.33 13.55
C ALA A 379 -15.08 -38.06 13.30
N GLU A 380 -14.20 -38.01 14.29
CA GLU A 380 -12.89 -38.65 14.18
C GLU A 380 -13.00 -40.18 14.15
N LEU A 381 -13.99 -40.76 14.84
CA LEU A 381 -14.28 -42.23 14.83
C LEU A 381 -14.94 -42.64 13.52
N GLN A 382 -15.87 -41.82 13.00
CA GLN A 382 -16.49 -42.04 11.71
C GLN A 382 -15.39 -42.15 10.64
N LEU A 383 -14.59 -41.08 10.50
CA LEU A 383 -13.59 -40.96 9.45
C LEU A 383 -12.52 -42.03 9.60
N LYS A 384 -12.16 -42.39 10.83
CA LYS A 384 -11.21 -43.47 11.07
C LYS A 384 -11.67 -44.81 10.44
N ILE A 385 -12.89 -45.22 10.77
CA ILE A 385 -13.49 -46.42 10.25
C ILE A 385 -13.57 -46.30 8.73
N ILE A 386 -14.13 -45.19 8.23
CA ILE A 386 -14.29 -44.97 6.78
C ILE A 386 -12.95 -45.29 6.10
N TRP A 387 -11.85 -44.74 6.64
CA TRP A 387 -10.57 -44.76 5.95
C TRP A 387 -9.86 -46.11 6.13
N GLU A 388 -10.09 -46.81 7.26
CA GLU A 388 -9.67 -48.19 7.38
C GLU A 388 -10.30 -48.97 6.20
N GLU A 389 -11.61 -48.82 6.04
CA GLU A 389 -12.36 -49.58 5.05
C GLU A 389 -11.98 -49.15 3.61
N ILE A 390 -11.54 -47.90 3.40
CA ILE A 390 -11.19 -47.44 2.04
C ILE A 390 -9.83 -48.00 1.61
N LEU A 391 -8.85 -47.95 2.53
CA LEU A 391 -7.52 -48.50 2.24
C LEU A 391 -7.60 -50.02 1.99
N ALA A 392 -8.45 -50.73 2.73
CA ALA A 392 -8.59 -52.15 2.55
C ALA A 392 -8.94 -52.45 1.08
N ARG A 393 -9.86 -51.66 0.51
CA ARG A 393 -10.44 -52.02 -0.78
C ARG A 393 -9.66 -51.40 -1.95
N PHE A 394 -9.26 -50.13 -1.86
CA PHE A 394 -8.80 -49.42 -3.03
C PHE A 394 -7.36 -48.94 -2.85
N PRO A 395 -6.38 -49.42 -3.66
CA PRO A 395 -4.98 -49.03 -3.54
C PRO A 395 -4.72 -47.66 -4.15
N ARG A 396 -5.69 -47.16 -4.93
CA ARG A 396 -5.60 -45.88 -5.60
C ARG A 396 -6.99 -45.25 -5.68
N LEU A 397 -7.06 -43.96 -5.35
CA LEU A 397 -8.21 -43.08 -5.57
C LEU A 397 -7.72 -41.89 -6.39
N GLU A 398 -7.63 -42.07 -7.72
CA GLU A 398 -7.01 -41.08 -8.54
C GLU A 398 -8.06 -40.02 -8.86
N VAL A 399 -7.74 -38.79 -8.47
CA VAL A 399 -8.49 -37.58 -8.79
C VAL A 399 -8.16 -37.15 -10.23
N VAL A 400 -9.11 -37.28 -11.15
CA VAL A 400 -8.86 -37.17 -12.62
C VAL A 400 -9.18 -35.75 -13.14
N GLY A 401 -9.94 -34.94 -12.40
CA GLY A 401 -10.25 -33.52 -12.77
C GLY A 401 -10.23 -32.55 -11.58
N PRO A 402 -10.26 -31.22 -11.80
CA PRO A 402 -10.19 -30.27 -10.70
C PRO A 402 -11.54 -30.27 -10.00
N PRO A 403 -11.60 -30.06 -8.66
CA PRO A 403 -12.89 -30.02 -7.96
C PRO A 403 -13.73 -28.79 -8.32
N ARG A 404 -14.98 -28.80 -7.88
CA ARG A 404 -15.80 -27.62 -7.97
C ARG A 404 -16.29 -27.31 -6.54
N ARG A 405 -15.87 -26.15 -6.01
CA ARG A 405 -16.00 -25.85 -4.60
C ARG A 405 -17.33 -25.14 -4.33
N VAL A 406 -17.79 -25.24 -3.09
CA VAL A 406 -18.98 -24.63 -2.61
C VAL A 406 -18.75 -23.12 -2.66
N TYR A 407 -19.80 -22.40 -3.07
CA TYR A 407 -19.83 -20.92 -3.13
C TYR A 407 -20.30 -20.39 -1.78
N SER A 408 -19.42 -20.46 -0.78
CA SER A 408 -19.68 -19.96 0.55
C SER A 408 -18.35 -19.66 1.27
N SER A 409 -18.34 -18.65 2.13
CA SER A 409 -17.15 -18.42 2.94
C SER A 409 -17.32 -19.07 4.31
N PHE A 410 -18.45 -19.73 4.56
CA PHE A 410 -18.71 -20.43 5.82
C PHE A 410 -18.39 -21.91 5.63
N VAL A 411 -19.13 -22.54 4.71
CA VAL A 411 -18.95 -23.93 4.44
C VAL A 411 -17.83 -24.05 3.42
N LYS A 412 -16.68 -24.54 3.88
CA LYS A 412 -15.55 -24.74 2.99
C LYS A 412 -15.61 -26.20 2.51
N GLY A 413 -16.14 -26.41 1.31
CA GLY A 413 -16.52 -27.73 0.92
C GLY A 413 -16.52 -27.93 -0.59
N TYR A 414 -16.80 -29.17 -1.00
CA TYR A 414 -16.79 -29.58 -2.39
C TYR A 414 -18.23 -29.97 -2.80
N GLU A 415 -18.58 -29.66 -4.05
CA GLU A 415 -19.80 -30.12 -4.72
C GLU A 415 -19.41 -31.26 -5.65
N GLU A 416 -18.37 -31.05 -6.47
CA GLU A 416 -17.83 -32.04 -7.42
C GLU A 416 -16.35 -32.33 -7.12
N LEU A 417 -15.98 -33.61 -7.30
CA LEU A 417 -14.61 -34.12 -7.20
C LEU A 417 -14.48 -35.38 -8.05
N PRO A 418 -14.05 -35.24 -9.35
CA PRO A 418 -13.97 -36.36 -10.27
C PRO A 418 -12.88 -37.32 -9.82
N VAL A 419 -13.26 -38.57 -9.56
CA VAL A 419 -12.40 -39.67 -9.09
C VAL A 419 -12.62 -40.91 -9.96
N VAL A 420 -11.54 -41.64 -10.25
CA VAL A 420 -11.59 -42.98 -10.80
C VAL A 420 -10.94 -43.93 -9.80
N ILE A 421 -11.61 -45.06 -9.54
CA ILE A 421 -11.01 -46.12 -8.76
C ILE A 421 -10.59 -47.20 -9.74
N PRO A 422 -9.28 -47.35 -10.04
CA PRO A 422 -8.80 -48.33 -11.03
C PRO A 422 -9.09 -49.81 -10.73
N THR A 423 -8.85 -50.23 -9.47
CA THR A 423 -8.86 -51.62 -9.04
C THR A 423 -9.37 -51.72 -7.58
N ARG A 424 -9.72 -52.95 -7.17
CA ARG A 424 -10.24 -53.27 -5.84
C ARG A 424 -9.47 -54.41 -5.18
N ASN A 425 -9.32 -54.30 -3.86
CA ASN A 425 -8.52 -55.16 -2.99
C ASN A 425 -7.04 -54.80 -3.15
N ASP B 7 -6.11 16.29 -17.36
CA ASP B 7 -5.02 16.58 -18.33
C ASP B 7 -3.82 15.68 -18.02
N LEU B 8 -2.69 16.27 -17.58
CA LEU B 8 -1.41 15.57 -17.24
C LEU B 8 -1.32 15.27 -15.73
N GLN B 9 -1.61 16.30 -14.92
CA GLN B 9 -1.59 16.28 -13.46
C GLN B 9 -2.46 15.12 -12.93
N ARG B 10 -3.63 14.92 -13.57
CA ARG B 10 -4.63 13.87 -13.23
C ARG B 10 -4.09 12.47 -13.56
N ALA B 11 -3.30 12.37 -14.63
CA ALA B 11 -2.70 11.09 -15.05
C ALA B 11 -1.59 10.67 -14.09
N ALA B 12 -0.80 11.66 -13.63
CA ALA B 12 0.31 11.47 -12.68
C ALA B 12 -0.25 11.22 -11.27
N ARG B 13 -1.36 11.89 -10.92
CA ARG B 13 -2.10 11.64 -9.66
C ARG B 13 -2.41 10.13 -9.55
N ASP B 14 -3.03 9.58 -10.62
CA ASP B 14 -3.49 8.17 -10.72
C ASP B 14 -2.28 7.23 -10.62
N ALA B 15 -1.22 7.57 -11.35
CA ALA B 15 0.02 6.80 -11.37
C ALA B 15 0.73 6.78 -9.99
N ALA B 16 0.78 7.91 -9.29
CA ALA B 16 1.55 8.01 -8.04
C ALA B 16 0.87 7.25 -6.90
N TYR B 17 -0.45 7.39 -6.79
CA TYR B 17 -1.23 6.82 -5.68
C TYR B 17 -1.51 5.33 -5.95
N SER B 18 -1.38 4.95 -7.23
CA SER B 18 -1.58 3.57 -7.65
C SER B 18 -0.37 2.72 -7.23
N MET B 19 0.80 3.08 -7.73
CA MET B 19 2.05 2.28 -7.63
C MET B 19 2.39 1.99 -6.17
N PRO B 20 3.31 1.04 -5.91
CA PRO B 20 3.80 0.78 -4.55
C PRO B 20 4.78 1.85 -4.05
N ILE B 21 4.61 2.25 -2.80
CA ILE B 21 5.18 3.50 -2.29
C ILE B 21 6.72 3.45 -2.30
N GLU B 22 7.31 2.25 -2.29
CA GLU B 22 8.77 2.07 -2.18
C GLU B 22 9.45 2.41 -3.51
N GLU B 23 8.66 2.49 -4.58
CA GLU B 23 9.14 2.67 -5.97
C GLU B 23 9.15 4.16 -6.35
N ILE B 24 8.69 5.01 -5.44
CA ILE B 24 8.65 6.42 -5.64
C ILE B 24 10.08 6.96 -5.57
N ASN B 25 10.51 7.60 -6.68
CA ASN B 25 11.87 8.07 -6.90
C ASN B 25 11.83 9.57 -7.18
N PRO B 26 11.67 10.44 -6.14
CA PRO B 26 11.40 11.86 -6.37
C PRO B 26 12.45 12.51 -7.29
N ALA B 27 13.70 12.05 -7.17
CA ALA B 27 14.87 12.59 -7.87
C ALA B 27 14.77 12.50 -9.41
N ASP B 28 13.82 11.70 -9.93
CA ASP B 28 13.66 11.52 -11.35
C ASP B 28 13.47 12.87 -12.06
N PRO B 29 14.41 13.29 -12.95
CA PRO B 29 14.29 14.58 -13.62
C PRO B 29 13.12 14.71 -14.60
N GLU B 30 12.68 13.59 -15.20
CA GLU B 30 11.54 13.57 -16.13
C GLU B 30 10.26 14.05 -15.41
N LEU B 31 10.06 13.62 -14.18
CA LEU B 31 8.94 14.09 -13.34
C LEU B 31 8.92 15.62 -13.23
N PHE B 32 10.13 16.24 -13.20
CA PHE B 32 10.30 17.71 -13.01
C PHE B 32 10.02 18.46 -14.32
N ARG B 33 10.54 17.90 -15.40
CA ARG B 33 10.48 18.53 -16.70
C ARG B 33 9.05 18.46 -17.25
N THR B 34 8.29 17.44 -16.84
CA THR B 34 6.89 17.33 -17.22
C THR B 34 5.98 18.03 -16.20
N ASP B 35 6.54 18.50 -15.08
CA ASP B 35 5.83 19.20 -13.96
C ASP B 35 4.84 18.23 -13.30
N THR B 36 5.18 16.93 -13.24
CA THR B 36 4.22 15.90 -12.76
C THR B 36 4.67 15.31 -11.42
N MET B 37 5.64 15.97 -10.78
CA MET B 37 6.32 15.43 -9.59
C MET B 37 5.52 15.72 -8.30
N TRP B 38 4.52 16.63 -8.38
CA TRP B 38 3.79 17.14 -7.20
C TRP B 38 3.02 16.03 -6.46
N PRO B 39 2.20 15.20 -7.14
CA PRO B 39 1.40 14.20 -6.45
C PRO B 39 2.26 13.17 -5.70
N TYR B 40 3.40 12.82 -6.31
CA TYR B 40 4.36 11.91 -5.72
C TYR B 40 4.80 12.46 -4.36
N PHE B 41 5.15 13.75 -4.34
CA PHE B 41 5.65 14.42 -3.12
C PHE B 41 4.50 14.56 -2.11
N GLU B 42 3.30 14.87 -2.61
CA GLU B 42 2.15 15.05 -1.75
C GLU B 42 1.80 13.75 -1.02
N ARG B 43 1.90 12.64 -1.77
CA ARG B 43 1.63 11.32 -1.22
C ARG B 43 2.68 10.99 -0.15
N LEU B 44 3.97 11.12 -0.50
CA LEU B 44 5.06 10.89 0.43
C LEU B 44 4.84 11.75 1.69
N ARG B 45 4.55 13.03 1.50
CA ARG B 45 4.39 13.96 2.65
C ARG B 45 3.40 13.43 3.68
N LYS B 46 2.57 12.47 3.28
CA LYS B 46 1.47 11.93 4.05
C LYS B 46 1.80 10.54 4.59
N GLU B 47 2.13 9.62 3.68
CA GLU B 47 2.26 8.23 3.99
C GLU B 47 3.72 7.89 4.31
N ASP B 48 4.70 8.62 3.75
CA ASP B 48 6.12 8.33 4.02
C ASP B 48 6.96 9.62 3.97
N PRO B 49 6.87 10.48 5.02
CA PRO B 49 7.50 11.80 5.04
C PRO B 49 9.03 11.81 4.96
N VAL B 50 9.65 10.72 5.43
CA VAL B 50 11.09 10.45 5.30
C VAL B 50 11.25 9.11 4.56
N HIS B 51 11.57 9.20 3.26
CA HIS B 51 11.27 8.13 2.33
C HIS B 51 12.56 7.62 1.67
N TRP B 52 12.94 6.39 2.02
CA TRP B 52 13.98 5.67 1.31
C TRP B 52 13.47 5.28 -0.09
N GLY B 53 14.19 5.75 -1.13
CA GLY B 53 14.03 5.32 -2.52
C GLY B 53 15.36 5.10 -3.23
N VAL B 54 15.29 4.60 -4.47
CA VAL B 54 16.47 4.27 -5.27
C VAL B 54 16.27 4.78 -6.71
N SER B 55 17.36 5.27 -7.27
CA SER B 55 17.41 5.76 -8.61
C SER B 55 18.05 4.70 -9.49
N PRO B 56 17.56 4.53 -10.73
CA PRO B 56 18.25 3.72 -11.73
C PRO B 56 19.70 4.13 -12.01
N HIS B 57 20.02 5.42 -11.87
CA HIS B 57 21.40 5.89 -12.05
C HIS B 57 22.25 5.53 -10.82
N GLU B 58 23.45 4.99 -11.07
CA GLU B 58 24.43 4.62 -10.05
C GLU B 58 24.85 5.83 -9.22
N ASP B 59 25.22 6.92 -9.91
CA ASP B 59 25.80 8.15 -9.28
C ASP B 59 24.89 8.64 -8.15
N VAL B 60 23.60 8.28 -8.22
CA VAL B 60 22.56 8.62 -7.26
C VAL B 60 22.33 7.43 -6.30
N GLY B 61 21.86 6.30 -6.87
CA GLY B 61 21.54 5.14 -6.11
C GLY B 61 20.45 5.42 -5.10
N GLY B 62 20.57 4.77 -3.93
CA GLY B 62 19.62 4.89 -2.81
C GLY B 62 19.84 6.19 -2.07
N TYR B 63 18.74 6.79 -1.56
CA TYR B 63 18.80 8.09 -0.88
C TYR B 63 17.48 8.37 -0.15
N TRP B 64 17.61 9.02 1.01
CA TRP B 64 16.49 9.48 1.79
C TRP B 64 15.96 10.78 1.17
N SER B 65 14.63 10.90 1.13
CA SER B 65 13.90 12.07 0.66
C SER B 65 13.15 12.63 1.87
N VAL B 66 13.53 13.83 2.31
CA VAL B 66 12.86 14.48 3.39
C VAL B 66 11.96 15.54 2.73
N THR B 67 10.64 15.48 2.98
CA THR B 67 9.64 16.14 2.15
C THR B 67 8.78 17.16 2.93
N LYS B 68 8.94 17.22 4.26
CA LYS B 68 8.12 18.11 5.08
C LYS B 68 8.94 19.20 5.74
N TYR B 69 8.24 20.31 5.99
CA TYR B 69 8.85 21.62 6.30
C TYR B 69 9.76 21.49 7.54
N ASN B 70 9.19 21.06 8.67
CA ASN B 70 9.91 20.99 9.95
C ASN B 70 11.02 19.92 9.90
N ASP B 71 10.71 18.74 9.34
CA ASP B 71 11.71 17.71 9.06
C ASP B 71 12.88 18.34 8.29
N ILE B 72 12.59 19.16 7.27
CA ILE B 72 13.65 19.70 6.40
C ILE B 72 14.53 20.65 7.22
N MET B 73 13.90 21.43 8.10
CA MET B 73 14.58 22.37 8.92
C MET B 73 15.55 21.67 9.87
N ALA B 74 15.11 20.55 10.44
CA ALA B 74 15.90 19.81 11.41
C ALA B 74 17.18 19.22 10.78
N VAL B 75 17.11 18.84 9.49
CA VAL B 75 18.29 18.35 8.71
C VAL B 75 19.17 19.54 8.32
N ASP B 76 18.54 20.64 7.87
CA ASP B 76 19.23 21.80 7.29
C ASP B 76 20.10 22.44 8.37
N THR B 77 19.50 22.68 9.56
CA THR B 77 20.12 23.42 10.68
C THR B 77 21.19 22.55 11.38
N ASN B 78 21.07 21.23 11.24
CA ASN B 78 21.98 20.30 11.86
C ASN B 78 23.07 19.87 10.86
N HIS B 79 24.23 20.55 10.94
CA HIS B 79 25.39 20.30 10.08
C HIS B 79 26.36 19.30 10.72
N GLU B 80 26.17 19.05 12.03
CA GLU B 80 27.03 18.15 12.80
C GLU B 80 26.75 16.69 12.40
N VAL B 81 25.48 16.41 12.16
CA VAL B 81 25.03 15.11 11.77
C VAL B 81 24.90 15.06 10.26
N PHE B 82 24.34 16.12 9.64
CA PHE B 82 24.11 16.21 8.16
C PHE B 82 25.13 17.14 7.48
N SER B 83 26.11 16.50 6.79
CA SER B 83 27.30 17.14 6.18
C SER B 83 26.98 17.53 4.74
N SER B 84 27.50 18.69 4.33
CA SER B 84 27.42 19.21 2.97
C SER B 84 28.61 18.69 2.11
N GLU B 85 29.49 17.91 2.73
CA GLU B 85 30.60 17.21 2.08
C GLU B 85 30.21 15.76 1.82
N PRO B 86 30.60 15.16 0.67
CA PRO B 86 31.47 15.81 -0.31
C PRO B 86 30.76 16.65 -1.38
N THR B 87 29.43 16.59 -1.48
CA THR B 87 28.67 17.46 -2.38
C THR B 87 27.23 17.60 -1.87
N ILE B 88 26.49 18.49 -2.55
CA ILE B 88 25.17 18.95 -2.12
C ILE B 88 24.08 18.58 -3.14
N VAL B 89 24.48 17.93 -4.25
CA VAL B 89 23.55 17.29 -5.16
C VAL B 89 23.62 15.79 -4.90
N LEU B 90 22.61 15.05 -5.38
CA LEU B 90 22.57 13.61 -5.13
C LEU B 90 23.75 12.92 -5.81
N PRO B 91 24.00 13.08 -7.12
CA PRO B 91 25.09 12.35 -7.78
C PRO B 91 26.48 12.56 -7.17
N ASP B 92 27.17 11.45 -6.85
CA ASP B 92 28.48 11.53 -6.16
C ASP B 92 29.47 12.22 -7.10
N PRO B 93 30.39 13.06 -6.58
CA PRO B 93 31.27 13.87 -7.41
C PRO B 93 32.16 13.07 -8.37
N ALA B 94 32.38 13.60 -9.57
CA ALA B 94 33.41 13.09 -10.50
C ALA B 94 34.73 13.83 -10.22
N ASP B 95 35.50 14.11 -11.29
CA ASP B 95 36.58 15.07 -11.20
C ASP B 95 36.79 15.69 -12.59
N ASP B 96 35.77 16.44 -13.04
CA ASP B 96 35.79 17.24 -14.28
C ASP B 96 36.21 18.69 -13.96
N PHE B 97 36.19 19.04 -12.67
CA PHE B 97 36.22 20.43 -12.18
C PHE B 97 36.39 20.43 -10.65
N THR B 98 37.63 20.55 -10.20
CA THR B 98 37.93 20.56 -8.79
C THR B 98 38.36 21.99 -8.44
N LEU B 99 37.37 22.89 -8.38
CA LEU B 99 37.50 24.23 -7.77
C LEU B 99 36.81 24.18 -6.41
N PRO B 100 37.40 24.75 -5.34
CA PRO B 100 36.82 24.62 -4.01
C PRO B 100 35.53 25.44 -3.85
N MET B 101 34.42 24.74 -3.61
CA MET B 101 33.09 25.34 -3.47
C MET B 101 32.71 25.32 -1.98
N PHE B 102 32.63 26.46 -1.31
CA PHE B 102 32.41 26.41 0.15
C PHE B 102 31.00 25.88 0.52
N ILE B 103 30.04 25.97 -0.38
CA ILE B 103 28.73 25.35 -0.14
C ILE B 103 28.95 23.86 0.17
N ALA B 104 29.94 23.24 -0.48
CA ALA B 104 30.23 21.83 -0.30
C ALA B 104 31.28 21.65 0.82
N MET B 105 31.37 22.62 1.73
CA MET B 105 32.32 22.57 2.83
C MET B 105 31.57 22.67 4.17
N ASP B 106 32.25 22.19 5.22
CA ASP B 106 31.63 21.96 6.51
C ASP B 106 32.07 23.01 7.52
N PRO B 107 31.20 23.26 8.53
CA PRO B 107 31.39 24.21 9.62
C PRO B 107 32.70 24.97 9.68
N PRO B 108 33.81 24.49 10.31
CA PRO B 108 34.92 25.40 10.62
C PRO B 108 35.42 26.11 9.34
N LYS B 109 35.77 25.33 8.31
CA LYS B 109 36.48 25.85 7.10
C LYS B 109 35.49 26.60 6.20
N HIS B 110 34.19 26.27 6.27
CA HIS B 110 33.11 26.96 5.54
C HIS B 110 32.91 28.42 6.00
N ASP B 111 33.05 28.69 7.30
CA ASP B 111 32.76 30.03 7.81
C ASP B 111 33.87 30.98 7.35
N VAL B 112 35.12 30.47 7.25
CA VAL B 112 36.30 31.32 6.90
C VAL B 112 36.09 31.90 5.49
N GLN B 113 35.55 31.07 4.61
CA GLN B 113 35.39 31.35 3.22
C GLN B 113 34.16 32.24 2.98
N ARG B 114 33.04 31.89 3.64
CA ARG B 114 31.81 32.62 3.49
C ARG B 114 32.05 34.07 3.88
N LYS B 115 32.93 34.32 4.84
CA LYS B 115 33.16 35.65 5.35
C LYS B 115 33.80 36.50 4.25
N THR B 116 34.64 35.88 3.42
CA THR B 116 35.28 36.59 2.32
C THR B 116 34.26 37.21 1.35
N VAL B 117 33.03 36.68 1.24
CA VAL B 117 32.10 37.16 0.22
C VAL B 117 30.98 38.00 0.85
N GLN B 118 30.97 38.16 2.19
CA GLN B 118 29.84 38.85 2.84
C GLN B 118 29.92 40.35 2.58
N PRO B 119 31.11 40.94 2.36
CA PRO B 119 31.20 42.35 1.94
C PRO B 119 30.49 42.69 0.62
N ILE B 120 30.68 41.85 -0.42
CA ILE B 120 30.19 42.14 -1.78
C ILE B 120 28.66 42.10 -1.86
N VAL B 121 27.99 41.53 -0.85
CA VAL B 121 26.51 41.47 -0.77
C VAL B 121 26.01 42.23 0.47
N ALA B 122 26.89 43.03 1.07
CA ALA B 122 26.60 43.75 2.31
C ALA B 122 25.67 44.93 2.04
N PRO B 123 24.79 45.32 3.00
CA PRO B 123 23.68 46.26 2.75
C PRO B 123 24.02 47.65 2.19
N ASN B 124 25.19 48.19 2.57
CA ASN B 124 25.63 49.48 2.03
C ASN B 124 26.03 49.29 0.55
N HIS B 125 26.58 48.12 0.17
CA HIS B 125 26.99 47.88 -1.24
C HIS B 125 25.75 47.76 -2.14
N LEU B 126 24.72 47.04 -1.66
CA LEU B 126 23.43 46.90 -2.35
C LEU B 126 22.82 48.28 -2.64
N ALA B 127 22.89 49.17 -1.65
CA ALA B 127 22.35 50.52 -1.76
C ALA B 127 23.03 51.26 -2.91
N TYR B 128 24.36 51.09 -3.06
CA TYR B 128 25.10 51.67 -4.18
C TYR B 128 24.53 51.09 -5.49
N LEU B 129 24.37 49.76 -5.55
CA LEU B 129 24.04 49.00 -6.78
C LEU B 129 22.61 49.30 -7.26
N GLU B 130 21.68 49.62 -6.36
CA GLU B 130 20.26 49.68 -6.70
C GLU B 130 20.02 50.65 -7.86
N PRO B 131 20.40 51.95 -7.79
CA PRO B 131 20.14 52.86 -8.91
C PRO B 131 20.76 52.34 -10.20
N ILE B 132 21.89 51.64 -10.10
CA ILE B 132 22.61 51.16 -11.29
C ILE B 132 21.85 49.96 -11.90
N ILE B 133 21.41 49.02 -11.06
CA ILE B 133 20.67 47.88 -11.54
C ILE B 133 19.41 48.42 -12.23
N ARG B 134 18.81 49.46 -11.65
CA ARG B 134 17.55 50.05 -12.11
C ARG B 134 17.67 50.67 -13.52
N GLU B 135 18.65 51.56 -13.69
CA GLU B 135 18.93 52.21 -14.95
C GLU B 135 19.10 51.12 -16.01
N ARG B 136 19.91 50.10 -15.69
CA ARG B 136 20.38 49.11 -16.65
C ARG B 136 19.23 48.18 -17.01
N ALA B 137 18.43 47.80 -16.00
CA ALA B 137 17.22 47.02 -16.24
C ALA B 137 16.26 47.82 -17.14
N GLY B 138 16.23 49.13 -16.96
CA GLY B 138 15.33 50.01 -17.72
C GLY B 138 15.61 49.93 -19.21
N LYS B 139 16.89 49.77 -19.55
CA LYS B 139 17.39 49.86 -20.92
C LYS B 139 17.13 48.53 -21.64
N ILE B 140 17.45 47.42 -20.96
CA ILE B 140 17.18 46.08 -21.48
C ILE B 140 15.70 45.99 -21.88
N LEU B 141 14.81 46.49 -21.01
CA LEU B 141 13.37 46.44 -21.20
C LEU B 141 12.96 47.41 -22.30
N ASP B 142 13.62 48.57 -22.34
CA ASP B 142 13.34 49.56 -23.38
C ASP B 142 13.65 49.00 -24.78
N ASP B 143 14.46 47.94 -24.89
CA ASP B 143 14.92 47.37 -26.19
C ASP B 143 14.12 46.12 -26.58
N LEU B 144 13.07 45.75 -25.84
CA LEU B 144 12.32 44.51 -26.12
C LEU B 144 11.28 44.78 -27.20
N PRO B 145 11.05 43.86 -28.14
CA PRO B 145 10.06 44.08 -29.20
C PRO B 145 8.60 44.00 -28.70
N ILE B 146 7.71 44.78 -29.33
CA ILE B 146 6.30 44.86 -28.95
C ILE B 146 5.50 44.14 -30.03
N GLY B 147 4.40 43.51 -29.64
CA GLY B 147 3.52 42.80 -30.58
C GLY B 147 4.21 41.67 -31.34
N GLU B 148 5.24 41.07 -30.72
CA GLU B 148 6.05 40.00 -31.27
C GLU B 148 6.37 38.99 -30.17
N GLU B 149 6.18 37.70 -30.49
CA GLU B 149 6.51 36.60 -29.64
C GLU B 149 8.03 36.56 -29.45
N ILE B 150 8.42 36.34 -28.19
CA ILE B 150 9.80 36.16 -27.80
C ILE B 150 9.86 35.00 -26.80
N ASN B 151 11.05 34.38 -26.71
CA ASN B 151 11.41 33.55 -25.61
C ASN B 151 11.90 34.47 -24.49
N TRP B 152 11.02 34.63 -23.50
CA TRP B 152 11.21 35.45 -22.32
C TRP B 152 12.47 35.01 -21.58
N VAL B 153 12.77 33.70 -21.60
CA VAL B 153 13.93 33.17 -20.88
C VAL B 153 15.23 33.75 -21.48
N ASP B 154 15.41 33.67 -22.80
CA ASP B 154 16.61 34.17 -23.46
C ASP B 154 16.64 35.70 -23.41
N LYS B 155 15.52 36.32 -23.81
CA LYS B 155 15.46 37.76 -24.13
C LYS B 155 15.34 38.66 -22.89
N VAL B 156 14.88 38.15 -21.75
CA VAL B 156 14.54 38.99 -20.59
C VAL B 156 15.24 38.49 -19.34
N SER B 157 14.93 37.26 -18.95
CA SER B 157 15.42 36.67 -17.75
C SER B 157 16.95 36.60 -17.79
N ILE B 158 17.51 36.05 -18.88
CA ILE B 158 19.00 35.87 -18.99
C ILE B 158 19.67 37.24 -19.13
N GLU B 159 19.06 38.13 -19.92
CA GLU B 159 19.59 39.47 -20.13
C GLU B 159 19.67 40.22 -18.80
N LEU B 160 18.61 40.10 -17.99
CA LEU B 160 18.51 40.90 -16.76
C LEU B 160 19.43 40.32 -15.68
N THR B 161 19.51 38.98 -15.64
CA THR B 161 20.35 38.21 -14.72
C THR B 161 21.86 38.35 -15.02
N THR B 162 22.23 38.41 -16.31
CA THR B 162 23.60 38.68 -16.74
C THR B 162 24.00 40.09 -16.29
N MET B 163 23.08 41.03 -16.45
CA MET B 163 23.30 42.43 -16.08
C MET B 163 23.52 42.57 -14.56
N THR B 164 22.84 41.78 -13.73
CA THR B 164 22.96 41.91 -12.26
C THR B 164 24.28 41.30 -11.75
N LEU B 165 24.78 40.27 -12.45
CA LEU B 165 26.06 39.66 -12.10
C LEU B 165 27.21 40.56 -12.55
N ALA B 166 27.15 41.04 -13.79
CA ALA B 166 28.05 42.06 -14.28
C ALA B 166 28.16 43.19 -13.26
N THR B 167 26.99 43.72 -12.87
CA THR B 167 26.92 44.95 -12.05
C THR B 167 27.47 44.66 -10.64
N LEU B 168 27.27 43.43 -10.15
CA LEU B 168 27.66 43.09 -8.80
C LEU B 168 29.18 43.14 -8.69
N PHE B 169 29.90 42.76 -9.76
CA PHE B 169 31.35 42.59 -9.77
C PHE B 169 32.06 43.75 -10.50
N ASP B 170 31.28 44.63 -11.13
CA ASP B 170 31.83 45.63 -12.02
C ASP B 170 32.69 44.92 -13.07
N PHE B 171 32.12 43.87 -13.69
CA PHE B 171 32.64 43.36 -14.94
C PHE B 171 32.27 44.31 -16.09
N PRO B 172 33.20 44.51 -17.07
CA PRO B 172 33.02 45.40 -18.23
C PRO B 172 31.60 45.90 -18.57
N TRP B 173 30.84 45.14 -19.39
CA TRP B 173 29.52 45.51 -20.01
C TRP B 173 29.79 45.84 -21.49
N GLU B 204 43.36 51.06 -14.13
CA GLU B 204 43.66 49.65 -13.89
C GLU B 204 42.78 48.77 -14.82
N ASN B 205 42.75 49.10 -16.12
CA ASN B 205 41.85 48.43 -17.10
C ASN B 205 42.52 47.21 -17.75
N LEU B 206 43.79 46.95 -17.38
CA LEU B 206 44.53 45.73 -17.80
C LEU B 206 44.29 44.58 -16.79
N ARG B 207 44.19 44.93 -15.50
CA ARG B 207 43.76 44.02 -14.45
C ARG B 207 42.23 43.82 -14.60
N ARG B 208 41.42 44.89 -14.50
CA ARG B 208 39.93 44.77 -14.56
C ARG B 208 39.60 43.76 -15.68
N GLN B 209 40.20 43.95 -16.84
CA GLN B 209 39.84 43.20 -18.01
C GLN B 209 40.31 41.75 -17.90
N THR B 210 41.46 41.55 -17.25
CA THR B 210 42.10 40.22 -17.15
C THR B 210 41.34 39.32 -16.14
N LEU B 211 40.80 39.91 -15.07
CA LEU B 211 40.02 39.18 -14.06
C LEU B 211 38.76 38.61 -14.73
N PHE B 212 38.08 39.41 -15.58
CA PHE B 212 36.84 38.96 -16.26
C PHE B 212 37.11 37.75 -17.16
N GLU B 213 38.23 37.78 -17.87
CA GLU B 213 38.65 36.68 -18.72
C GLU B 213 38.95 35.45 -17.87
N CYS B 214 39.68 35.65 -16.76
CA CYS B 214 39.95 34.57 -15.78
C CYS B 214 38.63 33.89 -15.41
N VAL B 215 37.65 34.70 -14.96
CA VAL B 215 36.33 34.25 -14.51
C VAL B 215 35.69 33.46 -15.66
N ASP B 216 35.43 34.15 -16.77
CA ASP B 216 34.75 33.58 -17.91
C ASP B 216 35.28 32.15 -18.16
N TYR B 217 36.61 31.98 -18.20
CA TYR B 217 37.27 30.67 -18.50
C TYR B 217 36.79 29.55 -17.57
N PHE B 218 36.82 29.80 -16.25
CA PHE B 218 36.46 28.78 -15.26
C PHE B 218 34.95 28.56 -15.26
N MET B 219 34.21 29.62 -15.57
CA MET B 219 32.75 29.53 -15.73
C MET B 219 32.42 28.68 -16.95
N ARG B 220 33.29 28.67 -17.96
CA ARG B 220 33.10 27.84 -19.18
C ARG B 220 33.33 26.36 -18.83
N LEU B 221 34.37 26.13 -18.02
CA LEU B 221 34.80 24.80 -17.55
C LEU B 221 33.75 24.22 -16.59
N TRP B 222 33.10 25.08 -15.81
CA TRP B 222 32.06 24.67 -14.87
C TRP B 222 31.01 23.87 -15.61
N ASN B 223 30.47 24.43 -16.70
CA ASN B 223 29.47 23.77 -17.57
C ASN B 223 30.06 22.48 -18.18
N GLU B 224 31.08 22.63 -19.03
CA GLU B 224 31.68 21.52 -19.77
C GLU B 224 31.59 20.22 -18.94
N MET B 250 43.52 28.08 -4.87
CA MET B 250 42.40 28.46 -5.76
C MET B 250 41.16 28.82 -4.93
N GLU B 251 41.39 29.33 -3.72
CA GLU B 251 40.37 29.42 -2.65
C GLU B 251 39.35 30.52 -2.95
N TYR B 252 39.84 31.73 -3.24
CA TYR B 252 38.99 32.90 -3.45
C TYR B 252 38.28 32.79 -4.80
N LEU B 253 38.92 32.13 -5.78
CA LEU B 253 38.38 32.04 -7.14
C LEU B 253 37.11 31.20 -7.13
N GLY B 254 37.15 30.07 -6.42
CA GLY B 254 35.99 29.20 -6.25
C GLY B 254 34.85 29.91 -5.54
N ASN B 255 35.19 30.85 -4.65
CA ASN B 255 34.23 31.59 -3.83
C ASN B 255 33.52 32.62 -4.72
N LEU B 256 34.25 33.16 -5.69
CA LEU B 256 33.67 34.12 -6.65
C LEU B 256 32.76 33.37 -7.64
N ILE B 257 33.25 32.24 -8.15
CA ILE B 257 32.50 31.35 -9.07
C ILE B 257 31.20 30.86 -8.39
N LEU B 258 31.27 30.51 -7.10
CA LEU B 258 30.09 30.04 -6.35
C LEU B 258 29.03 31.16 -6.31
N LEU B 259 29.45 32.40 -6.10
CA LEU B 259 28.49 33.52 -6.13
C LEU B 259 27.78 33.60 -7.48
N ILE B 260 28.57 33.53 -8.57
CA ILE B 260 28.05 33.65 -9.90
C ILE B 260 27.09 32.50 -10.17
N VAL B 261 27.59 31.27 -10.00
CA VAL B 261 26.82 30.04 -10.18
C VAL B 261 25.53 30.10 -9.36
N GLY B 262 25.63 30.50 -8.09
CA GLY B 262 24.57 30.42 -7.06
C GLY B 262 23.49 31.48 -7.24
N GLY B 263 23.80 32.57 -7.96
CA GLY B 263 22.89 33.71 -8.14
C GLY B 263 22.58 34.01 -9.59
N ASN B 264 22.75 32.99 -10.45
CA ASN B 264 22.55 33.09 -11.89
C ASN B 264 21.22 32.41 -12.25
N ASP B 265 21.19 31.07 -12.24
CA ASP B 265 19.99 30.33 -12.71
C ASP B 265 18.82 30.44 -11.73
N THR B 266 19.14 30.83 -10.49
CA THR B 266 18.14 31.07 -9.47
C THR B 266 17.38 32.36 -9.83
N THR B 267 18.11 33.47 -10.00
CA THR B 267 17.48 34.74 -10.34
C THR B 267 16.75 34.62 -11.70
N ARG B 268 17.40 33.92 -12.64
CA ARG B 268 16.86 33.71 -14.01
C ARG B 268 15.45 33.14 -13.92
N ASN B 269 15.32 32.05 -13.16
CA ASN B 269 14.14 31.19 -13.10
C ASN B 269 13.01 31.84 -12.29
N THR B 270 13.36 32.77 -11.39
CA THR B 270 12.42 33.49 -10.56
C THR B 270 11.75 34.64 -11.33
N ILE B 271 12.52 35.27 -12.24
CA ILE B 271 11.98 36.27 -13.17
C ILE B 271 11.02 35.57 -14.12
N SER B 272 11.43 34.38 -14.62
CA SER B 272 10.64 33.52 -15.54
C SER B 272 9.41 32.95 -14.80
N GLY B 273 9.59 32.53 -13.55
CA GLY B 273 8.51 31.97 -12.74
C GLY B 273 7.38 32.95 -12.47
N SER B 274 7.73 34.20 -12.14
CA SER B 274 6.75 35.27 -11.86
C SER B 274 5.80 35.50 -13.06
N VAL B 275 6.37 35.57 -14.27
CA VAL B 275 5.60 35.80 -15.49
C VAL B 275 4.57 34.68 -15.64
N LEU B 276 5.01 33.44 -15.38
CA LEU B 276 4.17 32.31 -15.57
C LEU B 276 3.06 32.30 -14.51
N ALA B 277 3.46 32.45 -13.24
CA ALA B 277 2.56 32.56 -12.04
C ALA B 277 1.44 33.59 -12.28
N LEU B 278 1.80 34.74 -12.83
CA LEU B 278 0.88 35.81 -13.05
C LEU B 278 -0.05 35.41 -14.19
N HIS B 279 0.47 34.71 -15.19
CA HIS B 279 -0.35 34.28 -16.34
C HIS B 279 -1.44 33.34 -15.86
N GLN B 280 -1.04 32.43 -14.98
CA GLN B 280 -1.84 31.36 -14.43
C GLN B 280 -2.88 31.87 -13.41
N ASN B 281 -2.62 33.05 -12.81
CA ASN B 281 -3.40 33.58 -11.67
C ASN B 281 -3.75 35.05 -11.92
N PRO B 282 -4.55 35.37 -12.98
CA PRO B 282 -4.86 36.75 -13.33
C PRO B 282 -5.48 37.58 -12.19
N ASP B 283 -6.14 36.91 -11.25
CA ASP B 283 -6.63 37.57 -10.03
C ASP B 283 -5.44 38.29 -9.36
N GLN B 284 -4.33 37.57 -9.15
CA GLN B 284 -3.18 38.09 -8.43
C GLN B 284 -2.46 39.18 -9.26
N ASP B 285 -2.46 39.02 -10.58
CA ASP B 285 -1.81 39.96 -11.48
C ASP B 285 -2.52 41.32 -11.37
N ARG B 286 -3.87 41.29 -11.37
CA ARG B 286 -4.71 42.47 -11.19
C ARG B 286 -4.31 43.17 -9.87
N LYS B 287 -4.30 42.38 -8.79
CA LYS B 287 -4.08 42.86 -7.41
C LYS B 287 -2.72 43.54 -7.28
N LEU B 288 -1.75 43.10 -8.09
CA LEU B 288 -0.36 43.56 -8.05
C LEU B 288 -0.21 44.91 -8.78
N ARG B 289 -0.84 44.98 -9.95
CA ARG B 289 -0.71 46.14 -10.79
C ARG B 289 -1.55 47.29 -10.20
N GLU B 290 -2.62 46.94 -9.45
CA GLU B 290 -3.47 47.89 -8.70
C GLU B 290 -2.66 48.54 -7.56
N ASN B 291 -1.86 47.72 -6.89
CA ASN B 291 -1.11 48.16 -5.76
C ASN B 291 0.32 47.63 -5.93
N PRO B 292 1.23 48.42 -6.55
CA PRO B 292 2.64 48.01 -6.70
C PRO B 292 3.43 47.89 -5.38
N GLY B 293 2.85 48.36 -4.26
CA GLY B 293 3.38 48.10 -2.93
C GLY B 293 3.52 46.61 -2.64
N LEU B 294 2.85 45.75 -3.42
CA LEU B 294 2.85 44.33 -3.17
C LEU B 294 4.03 43.60 -3.80
N ILE B 295 4.89 44.26 -4.59
CA ILE B 295 5.96 43.55 -5.35
C ILE B 295 6.85 42.72 -4.41
N PRO B 296 7.44 43.26 -3.33
CA PRO B 296 8.27 42.43 -2.46
C PRO B 296 7.54 41.18 -1.92
N ALA B 297 6.21 41.28 -1.77
CA ALA B 297 5.36 40.14 -1.34
C ALA B 297 5.30 39.10 -2.46
N MET B 298 5.03 39.58 -3.68
CA MET B 298 4.96 38.78 -4.86
C MET B 298 6.31 38.11 -5.12
N VAL B 299 7.43 38.83 -4.99
CA VAL B 299 8.75 38.19 -5.22
C VAL B 299 8.97 37.06 -4.20
N SER B 300 8.62 37.31 -2.92
CA SER B 300 8.65 36.31 -1.85
C SER B 300 7.76 35.11 -2.20
N GLU B 301 6.56 35.37 -2.70
CA GLU B 301 5.64 34.29 -3.00
C GLU B 301 6.10 33.53 -4.24
N THR B 302 6.70 34.19 -5.24
CA THR B 302 7.26 33.47 -6.37
C THR B 302 8.42 32.60 -5.88
N ILE B 303 9.24 33.16 -4.98
CA ILE B 303 10.45 32.44 -4.58
C ILE B 303 10.05 31.12 -3.89
N ARG B 304 8.90 31.10 -3.22
CA ARG B 304 8.35 29.92 -2.59
C ARG B 304 7.72 28.99 -3.64
N TRP B 305 6.84 29.55 -4.48
CA TRP B 305 5.92 28.81 -5.39
C TRP B 305 6.73 28.02 -6.42
N GLN B 306 7.47 28.74 -7.25
CA GLN B 306 8.70 28.24 -7.89
C GLN B 306 9.66 27.93 -6.73
N THR B 307 10.46 26.87 -6.83
CA THR B 307 11.48 26.68 -5.82
C THR B 307 12.77 26.44 -6.61
N PRO B 308 13.40 27.54 -7.07
CA PRO B 308 14.38 27.46 -8.16
C PRO B 308 15.35 26.31 -7.98
N LEU B 309 15.94 26.21 -6.78
CA LEU B 309 16.72 25.08 -6.35
C LEU B 309 15.80 24.21 -5.52
N ALA B 310 15.52 23.03 -6.05
CA ALA B 310 14.42 22.16 -5.62
C ALA B 310 14.81 21.39 -4.34
N TYR B 311 16.02 20.85 -4.29
CA TYR B 311 16.53 20.23 -3.05
C TYR B 311 17.96 20.71 -2.80
N MET B 312 18.45 20.33 -1.62
CA MET B 312 19.88 20.30 -1.33
C MET B 312 20.18 19.01 -0.56
N ARG B 313 21.25 18.30 -0.95
CA ARG B 313 21.59 17.03 -0.29
C ARG B 313 22.60 17.24 0.84
N ARG B 314 22.57 16.29 1.77
CA ARG B 314 23.46 16.21 2.86
C ARG B 314 23.90 14.74 2.99
N ARG B 315 24.85 14.46 3.90
CA ARG B 315 25.35 13.08 4.13
C ARG B 315 25.46 12.87 5.64
N ALA B 316 24.88 11.77 6.14
CA ALA B 316 24.82 11.50 7.57
C ALA B 316 26.20 11.06 8.07
N LYS B 317 26.62 11.60 9.22
CA LYS B 317 27.90 11.32 9.81
C LYS B 317 27.75 10.24 10.89
N ARG B 318 26.58 10.16 11.55
CA ARG B 318 26.20 9.09 12.49
C ARG B 318 24.78 8.65 12.16
N ASP B 319 24.34 7.50 12.71
CA ASP B 319 22.90 7.06 12.72
C ASP B 319 22.02 8.14 13.37
N PHE B 320 20.81 8.39 12.83
CA PHE B 320 19.95 9.50 13.28
C PHE B 320 18.47 9.19 13.01
N GLU B 321 17.61 9.60 13.94
CA GLU B 321 16.17 9.30 13.95
C GLU B 321 15.40 10.54 13.47
N LEU B 322 14.63 10.37 12.41
CA LEU B 322 13.87 11.46 11.83
C LEU B 322 12.63 10.84 11.18
N GLY B 323 11.48 11.48 11.42
CA GLY B 323 10.13 11.01 11.04
C GLY B 323 9.93 9.57 11.49
N GLY B 324 10.49 9.25 12.66
CA GLY B 324 10.62 7.87 13.15
C GLY B 324 11.16 6.96 12.06
N LYS B 325 12.37 7.24 11.60
CA LYS B 325 13.12 6.35 10.74
C LYS B 325 14.62 6.53 11.00
N THR B 326 15.37 5.43 10.96
CA THR B 326 16.78 5.42 11.31
C THR B 326 17.62 5.71 10.04
N ILE B 327 17.96 6.98 9.84
CA ILE B 327 18.96 7.40 8.85
C ILE B 327 20.34 6.94 9.32
N ARG B 328 20.96 6.04 8.55
CA ARG B 328 22.20 5.38 8.91
C ARG B 328 23.40 6.18 8.38
N GLU B 329 24.58 5.88 8.94
CA GLU B 329 25.80 6.61 8.64
C GLU B 329 26.20 6.45 7.16
N GLY B 330 26.56 7.57 6.52
CA GLY B 330 27.04 7.58 5.13
C GLY B 330 25.92 7.67 4.09
N ASP B 331 24.65 7.60 4.52
CA ASP B 331 23.48 7.66 3.65
C ASP B 331 23.32 9.07 3.09
N LYS B 332 22.69 9.14 1.92
CA LYS B 332 22.37 10.42 1.27
C LYS B 332 21.01 10.89 1.78
N VAL B 333 20.87 12.20 2.01
CA VAL B 333 19.63 12.79 2.51
C VAL B 333 19.35 14.03 1.67
N ALA B 334 18.30 13.97 0.84
CA ALA B 334 17.82 15.13 0.07
C ALA B 334 16.80 15.89 0.91
N MET B 335 17.01 17.20 1.07
CA MET B 335 16.00 18.10 1.62
C MET B 335 15.22 18.72 0.45
N TRP B 336 14.00 18.23 0.26
CA TRP B 336 13.16 18.59 -0.89
C TRP B 336 12.38 19.85 -0.57
N TYR B 337 13.09 20.97 -0.70
CA TYR B 337 12.54 22.28 -0.47
C TYR B 337 11.28 22.42 -1.31
N VAL B 338 11.29 21.83 -2.52
CA VAL B 338 10.14 21.94 -3.41
C VAL B 338 8.92 21.35 -2.74
N SER B 339 9.09 20.22 -2.03
CA SER B 339 7.96 19.56 -1.37
C SER B 339 7.57 20.28 -0.07
N GLY B 340 8.57 20.73 0.71
CA GLY B 340 8.39 21.36 2.02
C GLY B 340 7.63 22.67 1.94
N ASN B 341 7.85 23.43 0.87
CA ASN B 341 7.19 24.72 0.64
C ASN B 341 5.69 24.53 0.41
N ARG B 342 5.23 23.27 0.31
CA ARG B 342 3.83 22.97 0.08
C ARG B 342 3.24 22.10 1.19
N ASP B 343 3.88 22.10 2.36
CA ASP B 343 3.47 21.32 3.51
C ASP B 343 2.27 22.02 4.15
N GLU B 344 1.07 21.40 4.09
CA GLU B 344 -0.19 21.97 4.61
C GLU B 344 -0.08 22.22 6.13
N GLU B 345 0.72 21.42 6.83
CA GLU B 345 0.89 21.56 8.27
C GLU B 345 1.63 22.83 8.66
N VAL B 346 2.34 23.48 7.73
CA VAL B 346 3.05 24.70 8.06
C VAL B 346 2.51 25.91 7.25
N ILE B 347 1.98 25.68 6.06
CA ILE B 347 1.62 26.75 5.14
C ILE B 347 0.14 26.61 4.71
N ASP B 348 -0.65 27.66 4.99
CA ASP B 348 -2.05 27.70 4.54
C ASP B 348 -2.14 27.76 3.01
N ARG B 349 -3.01 26.92 2.42
CA ARG B 349 -3.31 26.95 0.98
C ARG B 349 -2.04 26.80 0.17
N PRO B 350 -1.16 25.84 0.54
CA PRO B 350 0.20 25.75 -0.02
C PRO B 350 0.35 25.66 -1.55
N ASN B 351 -0.71 25.25 -2.27
CA ASN B 351 -0.66 25.11 -3.72
C ASN B 351 -1.36 26.28 -4.42
N ASP B 352 -1.54 27.41 -3.72
CA ASP B 352 -2.10 28.69 -4.25
C ASP B 352 -1.01 29.75 -4.40
N TYR B 353 -0.92 30.39 -5.55
CA TYR B 353 -0.09 31.56 -5.70
C TYR B 353 -0.83 32.73 -5.05
N TRP B 354 -0.36 33.13 -3.89
CA TRP B 354 -1.13 34.01 -3.07
C TRP B 354 -0.21 35.09 -2.49
N ILE B 355 -0.20 36.26 -3.14
CA ILE B 355 0.75 37.31 -2.86
C ILE B 355 0.49 37.85 -1.46
N GLU B 356 -0.80 37.95 -1.12
CA GLU B 356 -1.27 38.55 0.12
C GLU B 356 -1.45 37.49 1.21
N ARG B 357 -0.87 36.30 1.02
CA ARG B 357 -0.98 35.27 2.05
C ARG B 357 -0.26 35.81 3.28
N PRO B 358 -0.71 35.47 4.51
CA PRO B 358 0.05 35.82 5.71
C PRO B 358 1.37 35.03 5.73
N ARG B 359 2.41 35.66 6.31
CA ARG B 359 3.77 35.10 6.50
C ARG B 359 4.40 34.73 5.15
N VAL B 360 4.41 35.67 4.20
CA VAL B 360 4.79 35.38 2.80
C VAL B 360 6.28 35.05 2.73
N ARG B 361 7.03 35.44 3.77
CA ARG B 361 8.51 35.30 3.89
C ARG B 361 8.90 33.90 4.42
N GLN B 362 8.00 33.22 5.14
CA GLN B 362 8.25 31.89 5.78
C GLN B 362 8.27 30.77 4.72
N HIS B 363 9.46 30.49 4.18
CA HIS B 363 9.63 29.47 3.16
C HIS B 363 11.05 28.93 3.22
N LEU B 364 11.30 27.84 2.47
CA LEU B 364 12.53 27.07 2.60
C LEU B 364 13.50 27.40 1.46
N SER B 365 13.04 28.19 0.48
CA SER B 365 13.72 28.28 -0.79
C SER B 365 15.18 28.74 -0.65
N PHE B 366 15.51 29.44 0.46
CA PHE B 366 16.88 29.98 0.68
C PHE B 366 17.65 29.11 1.69
N GLY B 367 17.09 27.99 2.11
CA GLY B 367 17.69 27.14 3.11
C GLY B 367 17.47 27.69 4.50
N PHE B 368 18.04 26.98 5.48
CA PHE B 368 18.12 27.40 6.86
C PHE B 368 19.39 26.80 7.46
N GLY B 369 19.98 27.52 8.39
CA GLY B 369 21.22 27.10 8.96
C GLY B 369 22.39 27.93 8.45
N VAL B 370 23.58 27.35 8.57
CA VAL B 370 24.81 28.07 8.34
C VAL B 370 25.00 28.35 6.85
N HIS B 371 24.33 27.56 5.98
CA HIS B 371 24.44 27.61 4.51
C HIS B 371 23.26 28.36 3.84
N ARG B 372 22.47 29.12 4.60
CA ARG B 372 21.31 29.88 4.08
C ARG B 372 21.79 30.85 2.98
N CYS B 373 21.03 30.99 1.88
CA CYS B 373 21.48 31.81 0.73
C CYS B 373 22.11 33.12 1.25
N VAL B 374 23.41 33.27 0.99
CA VAL B 374 24.13 34.41 1.38
C VAL B 374 23.70 35.57 0.50
N GLY B 375 23.15 35.23 -0.67
CA GLY B 375 22.76 36.22 -1.68
C GLY B 375 21.29 36.59 -1.63
N ASN B 376 20.59 36.23 -0.56
CA ASN B 376 19.10 36.23 -0.54
C ASN B 376 18.51 37.64 -0.59
N ARG B 377 19.21 38.65 -0.06
CA ARG B 377 18.66 40.03 -0.03
C ARG B 377 19.04 40.81 -1.30
N LEU B 378 20.15 40.40 -1.93
CA LEU B 378 20.48 40.88 -3.23
C LEU B 378 19.42 40.37 -4.20
N ALA B 379 19.07 39.11 -4.06
CA ALA B 379 18.10 38.49 -4.93
C ALA B 379 16.79 39.27 -4.83
N GLU B 380 16.34 39.47 -3.59
CA GLU B 380 15.05 40.05 -3.32
C GLU B 380 15.00 41.51 -3.77
N LEU B 381 16.17 42.17 -3.80
CA LEU B 381 16.30 43.56 -4.21
C LEU B 381 16.35 43.63 -5.73
N GLN B 382 17.23 42.82 -6.34
CA GLN B 382 17.26 42.68 -7.79
C GLN B 382 15.82 42.53 -8.29
N LEU B 383 15.13 41.48 -7.83
CA LEU B 383 13.81 41.12 -8.39
C LEU B 383 12.79 42.23 -8.15
N LYS B 384 12.85 42.86 -6.98
CA LYS B 384 12.05 44.02 -6.68
C LYS B 384 12.17 45.09 -7.77
N ILE B 385 13.40 45.57 -8.05
CA ILE B 385 13.71 46.60 -9.05
C ILE B 385 13.23 46.14 -10.44
N ILE B 386 13.64 44.93 -10.85
CA ILE B 386 13.24 44.37 -12.15
C ILE B 386 11.73 44.60 -12.34
N TRP B 387 10.94 44.29 -11.30
CA TRP B 387 9.51 44.21 -11.45
C TRP B 387 8.85 45.60 -11.39
N GLU B 388 9.39 46.51 -10.57
CA GLU B 388 9.04 47.94 -10.59
C GLU B 388 9.18 48.49 -12.03
N GLU B 389 10.30 48.15 -12.69
CA GLU B 389 10.61 48.66 -14.03
C GLU B 389 9.83 47.90 -15.14
N ILE B 390 9.45 46.65 -14.89
CA ILE B 390 8.50 45.92 -15.77
C ILE B 390 7.08 46.51 -15.69
N LEU B 391 6.56 46.71 -14.48
CA LEU B 391 5.18 47.15 -14.32
C LEU B 391 5.00 48.58 -14.80
N ALA B 392 6.03 49.41 -14.66
CA ALA B 392 6.00 50.77 -15.16
C ALA B 392 5.89 50.75 -16.68
N ARG B 393 6.37 49.69 -17.35
CA ARG B 393 6.44 49.68 -18.81
C ARG B 393 5.33 48.87 -19.47
N PHE B 394 5.00 47.67 -18.95
CA PHE B 394 4.18 46.70 -19.72
C PHE B 394 2.91 46.33 -18.97
N PRO B 395 1.69 46.71 -19.44
CA PRO B 395 0.45 46.37 -18.74
C PRO B 395 0.07 44.90 -18.91
N ARG B 396 0.60 44.26 -19.96
CA ARG B 396 0.36 42.87 -20.20
C ARG B 396 1.68 42.19 -20.58
N LEU B 397 1.93 41.02 -20.02
CA LEU B 397 2.98 40.13 -20.41
C LEU B 397 2.32 38.80 -20.75
N GLU B 398 1.65 38.73 -21.91
CA GLU B 398 0.82 37.55 -22.18
C GLU B 398 1.73 36.37 -22.56
N VAL B 399 1.58 35.29 -21.79
CA VAL B 399 2.18 33.97 -22.08
C VAL B 399 1.33 33.28 -23.15
N VAL B 400 1.93 32.95 -24.30
CA VAL B 400 1.15 32.57 -25.50
C VAL B 400 1.39 31.11 -25.88
N GLY B 401 2.10 30.36 -25.04
CA GLY B 401 2.32 28.95 -25.30
C GLY B 401 2.99 28.29 -24.10
N PRO B 402 2.99 26.95 -24.01
CA PRO B 402 3.41 26.27 -22.78
C PRO B 402 4.91 26.37 -22.64
N PRO B 403 5.45 26.42 -21.40
CA PRO B 403 6.88 26.55 -21.21
C PRO B 403 7.57 25.22 -21.48
N ARG B 404 8.88 25.28 -21.66
CA ARG B 404 9.72 24.12 -21.69
C ARG B 404 10.65 24.16 -20.46
N ARG B 405 10.51 23.17 -19.59
CA ARG B 405 11.22 23.11 -18.31
C ARG B 405 12.51 22.28 -18.44
N VAL B 406 13.48 22.68 -17.61
CA VAL B 406 14.80 22.15 -17.56
C VAL B 406 14.68 20.67 -17.15
N TYR B 407 15.47 19.81 -17.79
CA TYR B 407 15.51 18.40 -17.49
C TYR B 407 16.41 18.15 -16.28
N SER B 408 15.89 18.43 -15.10
CA SER B 408 16.63 18.33 -13.89
C SER B 408 15.64 18.31 -12.71
N SER B 409 16.06 17.63 -11.64
CA SER B 409 15.38 17.59 -10.36
C SER B 409 16.10 18.52 -9.35
N PHE B 410 17.21 19.15 -9.75
CA PHE B 410 17.95 20.08 -8.89
C PHE B 410 17.58 21.52 -9.28
N VAL B 411 17.77 21.82 -10.57
CA VAL B 411 17.44 23.11 -11.12
C VAL B 411 16.01 23.06 -11.65
N LYS B 412 15.10 23.68 -10.90
CA LYS B 412 13.71 23.72 -11.25
C LYS B 412 13.45 25.04 -11.98
N GLY B 413 13.75 25.04 -13.29
CA GLY B 413 13.65 26.23 -14.10
C GLY B 413 13.06 25.97 -15.47
N TYR B 414 13.28 26.96 -16.35
CA TYR B 414 12.66 27.13 -17.67
C TYR B 414 13.74 27.42 -18.73
N GLU B 415 13.60 26.78 -19.89
CA GLU B 415 14.46 26.99 -21.05
C GLU B 415 13.71 27.85 -22.07
N GLU B 416 12.40 27.64 -22.19
CA GLU B 416 11.51 28.42 -23.03
C GLU B 416 10.27 28.89 -22.26
N LEU B 417 9.84 30.10 -22.62
CA LEU B 417 8.62 30.64 -22.17
C LEU B 417 8.13 31.65 -23.21
N PRO B 418 7.22 31.25 -24.11
CA PRO B 418 6.73 32.14 -25.17
C PRO B 418 5.87 33.29 -24.61
N VAL B 419 6.30 34.52 -24.85
CA VAL B 419 5.59 35.70 -24.36
C VAL B 419 5.41 36.69 -25.52
N VAL B 420 4.26 37.36 -25.52
CA VAL B 420 4.02 38.59 -26.32
C VAL B 420 3.87 39.76 -25.35
N ILE B 421 4.45 40.91 -25.72
CA ILE B 421 4.21 42.16 -25.01
C ILE B 421 3.40 43.08 -25.93
N PRO B 422 2.05 43.13 -25.75
CA PRO B 422 1.16 43.82 -26.68
C PRO B 422 1.42 45.32 -26.87
N THR B 423 1.81 46.00 -25.79
CA THR B 423 1.92 47.46 -25.75
C THR B 423 2.97 47.87 -24.70
N ARG B 424 3.40 49.13 -24.81
CA ARG B 424 4.28 49.80 -23.85
C ARG B 424 3.70 51.10 -23.24
N ASN B 425 3.91 51.23 -21.92
CA ASN B 425 3.55 52.38 -21.07
C ASN B 425 2.14 52.16 -20.52
N ASP C 7 -11.36 34.69 -8.23
CA ASP C 7 -12.83 34.81 -8.39
C ASP C 7 -13.45 34.79 -6.97
N LEU C 8 -14.50 33.98 -6.76
CA LEU C 8 -15.24 33.94 -5.48
C LEU C 8 -14.45 33.15 -4.44
N GLN C 9 -13.84 32.03 -4.85
CA GLN C 9 -13.20 31.12 -3.91
C GLN C 9 -11.99 31.80 -3.26
N ARG C 10 -11.30 32.67 -4.02
CA ARG C 10 -10.14 33.45 -3.56
C ARG C 10 -10.61 34.48 -2.51
N ALA C 11 -11.65 35.25 -2.88
CA ALA C 11 -12.11 36.33 -2.03
C ALA C 11 -12.54 35.79 -0.66
N ALA C 12 -13.16 34.61 -0.63
CA ALA C 12 -13.62 33.93 0.59
C ALA C 12 -12.43 33.41 1.40
N ARG C 13 -11.40 32.92 0.71
CA ARG C 13 -10.13 32.52 1.34
C ARG C 13 -9.60 33.70 2.15
N ASP C 14 -9.56 34.89 1.51
CA ASP C 14 -8.94 36.08 2.09
C ASP C 14 -9.73 36.53 3.33
N ALA C 15 -11.07 36.42 3.25
CA ALA C 15 -11.98 36.83 4.31
C ALA C 15 -11.83 35.89 5.50
N ALA C 16 -11.84 34.58 5.21
CA ALA C 16 -11.77 33.53 6.21
C ALA C 16 -10.46 33.59 7.01
N TYR C 17 -9.32 33.72 6.32
CA TYR C 17 -7.98 33.61 6.98
C TYR C 17 -7.57 34.95 7.60
N SER C 18 -8.23 36.04 7.16
CA SER C 18 -8.09 37.38 7.74
C SER C 18 -8.79 37.46 9.11
N MET C 19 -10.11 37.25 9.10
CA MET C 19 -10.99 37.49 10.24
C MET C 19 -10.54 36.67 11.46
N PRO C 20 -10.92 37.10 12.69
CA PRO C 20 -10.58 36.36 13.90
C PRO C 20 -11.42 35.09 14.00
N ILE C 21 -10.78 34.00 14.44
CA ILE C 21 -11.26 32.63 14.29
C ILE C 21 -12.56 32.41 15.07
N GLU C 22 -12.80 33.22 16.11
CA GLU C 22 -13.92 33.02 17.01
C GLU C 22 -15.20 33.50 16.34
N GLU C 23 -15.10 34.47 15.43
CA GLU C 23 -16.27 35.01 14.74
C GLU C 23 -16.84 34.01 13.72
N ILE C 24 -16.10 32.94 13.39
CA ILE C 24 -16.50 32.05 12.30
C ILE C 24 -17.81 31.36 12.71
N ASN C 25 -18.82 31.51 11.86
CA ASN C 25 -20.16 30.98 12.05
C ASN C 25 -20.48 30.10 10.84
N PRO C 26 -20.14 28.79 10.87
CA PRO C 26 -20.31 27.94 9.70
C PRO C 26 -21.77 27.78 9.25
N ALA C 27 -22.70 27.82 10.22
CA ALA C 27 -24.15 27.59 9.99
C ALA C 27 -24.77 28.57 8.98
N ASP C 28 -24.05 29.65 8.62
CA ASP C 28 -24.52 30.77 7.75
C ASP C 28 -24.98 30.26 6.38
N PRO C 29 -26.30 30.21 6.06
CA PRO C 29 -26.76 29.60 4.82
C PRO C 29 -26.31 30.38 3.56
N GLU C 30 -26.06 31.69 3.71
CA GLU C 30 -25.53 32.53 2.63
C GLU C 30 -24.17 31.95 2.18
N LEU C 31 -23.31 31.57 3.14
CA LEU C 31 -22.06 30.93 2.78
C LEU C 31 -22.36 29.75 1.85
N PHE C 32 -23.33 28.90 2.21
CA PHE C 32 -23.56 27.63 1.53
C PHE C 32 -24.06 27.89 0.11
N ARG C 33 -25.00 28.81 0.01
CA ARG C 33 -25.62 29.12 -1.25
C ARG C 33 -24.59 29.71 -2.22
N THR C 34 -23.66 30.51 -1.72
CA THR C 34 -22.60 31.11 -2.56
C THR C 34 -21.42 30.15 -2.80
N ASP C 35 -21.43 28.97 -2.17
CA ASP C 35 -20.36 27.96 -2.33
C ASP C 35 -19.00 28.54 -1.88
N THR C 36 -19.00 29.34 -0.80
CA THR C 36 -17.79 29.99 -0.27
C THR C 36 -17.53 29.54 1.17
N MET C 37 -18.19 28.47 1.61
CA MET C 37 -18.05 28.00 2.97
C MET C 37 -16.76 27.15 3.13
N TRP C 38 -16.20 26.65 2.02
CA TRP C 38 -15.03 25.72 2.10
C TRP C 38 -13.91 26.33 2.92
N PRO C 39 -13.34 27.50 2.55
CA PRO C 39 -12.16 28.03 3.22
C PRO C 39 -12.31 28.21 4.74
N TYR C 40 -13.54 28.47 5.19
CA TYR C 40 -13.81 28.60 6.62
C TYR C 40 -13.60 27.24 7.30
N PHE C 41 -14.20 26.18 6.73
CA PHE C 41 -14.10 24.80 7.27
C PHE C 41 -12.68 24.24 7.14
N GLU C 42 -11.95 24.65 6.09
CA GLU C 42 -10.55 24.29 5.89
C GLU C 42 -9.69 24.89 7.01
N ARG C 43 -9.89 26.19 7.28
CA ARG C 43 -9.21 26.90 8.37
C ARG C 43 -9.50 26.24 9.73
N LEU C 44 -10.77 26.01 10.07
CA LEU C 44 -11.16 25.36 11.36
C LEU C 44 -10.52 23.97 11.48
N ARG C 45 -10.57 23.17 10.42
CA ARG C 45 -10.05 21.81 10.41
C ARG C 45 -8.60 21.81 10.92
N LYS C 46 -7.94 22.95 10.72
CA LYS C 46 -6.54 23.12 11.01
C LYS C 46 -6.31 23.80 12.36
N GLU C 47 -6.96 24.93 12.60
CA GLU C 47 -6.65 25.73 13.75
C GLU C 47 -7.55 25.33 14.92
N ASP C 48 -8.87 25.22 14.68
CA ASP C 48 -9.86 24.98 15.75
C ASP C 48 -10.82 23.84 15.38
N PRO C 49 -10.37 22.55 15.35
CA PRO C 49 -11.17 21.45 14.83
C PRO C 49 -12.55 21.25 15.48
N VAL C 50 -12.65 21.62 16.75
CA VAL C 50 -13.88 21.58 17.49
C VAL C 50 -14.15 23.02 17.94
N HIS C 51 -15.00 23.73 17.20
CA HIS C 51 -15.02 25.18 17.22
C HIS C 51 -16.34 25.73 17.76
N TRP C 52 -16.27 26.37 18.94
CA TRP C 52 -17.39 27.10 19.50
C TRP C 52 -17.62 28.34 18.63
N GLY C 53 -18.85 28.51 18.14
CA GLY C 53 -19.29 29.71 17.41
C GLY C 53 -20.72 30.09 17.76
N VAL C 54 -21.17 31.26 17.30
CA VAL C 54 -22.52 31.76 17.61
C VAL C 54 -23.17 32.30 16.33
N SER C 55 -24.48 32.03 16.20
CA SER C 55 -25.28 32.55 15.12
C SER C 55 -25.94 33.82 15.61
N PRO C 56 -26.17 34.82 14.74
CA PRO C 56 -27.13 35.89 15.03
C PRO C 56 -28.51 35.36 15.42
N HIS C 57 -29.08 34.40 14.65
CA HIS C 57 -30.43 33.80 14.94
C HIS C 57 -30.45 33.17 16.35
N GLU C 58 -31.57 33.31 17.07
CA GLU C 58 -31.79 32.72 18.43
C GLU C 58 -31.93 31.21 18.38
N ASP C 59 -32.86 30.75 17.52
CA ASP C 59 -33.24 29.35 17.41
C ASP C 59 -31.97 28.50 17.30
N VAL C 60 -30.89 29.12 16.81
CA VAL C 60 -29.60 28.50 16.69
C VAL C 60 -28.80 28.82 17.96
N GLY C 61 -28.41 30.08 18.13
CA GLY C 61 -27.57 30.50 19.25
C GLY C 61 -26.17 29.90 19.15
N GLY C 62 -25.60 29.55 20.31
CA GLY C 62 -24.27 28.96 20.38
C GLY C 62 -24.30 27.45 20.12
N TYR C 63 -23.21 26.92 19.55
CA TYR C 63 -23.12 25.54 19.12
C TYR C 63 -21.66 25.19 18.80
N TRP C 64 -21.36 23.90 18.95
CA TRP C 64 -20.07 23.32 18.58
C TRP C 64 -20.07 22.93 17.11
N SER C 65 -18.92 23.13 16.46
CA SER C 65 -18.72 22.74 15.07
C SER C 65 -17.59 21.71 14.99
N VAL C 66 -17.96 20.44 14.71
CA VAL C 66 -17.02 19.29 14.65
C VAL C 66 -16.68 18.98 13.19
N THR C 67 -15.47 19.38 12.78
CA THR C 67 -15.13 19.61 11.39
C THR C 67 -14.16 18.54 10.84
N LYS C 68 -13.76 17.55 11.66
CA LYS C 68 -12.80 16.52 11.21
C LYS C 68 -13.40 15.12 11.21
N TYR C 69 -12.88 14.25 10.34
CA TYR C 69 -13.50 12.95 9.99
C TYR C 69 -13.64 12.02 11.22
N ASN C 70 -12.53 11.75 11.92
CA ASN C 70 -12.50 10.86 13.08
C ASN C 70 -13.29 11.52 14.22
N ASP C 71 -13.15 12.82 14.41
CA ASP C 71 -13.86 13.52 15.50
C ASP C 71 -15.38 13.40 15.27
N ILE C 72 -15.79 13.42 14.00
CA ILE C 72 -17.22 13.34 13.63
C ILE C 72 -17.75 11.94 14.00
N MET C 73 -17.04 10.90 13.54
CA MET C 73 -17.33 9.49 13.87
C MET C 73 -17.49 9.27 15.39
N ALA C 74 -16.61 9.86 16.19
CA ALA C 74 -16.66 9.69 17.63
C ALA C 74 -18.02 10.16 18.18
N VAL C 75 -18.58 11.24 17.60
CA VAL C 75 -19.85 11.87 18.04
C VAL C 75 -21.06 11.06 17.55
N ASP C 76 -20.93 10.56 16.32
CA ASP C 76 -22.01 9.90 15.58
C ASP C 76 -22.28 8.50 16.15
N THR C 77 -21.21 7.76 16.47
CA THR C 77 -21.26 6.38 16.98
C THR C 77 -21.71 6.37 18.45
N ASN C 78 -21.47 7.48 19.15
CA ASN C 78 -21.73 7.59 20.57
C ASN C 78 -23.08 8.28 20.78
N HIS C 79 -24.14 7.47 20.86
CA HIS C 79 -25.51 7.95 21.08
C HIS C 79 -25.83 8.08 22.57
N GLU C 80 -24.92 7.61 23.44
CA GLU C 80 -25.11 7.61 24.92
C GLU C 80 -24.81 9.01 25.49
N VAL C 81 -23.83 9.69 24.89
CA VAL C 81 -23.45 11.06 25.24
C VAL C 81 -24.18 12.04 24.31
N PHE C 82 -24.07 11.83 23.00
CA PHE C 82 -24.61 12.73 22.00
C PHE C 82 -26.01 12.26 21.53
N SER C 83 -27.05 12.86 22.11
CA SER C 83 -28.40 12.50 21.76
C SER C 83 -28.81 13.21 20.48
N SER C 84 -29.67 12.54 19.71
CA SER C 84 -30.36 13.08 18.54
C SER C 84 -31.64 13.83 18.96
N GLU C 85 -32.02 13.74 20.24
CA GLU C 85 -33.18 14.49 20.78
C GLU C 85 -32.73 15.86 21.29
N PRO C 86 -33.59 16.90 21.18
CA PRO C 86 -34.93 16.88 20.62
C PRO C 86 -35.05 17.06 19.08
N THR C 87 -33.98 17.50 18.41
CA THR C 87 -33.93 17.48 16.94
C THR C 87 -32.48 17.26 16.50
N ILE C 88 -32.32 17.16 15.18
CA ILE C 88 -31.05 16.84 14.49
C ILE C 88 -30.54 18.04 13.67
N VAL C 89 -31.33 19.13 13.63
CA VAL C 89 -30.93 20.38 13.00
C VAL C 89 -30.65 21.38 14.14
N LEU C 90 -29.88 22.43 13.82
CA LEU C 90 -29.38 23.39 14.83
C LEU C 90 -30.51 24.22 15.46
N PRO C 91 -31.41 24.86 14.67
CA PRO C 91 -32.55 25.58 15.26
C PRO C 91 -33.41 24.69 16.18
N ASP C 92 -33.82 25.22 17.34
CA ASP C 92 -34.57 24.42 18.33
C ASP C 92 -36.00 24.22 17.84
N PRO C 93 -36.67 23.06 18.10
CA PRO C 93 -37.93 22.71 17.43
C PRO C 93 -39.07 23.70 17.71
N ALA C 94 -39.85 24.05 16.68
CA ALA C 94 -41.15 24.72 16.86
C ALA C 94 -42.23 23.64 16.97
N ASP C 95 -43.49 24.01 16.76
CA ASP C 95 -44.61 23.05 16.81
C ASP C 95 -45.46 23.28 15.54
N THR C 98 -45.16 18.09 13.70
CA THR C 98 -45.28 17.57 15.06
C THR C 98 -45.58 16.05 15.00
N LEU C 99 -45.19 15.45 13.87
CA LEU C 99 -45.31 14.01 13.63
C LEU C 99 -44.07 13.34 14.22
N PRO C 100 -44.12 12.07 14.69
CA PRO C 100 -42.93 11.39 15.18
C PRO C 100 -41.88 11.09 14.09
N MET C 101 -40.68 11.63 14.28
CA MET C 101 -39.54 11.40 13.40
C MET C 101 -38.47 10.61 14.17
N PHE C 102 -38.26 9.34 13.80
CA PHE C 102 -37.41 8.44 14.59
C PHE C 102 -35.93 8.82 14.45
N ILE C 103 -35.61 9.66 13.47
CA ILE C 103 -34.28 10.23 13.34
C ILE C 103 -33.99 11.12 14.55
N ALA C 104 -35.05 11.68 15.16
CA ALA C 104 -34.91 12.57 16.34
C ALA C 104 -35.32 11.83 17.62
N MET C 105 -35.05 10.51 17.67
CA MET C 105 -35.40 9.69 18.80
C MET C 105 -34.20 8.83 19.18
N ASP C 106 -34.12 8.44 20.46
CA ASP C 106 -32.92 7.77 21.03
C ASP C 106 -33.13 6.26 21.16
N PRO C 107 -32.03 5.50 21.11
CA PRO C 107 -32.03 4.05 20.92
C PRO C 107 -32.93 3.02 21.61
N PRO C 108 -33.49 3.21 22.83
CA PRO C 108 -34.51 2.26 23.28
C PRO C 108 -35.66 2.19 22.25
N LYS C 109 -36.24 3.36 21.96
CA LYS C 109 -37.48 3.53 21.18
C LYS C 109 -37.13 3.72 19.70
N HIS C 110 -35.87 4.10 19.43
CA HIS C 110 -35.44 4.46 18.08
C HIS C 110 -35.34 3.22 17.21
N ASP C 111 -34.73 2.16 17.76
CA ASP C 111 -34.36 0.95 17.02
C ASP C 111 -35.63 0.26 16.51
N VAL C 112 -36.65 0.26 17.37
CA VAL C 112 -37.95 -0.42 17.18
C VAL C 112 -38.61 0.07 15.89
N GLN C 113 -38.60 1.40 15.71
CA GLN C 113 -39.30 2.10 14.63
C GLN C 113 -38.53 1.88 13.31
N ARG C 114 -37.20 1.96 13.40
CA ARG C 114 -36.34 1.68 12.28
C ARG C 114 -36.63 0.26 11.76
N LYS C 115 -36.90 -0.68 12.67
CA LYS C 115 -37.14 -2.08 12.28
C LYS C 115 -38.42 -2.19 11.46
N THR C 116 -39.34 -1.22 11.62
CA THR C 116 -40.58 -1.22 10.85
C THR C 116 -40.27 -0.93 9.38
N VAL C 117 -39.19 -0.19 9.12
CA VAL C 117 -38.93 0.35 7.79
C VAL C 117 -37.78 -0.41 7.13
N GLN C 118 -37.15 -1.36 7.83
CA GLN C 118 -36.01 -2.10 7.23
C GLN C 118 -36.52 -2.98 6.09
N PRO C 119 -37.70 -3.63 6.23
CA PRO C 119 -38.23 -4.47 5.15
C PRO C 119 -38.33 -3.82 3.75
N ILE C 120 -38.84 -2.59 3.70
CA ILE C 120 -39.17 -1.92 2.43
C ILE C 120 -37.90 -1.54 1.65
N VAL C 121 -36.74 -1.54 2.32
CA VAL C 121 -35.44 -1.23 1.69
C VAL C 121 -34.55 -2.48 1.69
N ALA C 122 -35.12 -3.64 2.01
CA ALA C 122 -34.40 -4.91 2.12
C ALA C 122 -33.96 -5.39 0.74
N PRO C 123 -32.81 -6.11 0.64
CA PRO C 123 -32.21 -6.45 -0.66
C PRO C 123 -33.12 -7.17 -1.67
N ASN C 124 -33.99 -8.06 -1.19
CA ASN C 124 -34.91 -8.84 -2.06
C ASN C 124 -36.07 -7.94 -2.56
N HIS C 125 -36.37 -6.84 -1.84
CA HIS C 125 -37.35 -5.84 -2.33
C HIS C 125 -36.69 -4.91 -3.34
N LEU C 126 -35.41 -4.60 -3.14
CA LEU C 126 -34.66 -3.78 -4.07
C LEU C 126 -34.51 -4.55 -5.38
N ALA C 127 -34.32 -5.88 -5.29
CA ALA C 127 -34.12 -6.69 -6.50
C ALA C 127 -35.36 -6.62 -7.41
N TYR C 128 -36.54 -6.58 -6.76
CA TYR C 128 -37.84 -6.51 -7.41
C TYR C 128 -38.07 -5.14 -8.07
N LEU C 129 -37.66 -4.06 -7.39
CA LEU C 129 -37.84 -2.68 -7.87
C LEU C 129 -36.93 -2.35 -9.05
N GLU C 130 -35.70 -2.88 -9.06
CA GLU C 130 -34.69 -2.49 -10.05
C GLU C 130 -35.34 -2.45 -11.44
N PRO C 131 -35.83 -3.58 -12.02
CA PRO C 131 -36.31 -3.58 -13.41
C PRO C 131 -37.40 -2.53 -13.69
N ILE C 132 -38.14 -2.19 -12.64
CA ILE C 132 -39.24 -1.23 -12.71
C ILE C 132 -38.68 0.20 -12.69
N ILE C 133 -37.76 0.52 -11.76
CA ILE C 133 -37.10 1.85 -11.69
C ILE C 133 -36.39 2.15 -13.02
N ARG C 134 -35.73 1.14 -13.59
CA ARG C 134 -34.98 1.23 -14.85
C ARG C 134 -35.95 1.61 -15.97
N GLU C 135 -37.12 0.95 -16.01
CA GLU C 135 -38.09 1.13 -17.09
C GLU C 135 -38.60 2.56 -17.07
N ARG C 136 -38.86 3.03 -15.84
CA ARG C 136 -39.54 4.30 -15.60
C ARG C 136 -38.57 5.47 -15.79
N ALA C 137 -37.35 5.31 -15.27
CA ALA C 137 -36.25 6.22 -15.53
C ALA C 137 -36.12 6.40 -17.05
N GLY C 138 -36.14 5.29 -17.78
CA GLY C 138 -35.90 5.28 -19.20
C GLY C 138 -36.92 6.13 -19.96
N LYS C 139 -38.17 6.11 -19.48
CA LYS C 139 -39.28 6.82 -20.12
C LYS C 139 -39.24 8.30 -19.77
N ILE C 140 -38.79 8.64 -18.55
CA ILE C 140 -38.57 10.03 -18.14
C ILE C 140 -37.48 10.68 -19.01
N LEU C 141 -36.38 9.94 -19.24
CA LEU C 141 -35.23 10.41 -20.05
C LEU C 141 -35.60 10.41 -21.54
N ASP C 142 -36.46 9.49 -21.98
CA ASP C 142 -36.84 9.39 -23.41
C ASP C 142 -37.67 10.62 -23.80
N ASP C 143 -38.24 11.32 -22.79
CA ASP C 143 -39.17 12.48 -22.97
C ASP C 143 -38.45 13.83 -22.90
N LEU C 144 -37.13 13.84 -22.73
CA LEU C 144 -36.37 15.09 -22.56
C LEU C 144 -36.12 15.73 -23.93
N PRO C 145 -36.15 17.09 -23.99
CA PRO C 145 -35.87 17.84 -25.20
C PRO C 145 -34.35 17.97 -25.43
N ILE C 146 -33.97 17.84 -26.70
CA ILE C 146 -32.62 17.82 -27.18
C ILE C 146 -32.37 19.21 -27.78
N GLY C 147 -31.15 19.71 -27.63
CA GLY C 147 -30.73 21.00 -28.18
C GLY C 147 -31.55 22.16 -27.62
N GLU C 148 -31.97 22.03 -26.36
CA GLU C 148 -32.69 23.06 -25.66
C GLU C 148 -32.21 23.07 -24.22
N GLU C 149 -31.96 24.27 -23.69
CA GLU C 149 -31.55 24.43 -22.32
C GLU C 149 -32.75 24.18 -21.41
N ILE C 150 -32.55 23.27 -20.46
CA ILE C 150 -33.53 22.93 -19.45
C ILE C 150 -32.89 23.19 -18.08
N ASN C 151 -33.73 23.42 -17.06
CA ASN C 151 -33.33 23.34 -15.65
C ASN C 151 -33.30 21.86 -15.27
N TRP C 152 -32.12 21.25 -15.33
CA TRP C 152 -31.92 19.86 -14.99
C TRP C 152 -32.60 19.50 -13.66
N VAL C 153 -32.60 20.41 -12.68
CA VAL C 153 -33.13 20.10 -11.39
C VAL C 153 -34.61 19.73 -11.50
N ASP C 154 -35.40 20.56 -12.18
CA ASP C 154 -36.87 20.37 -12.32
C ASP C 154 -37.20 19.23 -13.28
N LYS C 155 -36.52 19.20 -14.44
CA LYS C 155 -36.92 18.38 -15.57
C LYS C 155 -36.40 16.94 -15.44
N VAL C 156 -35.29 16.76 -14.72
CA VAL C 156 -34.67 15.45 -14.56
C VAL C 156 -34.59 15.07 -13.08
N SER C 157 -33.88 15.84 -12.27
CA SER C 157 -33.58 15.40 -10.89
C SER C 157 -34.86 15.13 -10.10
N ILE C 158 -35.87 16.00 -10.23
CA ILE C 158 -37.14 15.85 -9.48
C ILE C 158 -38.05 14.78 -10.12
N GLU C 159 -38.12 14.74 -11.45
CA GLU C 159 -38.84 13.67 -12.10
C GLU C 159 -38.36 12.31 -11.54
N LEU C 160 -37.08 12.00 -11.74
CA LEU C 160 -36.49 10.69 -11.44
C LEU C 160 -36.64 10.39 -9.94
N THR C 161 -36.50 11.43 -9.13
CA THR C 161 -36.56 11.23 -7.69
C THR C 161 -37.99 10.86 -7.28
N THR C 162 -38.97 11.64 -7.76
CA THR C 162 -40.36 11.39 -7.43
C THR C 162 -40.78 9.98 -7.84
N MET C 163 -40.29 9.57 -9.03
CA MET C 163 -40.57 8.29 -9.60
C MET C 163 -40.11 7.21 -8.62
N THR C 164 -38.87 7.30 -8.14
CA THR C 164 -38.30 6.25 -7.31
C THR C 164 -39.12 6.08 -6.02
N LEU C 165 -39.55 7.20 -5.43
CA LEU C 165 -40.35 7.22 -4.18
C LEU C 165 -41.74 6.58 -4.38
N ALA C 166 -42.42 6.95 -5.47
CA ALA C 166 -43.65 6.30 -5.94
C ALA C 166 -43.43 4.79 -6.14
N THR C 167 -42.28 4.40 -6.73
CA THR C 167 -42.01 3.01 -7.02
C THR C 167 -41.73 2.24 -5.73
N LEU C 168 -41.16 2.91 -4.73
CA LEU C 168 -40.78 2.24 -3.48
C LEU C 168 -42.05 1.83 -2.71
N PHE C 169 -43.06 2.71 -2.72
CA PHE C 169 -44.29 2.49 -1.98
C PHE C 169 -45.38 1.90 -2.88
N ASP C 170 -45.15 1.86 -4.19
CA ASP C 170 -46.12 1.38 -5.17
C ASP C 170 -47.30 2.35 -5.22
N PHE C 171 -47.02 3.66 -5.18
CA PHE C 171 -48.03 4.70 -5.30
C PHE C 171 -48.44 4.84 -6.76
N PRO C 172 -49.72 5.17 -7.02
CA PRO C 172 -50.34 5.15 -8.35
C PRO C 172 -49.47 5.39 -9.60
N TRP C 173 -48.72 6.50 -9.65
CA TRP C 173 -48.04 6.94 -10.89
C TRP C 173 -49.03 7.63 -11.82
N GLU C 204 -57.93 -4.37 -4.53
CA GLU C 204 -57.07 -3.74 -3.53
C GLU C 204 -56.78 -2.28 -3.91
N ASN C 205 -57.36 -1.79 -5.01
CA ASN C 205 -57.10 -0.44 -5.54
C ASN C 205 -57.55 0.62 -4.52
N LEU C 206 -58.72 0.42 -3.88
CA LEU C 206 -59.27 1.37 -2.85
C LEU C 206 -58.25 1.53 -1.71
N ARG C 207 -57.54 0.44 -1.38
CA ARG C 207 -56.55 0.42 -0.30
C ARG C 207 -55.28 1.18 -0.71
N ARG C 208 -54.80 0.92 -1.93
CA ARG C 208 -53.56 1.51 -2.41
C ARG C 208 -53.74 3.03 -2.61
N GLN C 209 -54.78 3.38 -3.38
CA GLN C 209 -55.04 4.75 -3.78
C GLN C 209 -55.23 5.64 -2.55
N THR C 210 -55.84 5.09 -1.50
CA THR C 210 -56.21 5.83 -0.31
C THR C 210 -54.94 6.21 0.45
N LEU C 211 -53.97 5.29 0.51
CA LEU C 211 -52.75 5.56 1.27
C LEU C 211 -52.04 6.76 0.65
N PHE C 212 -51.94 6.75 -0.67
CA PHE C 212 -51.31 7.83 -1.39
C PHE C 212 -51.83 9.20 -0.91
N GLU C 213 -53.15 9.35 -0.84
CA GLU C 213 -53.80 10.61 -0.48
C GLU C 213 -53.46 10.96 0.98
N CYS C 214 -53.44 9.93 1.86
CA CYS C 214 -53.03 10.06 3.28
C CYS C 214 -51.63 10.66 3.34
N VAL C 215 -50.72 10.07 2.56
CA VAL C 215 -49.34 10.47 2.47
C VAL C 215 -49.23 11.91 1.92
N ASP C 216 -49.97 12.21 0.85
CA ASP C 216 -49.93 13.52 0.21
C ASP C 216 -50.38 14.61 1.20
N TYR C 217 -51.41 14.34 2.00
CA TYR C 217 -51.96 15.32 2.96
C TYR C 217 -50.87 15.77 3.94
N PHE C 218 -50.16 14.79 4.53
CA PHE C 218 -49.16 15.09 5.55
C PHE C 218 -47.88 15.66 4.91
N MET C 219 -47.54 15.16 3.72
CA MET C 219 -46.38 15.66 3.02
C MET C 219 -46.55 17.16 2.72
N ARG C 220 -47.81 17.63 2.60
CA ARG C 220 -48.11 19.04 2.31
C ARG C 220 -48.18 19.87 3.59
N LEU C 221 -48.29 19.19 4.74
CA LEU C 221 -48.19 19.84 6.07
C LEU C 221 -46.74 19.89 6.55
N TRP C 222 -45.88 18.95 6.10
CA TRP C 222 -44.44 18.96 6.40
C TRP C 222 -43.83 20.27 5.88
N ASN C 223 -43.88 20.47 4.54
CA ASN C 223 -43.33 21.68 3.90
C ASN C 223 -43.78 22.91 4.70
N GLU C 224 -45.11 23.07 4.85
CA GLU C 224 -45.76 24.20 5.51
C GLU C 224 -45.03 24.54 6.82
N MET C 250 -49.64 7.83 15.92
CA MET C 250 -49.23 8.35 14.60
C MET C 250 -47.86 7.80 14.17
N GLU C 251 -47.51 6.65 14.76
CA GLU C 251 -46.16 6.12 14.84
C GLU C 251 -45.66 5.67 13.45
N TYR C 252 -46.48 4.88 12.76
CA TYR C 252 -46.10 4.25 11.51
C TYR C 252 -46.22 5.25 10.35
N LEU C 253 -46.99 6.31 10.55
CA LEU C 253 -47.12 7.33 9.53
C LEU C 253 -45.84 8.20 9.50
N GLY C 254 -45.43 8.74 10.65
CA GLY C 254 -44.15 9.41 10.76
C GLY C 254 -43.05 8.63 10.05
N ASN C 255 -42.96 7.33 10.34
CA ASN C 255 -41.88 6.44 9.88
C ASN C 255 -41.89 6.34 8.35
N LEU C 256 -43.07 6.40 7.76
CA LEU C 256 -43.20 6.40 6.32
C LEU C 256 -42.82 7.78 5.75
N ILE C 257 -43.19 8.86 6.45
CA ILE C 257 -42.88 10.25 6.01
C ILE C 257 -41.36 10.47 6.02
N LEU C 258 -40.70 9.92 7.06
CA LEU C 258 -39.27 10.11 7.24
C LEU C 258 -38.56 9.53 6.01
N LEU C 259 -38.93 8.30 5.65
CA LEU C 259 -38.36 7.64 4.50
C LEU C 259 -38.46 8.57 3.28
N ILE C 260 -39.65 9.10 3.03
CA ILE C 260 -39.91 9.98 1.90
C ILE C 260 -39.06 11.24 1.98
N VAL C 261 -39.12 11.92 3.13
CA VAL C 261 -38.36 13.12 3.33
C VAL C 261 -36.87 12.84 3.08
N GLY C 262 -36.35 11.82 3.76
CA GLY C 262 -34.94 11.63 3.94
C GLY C 262 -34.23 11.29 2.65
N GLY C 263 -34.97 10.71 1.70
CA GLY C 263 -34.48 10.26 0.43
C GLY C 263 -34.99 11.12 -0.73
N ASN C 264 -35.82 12.13 -0.45
CA ASN C 264 -36.33 13.00 -1.50
C ASN C 264 -35.19 13.91 -1.97
N ASP C 265 -34.90 14.97 -1.21
CA ASP C 265 -33.99 16.00 -1.68
C ASP C 265 -32.52 15.51 -1.63
N THR C 266 -32.21 14.55 -0.77
CA THR C 266 -30.88 13.94 -0.70
C THR C 266 -30.55 13.27 -2.03
N THR C 267 -31.46 12.40 -2.48
CA THR C 267 -31.35 11.66 -3.76
C THR C 267 -31.25 12.62 -4.95
N ARG C 268 -32.00 13.74 -4.82
CA ARG C 268 -32.25 14.71 -5.88
C ARG C 268 -31.01 15.52 -6.17
N ASN C 269 -30.37 15.97 -5.10
CA ASN C 269 -29.17 16.76 -5.16
C ASN C 269 -28.00 15.90 -5.68
N THR C 270 -28.06 14.60 -5.40
CA THR C 270 -27.00 13.71 -5.85
C THR C 270 -27.14 13.45 -7.36
N ILE C 271 -28.36 13.46 -7.90
CA ILE C 271 -28.47 13.38 -9.34
C ILE C 271 -27.94 14.68 -9.90
N SER C 272 -28.40 15.80 -9.33
CA SER C 272 -28.03 17.15 -9.79
C SER C 272 -26.50 17.32 -9.74
N GLY C 273 -25.88 16.85 -8.63
CA GLY C 273 -24.44 16.97 -8.38
C GLY C 273 -23.55 16.19 -9.35
N SER C 274 -23.97 14.98 -9.72
CA SER C 274 -23.25 14.16 -10.70
C SER C 274 -22.97 14.94 -11.99
N VAL C 275 -24.01 15.51 -12.58
CA VAL C 275 -23.91 16.22 -13.85
C VAL C 275 -22.89 17.36 -13.75
N LEU C 276 -22.88 18.09 -12.61
CA LEU C 276 -22.02 19.26 -12.45
C LEU C 276 -20.55 18.80 -12.31
N ALA C 277 -20.34 17.84 -11.39
CA ALA C 277 -19.02 17.27 -11.07
C ALA C 277 -18.30 16.80 -12.35
N LEU C 278 -19.07 16.26 -13.30
CA LEU C 278 -18.57 15.76 -14.55
C LEU C 278 -18.30 16.91 -15.52
N HIS C 279 -19.12 17.97 -15.50
CA HIS C 279 -18.86 19.16 -16.32
C HIS C 279 -17.54 19.76 -15.86
N GLN C 280 -17.36 19.77 -14.54
CA GLN C 280 -16.26 20.42 -13.88
C GLN C 280 -14.97 19.62 -14.04
N ASN C 281 -15.06 18.34 -14.41
CA ASN C 281 -13.90 17.43 -14.43
C ASN C 281 -14.01 16.49 -15.63
N PRO C 282 -13.84 16.98 -16.88
CA PRO C 282 -14.06 16.16 -18.07
C PRO C 282 -13.15 14.93 -18.12
N ASP C 283 -11.96 15.03 -17.53
CA ASP C 283 -11.05 13.88 -17.42
C ASP C 283 -11.79 12.66 -16.85
N GLN C 284 -12.66 12.87 -15.85
CA GLN C 284 -13.37 11.79 -15.16
C GLN C 284 -14.67 11.41 -15.89
N ASP C 285 -15.22 12.34 -16.70
CA ASP C 285 -16.33 12.01 -17.59
C ASP C 285 -15.85 10.99 -18.62
N ARG C 286 -14.87 11.37 -19.45
CA ARG C 286 -14.23 10.49 -20.45
C ARG C 286 -13.93 9.12 -19.83
N LYS C 287 -13.36 9.07 -18.62
CA LYS C 287 -12.96 7.77 -17.99
C LYS C 287 -14.20 6.92 -17.68
N LEU C 288 -15.32 7.57 -17.36
CA LEU C 288 -16.58 6.91 -16.96
C LEU C 288 -17.35 6.40 -18.19
N ARG C 289 -17.34 7.19 -19.27
CA ARG C 289 -18.00 6.82 -20.52
C ARG C 289 -17.15 5.80 -21.31
N GLU C 290 -15.84 5.76 -21.05
CA GLU C 290 -14.94 4.74 -21.65
C GLU C 290 -15.20 3.38 -20.99
N ASN C 291 -15.36 3.38 -19.67
CA ASN C 291 -15.56 2.18 -18.85
C ASN C 291 -16.79 2.41 -17.95
N PRO C 292 -18.01 2.03 -18.42
CA PRO C 292 -19.22 2.10 -17.59
C PRO C 292 -19.32 1.15 -16.38
N GLY C 293 -18.25 0.43 -16.04
CA GLY C 293 -18.20 -0.30 -14.78
C GLY C 293 -17.97 0.64 -13.59
N LEU C 294 -17.42 1.82 -13.89
CA LEU C 294 -17.03 2.80 -12.88
C LEU C 294 -18.26 3.54 -12.28
N ILE C 295 -19.48 3.20 -12.69
CA ILE C 295 -20.68 3.94 -12.23
C ILE C 295 -20.86 3.84 -10.71
N PRO C 296 -20.89 2.64 -10.07
CA PRO C 296 -20.99 2.58 -8.61
C PRO C 296 -19.84 3.30 -7.87
N ALA C 297 -18.67 3.42 -8.50
CA ALA C 297 -17.52 4.16 -7.95
C ALA C 297 -17.82 5.66 -7.99
N MET C 298 -18.31 6.13 -9.15
CA MET C 298 -18.68 7.54 -9.46
C MET C 298 -19.90 7.99 -8.63
N VAL C 299 -20.86 7.10 -8.37
CA VAL C 299 -21.95 7.41 -7.49
C VAL C 299 -21.40 7.69 -6.07
N SER C 300 -20.53 6.80 -5.58
CA SER C 300 -19.86 6.96 -4.26
C SER C 300 -19.11 8.30 -4.15
N GLU C 301 -18.38 8.66 -5.21
CA GLU C 301 -17.58 9.86 -5.18
C GLU C 301 -18.48 11.09 -5.15
N THR C 302 -19.59 11.04 -5.90
CA THR C 302 -20.55 12.14 -5.96
C THR C 302 -21.18 12.36 -4.57
N ILE C 303 -21.44 11.26 -3.86
CA ILE C 303 -22.14 11.28 -2.55
C ILE C 303 -21.18 11.83 -1.47
N ARG C 304 -19.88 11.65 -1.70
CA ARG C 304 -18.87 12.22 -0.86
C ARG C 304 -18.75 13.70 -1.25
N TRP C 305 -18.48 13.93 -2.53
CA TRP C 305 -18.13 15.24 -3.12
C TRP C 305 -19.24 16.26 -2.84
N GLN C 306 -20.41 16.01 -3.39
CA GLN C 306 -21.68 16.64 -2.93
C GLN C 306 -21.92 16.07 -1.54
N THR C 307 -22.28 16.87 -0.56
CA THR C 307 -22.60 16.27 0.75
C THR C 307 -24.05 16.66 1.03
N PRO C 308 -25.02 15.90 0.47
CA PRO C 308 -26.38 16.41 0.28
C PRO C 308 -26.97 16.97 1.58
N LEU C 309 -26.82 16.22 2.68
CA LEU C 309 -26.99 16.74 4.04
C LEU C 309 -25.60 17.09 4.56
N ALA C 310 -25.43 18.36 4.93
CA ALA C 310 -24.11 18.97 5.17
C ALA C 310 -23.69 18.88 6.64
N TYR C 311 -24.66 18.63 7.52
CA TYR C 311 -24.38 18.27 8.88
C TYR C 311 -25.61 17.57 9.45
N MET C 312 -25.43 17.00 10.63
CA MET C 312 -26.50 16.54 11.49
C MET C 312 -26.08 16.90 12.92
N ARG C 313 -26.99 17.49 13.69
CA ARG C 313 -26.66 17.96 15.03
C ARG C 313 -26.95 16.86 16.06
N ARG C 314 -26.39 17.10 17.24
CA ARG C 314 -26.58 16.29 18.39
C ARG C 314 -26.58 17.20 19.61
N ARG C 315 -26.97 16.62 20.74
CA ARG C 315 -27.00 17.30 22.03
C ARG C 315 -26.26 16.43 23.06
N ALA C 316 -25.40 17.07 23.86
CA ALA C 316 -24.56 16.38 24.86
C ALA C 316 -25.35 16.17 26.16
N LYS C 317 -25.28 14.94 26.68
CA LYS C 317 -26.02 14.56 27.84
C LYS C 317 -25.13 14.70 29.09
N ARG C 318 -23.82 14.57 28.88
CA ARG C 318 -22.82 14.84 29.92
C ARG C 318 -21.65 15.59 29.31
N ASP C 319 -20.89 16.28 30.19
CA ASP C 319 -19.64 16.90 29.86
C ASP C 319 -18.78 15.84 29.17
N PHE C 320 -18.08 16.23 28.10
CA PHE C 320 -17.30 15.31 27.27
C PHE C 320 -16.11 16.05 26.63
N GLU C 321 -14.96 15.37 26.55
CA GLU C 321 -13.73 15.90 25.98
C GLU C 321 -13.59 15.35 24.55
N LEU C 322 -13.45 16.28 23.59
CA LEU C 322 -13.28 16.00 22.16
C LEU C 322 -12.43 17.12 21.51
N GLY C 323 -11.40 16.72 20.78
CA GLY C 323 -10.38 17.63 20.24
C GLY C 323 -9.72 18.42 21.35
N GLY C 324 -9.71 17.85 22.56
CA GLY C 324 -9.17 18.47 23.77
C GLY C 324 -9.95 19.70 24.22
N LYS C 325 -11.28 19.67 24.00
CA LYS C 325 -12.16 20.79 24.37
C LYS C 325 -13.35 20.21 25.14
N THR C 326 -13.73 20.88 26.23
CA THR C 326 -14.74 20.33 27.12
C THR C 326 -16.09 20.77 26.60
N ILE C 327 -16.80 19.81 25.94
CA ILE C 327 -18.18 19.97 25.49
C ILE C 327 -19.07 19.78 26.71
N ARG C 328 -19.85 20.81 27.07
CA ARG C 328 -20.61 20.85 28.31
C ARG C 328 -21.98 20.24 28.05
N GLU C 329 -22.66 19.85 29.13
CA GLU C 329 -23.98 19.25 29.10
C GLU C 329 -25.01 20.22 28.49
N GLY C 330 -25.82 19.71 27.56
CA GLY C 330 -26.93 20.44 26.95
C GLY C 330 -26.51 21.27 25.74
N ASP C 331 -25.24 21.15 25.33
CA ASP C 331 -24.67 21.94 24.25
C ASP C 331 -25.07 21.29 22.91
N LYS C 332 -25.39 22.13 21.93
CA LYS C 332 -25.60 21.68 20.57
C LYS C 332 -24.24 21.26 20.01
N VAL C 333 -24.24 20.17 19.23
CA VAL C 333 -23.06 19.73 18.53
C VAL C 333 -23.44 19.39 17.09
N ALA C 334 -22.86 20.14 16.14
CA ALA C 334 -23.04 19.94 14.69
C ALA C 334 -21.86 19.14 14.12
N MET C 335 -22.18 17.96 13.57
CA MET C 335 -21.19 17.13 12.87
C MET C 335 -21.18 17.59 11.41
N TRP C 336 -20.20 18.42 11.07
CA TRP C 336 -20.13 18.97 9.73
C TRP C 336 -19.54 17.93 8.77
N TYR C 337 -20.38 16.99 8.36
CA TYR C 337 -20.06 15.96 7.37
C TYR C 337 -19.38 16.54 6.12
N VAL C 338 -19.91 17.68 5.64
CA VAL C 338 -19.42 18.36 4.45
C VAL C 338 -17.93 18.62 4.61
N SER C 339 -17.51 19.05 5.81
CA SER C 339 -16.10 19.36 6.15
C SER C 339 -15.30 18.08 6.26
N GLY C 340 -15.81 17.13 7.07
CA GLY C 340 -15.18 15.83 7.30
C GLY C 340 -14.87 15.08 6.01
N ASN C 341 -15.67 15.28 4.95
CA ASN C 341 -15.48 14.55 3.70
C ASN C 341 -14.23 15.08 2.98
N ARG C 342 -13.61 16.10 3.57
CA ARG C 342 -12.49 16.82 2.98
C ARG C 342 -11.33 16.98 3.98
N ASP C 343 -11.24 16.03 4.93
CA ASP C 343 -10.17 15.95 5.90
C ASP C 343 -8.98 15.29 5.20
N GLU C 344 -7.83 15.98 5.13
CA GLU C 344 -6.60 15.52 4.42
C GLU C 344 -5.89 14.45 5.26
N GLU C 345 -6.20 14.35 6.54
CA GLU C 345 -5.62 13.35 7.42
C GLU C 345 -6.21 11.95 7.18
N VAL C 346 -7.38 11.85 6.53
CA VAL C 346 -8.03 10.55 6.35
C VAL C 346 -8.18 10.20 4.87
N ILE C 347 -8.32 11.22 4.02
CA ILE C 347 -8.72 11.05 2.64
C ILE C 347 -7.66 11.66 1.73
N ASP C 348 -7.21 10.87 0.73
CA ASP C 348 -6.25 11.34 -0.29
C ASP C 348 -6.92 12.35 -1.25
N ARG C 349 -6.27 13.50 -1.41
CA ARG C 349 -6.64 14.61 -2.33
C ARG C 349 -8.11 14.97 -2.21
N PRO C 350 -8.59 15.25 -0.99
CA PRO C 350 -10.03 15.35 -0.73
C PRO C 350 -10.79 16.31 -1.65
N ASN C 351 -10.11 17.23 -2.32
CA ASN C 351 -10.81 18.27 -3.06
C ASN C 351 -10.75 17.97 -4.55
N ASP C 352 -10.66 16.67 -4.86
CA ASP C 352 -10.64 16.19 -6.22
C ASP C 352 -11.89 15.33 -6.41
N TYR C 353 -12.60 15.59 -7.50
CA TYR C 353 -13.54 14.62 -8.00
C TYR C 353 -12.73 13.54 -8.72
N TRP C 354 -12.58 12.37 -8.09
CA TRP C 354 -11.67 11.34 -8.53
C TRP C 354 -12.36 9.98 -8.38
N ILE C 355 -12.83 9.43 -9.50
CA ILE C 355 -13.74 8.25 -9.49
C ILE C 355 -12.95 7.00 -9.09
N GLU C 356 -11.68 6.93 -9.52
CA GLU C 356 -10.84 5.75 -9.35
C GLU C 356 -10.02 5.83 -8.06
N ARG C 357 -10.30 6.82 -7.20
CA ARG C 357 -9.50 7.02 -6.00
C ARG C 357 -9.52 5.68 -5.26
N PRO C 358 -8.46 5.30 -4.53
CA PRO C 358 -8.55 4.20 -3.56
C PRO C 358 -9.52 4.54 -2.41
N ARG C 359 -10.26 3.52 -1.95
CA ARG C 359 -11.27 3.60 -0.87
C ARG C 359 -12.29 4.69 -1.21
N VAL C 360 -13.03 4.49 -2.32
CA VAL C 360 -14.03 5.45 -2.82
C VAL C 360 -15.29 5.42 -1.92
N ARG C 361 -15.52 4.28 -1.24
CA ARG C 361 -16.68 4.11 -0.32
C ARG C 361 -16.48 4.96 0.95
N GLN C 362 -15.32 4.83 1.59
CA GLN C 362 -15.00 5.54 2.85
C GLN C 362 -15.47 6.99 2.72
N HIS C 363 -16.58 7.35 3.39
CA HIS C 363 -17.06 8.76 3.47
C HIS C 363 -18.16 8.91 4.54
N LEU C 364 -18.45 10.16 4.91
CA LEU C 364 -19.33 10.47 6.07
C LEU C 364 -20.76 10.86 5.65
N SER C 365 -21.07 10.81 4.34
CA SER C 365 -22.29 11.40 3.82
C SER C 365 -23.56 10.72 4.39
N PHE C 366 -23.52 9.39 4.61
CA PHE C 366 -24.66 8.57 5.08
C PHE C 366 -24.70 8.46 6.59
N GLY C 367 -23.65 8.93 7.28
CA GLY C 367 -23.55 8.89 8.73
C GLY C 367 -22.80 7.65 9.19
N PHE C 368 -22.77 7.44 10.51
CA PHE C 368 -22.19 6.27 11.15
C PHE C 368 -22.89 6.09 12.50
N GLY C 369 -23.00 4.84 12.95
CA GLY C 369 -23.72 4.48 14.16
C GLY C 369 -25.16 4.10 13.89
N VAL C 370 -25.92 3.96 14.98
CA VAL C 370 -27.28 3.41 14.92
C VAL C 370 -28.08 4.13 13.82
N HIS C 371 -27.91 5.45 13.71
CA HIS C 371 -28.71 6.28 12.81
C HIS C 371 -28.18 6.27 11.35
N ARG C 372 -27.13 5.52 11.04
CA ARG C 372 -26.60 5.49 9.67
C ARG C 372 -27.78 5.38 8.70
N CYS C 373 -27.77 6.15 7.59
CA CYS C 373 -28.90 6.18 6.65
C CYS C 373 -29.39 4.77 6.32
N VAL C 374 -30.66 4.51 6.59
CA VAL C 374 -31.28 3.21 6.37
C VAL C 374 -31.56 2.98 4.87
N GLY C 375 -31.57 4.05 4.07
CA GLY C 375 -31.90 3.98 2.63
C GLY C 375 -30.67 3.93 1.75
N ASN C 376 -29.49 3.98 2.37
CA ASN C 376 -28.20 4.15 1.67
C ASN C 376 -28.04 3.18 0.47
N ARG C 377 -28.54 1.95 0.61
CA ARG C 377 -28.37 0.88 -0.39
C ARG C 377 -29.32 1.15 -1.58
N LEU C 378 -30.50 1.72 -1.27
CA LEU C 378 -31.50 2.11 -2.26
C LEU C 378 -31.07 3.35 -3.06
N ALA C 379 -30.46 4.34 -2.38
CA ALA C 379 -29.89 5.53 -3.04
C ALA C 379 -28.82 5.14 -4.06
N GLU C 380 -27.90 4.24 -3.69
CA GLU C 380 -26.77 3.86 -4.55
C GLU C 380 -27.31 3.12 -5.78
N LEU C 381 -28.37 2.32 -5.58
CA LEU C 381 -28.90 1.44 -6.62
C LEU C 381 -29.71 2.25 -7.63
N GLN C 382 -30.56 3.16 -7.12
CA GLN C 382 -31.31 4.12 -7.95
C GLN C 382 -30.33 4.85 -8.87
N LEU C 383 -29.37 5.54 -8.23
CA LEU C 383 -28.40 6.40 -8.89
C LEU C 383 -27.53 5.58 -9.86
N LYS C 384 -27.25 4.32 -9.53
CA LYS C 384 -26.57 3.40 -10.46
C LYS C 384 -27.42 3.27 -11.75
N ILE C 385 -28.70 2.91 -11.55
CA ILE C 385 -29.65 2.66 -12.65
C ILE C 385 -29.83 3.95 -13.47
N ILE C 386 -30.04 5.07 -12.77
CA ILE C 386 -30.19 6.37 -13.43
C ILE C 386 -29.05 6.57 -14.45
N TRP C 387 -27.79 6.37 -13.99
CA TRP C 387 -26.55 6.73 -14.76
C TRP C 387 -26.31 5.73 -15.90
N GLU C 388 -26.63 4.43 -15.68
CA GLU C 388 -26.57 3.39 -16.72
C GLU C 388 -27.50 3.75 -17.89
N GLU C 389 -28.70 4.23 -17.54
CA GLU C 389 -29.74 4.61 -18.52
C GLU C 389 -29.49 6.01 -19.09
N ILE C 390 -28.78 6.89 -18.37
CA ILE C 390 -28.28 8.17 -18.93
C ILE C 390 -27.15 7.90 -19.94
N LEU C 391 -26.20 7.01 -19.60
CA LEU C 391 -24.99 6.82 -20.44
C LEU C 391 -25.40 6.17 -21.76
N ALA C 392 -26.36 5.25 -21.69
CA ALA C 392 -27.04 4.61 -22.84
C ALA C 392 -27.55 5.63 -23.86
N ARG C 393 -28.15 6.73 -23.40
CA ARG C 393 -28.86 7.69 -24.28
C ARG C 393 -28.02 8.93 -24.65
N PHE C 394 -27.33 9.55 -23.69
CA PHE C 394 -26.73 10.86 -23.93
C PHE C 394 -25.20 10.72 -23.85
N PRO C 395 -24.46 11.12 -24.91
CA PRO C 395 -23.00 11.22 -24.85
C PRO C 395 -22.54 12.46 -24.06
N ARG C 396 -23.31 13.56 -24.13
CA ARG C 396 -22.94 14.82 -23.54
C ARG C 396 -24.10 15.40 -22.73
N LEU C 397 -23.80 15.75 -21.49
CA LEU C 397 -24.65 16.60 -20.69
C LEU C 397 -23.88 17.89 -20.39
N GLU C 398 -23.92 18.83 -21.34
CA GLU C 398 -23.16 20.06 -21.22
C GLU C 398 -23.94 21.05 -20.33
N VAL C 399 -23.33 21.43 -19.21
CA VAL C 399 -23.78 22.47 -18.29
C VAL C 399 -23.43 23.83 -18.91
N VAL C 400 -24.44 24.63 -19.26
CA VAL C 400 -24.24 25.83 -20.09
C VAL C 400 -24.27 27.11 -19.25
N GLY C 401 -24.40 26.99 -17.93
CA GLY C 401 -24.30 28.15 -17.03
C GLY C 401 -23.93 27.72 -15.62
N PRO C 402 -23.71 28.69 -14.70
CA PRO C 402 -23.50 28.34 -13.29
C PRO C 402 -24.82 27.93 -12.63
N PRO C 403 -24.81 27.06 -11.59
CA PRO C 403 -26.04 26.69 -10.89
C PRO C 403 -26.51 27.74 -9.87
N ARG C 404 -27.73 27.62 -9.37
CA ARG C 404 -28.23 28.38 -8.22
C ARG C 404 -28.48 27.39 -7.08
N ARG C 405 -27.75 27.53 -5.96
CA ARG C 405 -27.76 26.53 -4.85
C ARG C 405 -28.83 26.87 -3.83
N VAL C 406 -29.18 25.88 -3.01
CA VAL C 406 -30.21 26.04 -1.99
C VAL C 406 -29.64 26.94 -0.89
N TYR C 407 -30.47 27.91 -0.45
CA TYR C 407 -30.21 28.83 0.69
C TYR C 407 -30.48 28.07 2.00
N SER C 408 -29.41 27.44 2.52
CA SER C 408 -29.46 26.46 3.62
C SER C 408 -28.04 25.94 3.91
N SER C 409 -27.77 25.70 5.21
CA SER C 409 -26.54 25.03 5.67
C SER C 409 -26.83 23.59 6.12
N PHE C 410 -28.07 23.14 5.97
CA PHE C 410 -28.45 21.76 6.19
C PHE C 410 -28.52 21.03 4.83
N VAL C 411 -29.51 21.42 4.01
CA VAL C 411 -29.68 20.91 2.65
C VAL C 411 -28.64 21.59 1.74
N LYS C 412 -27.58 20.86 1.38
CA LYS C 412 -26.59 21.32 0.38
C LYS C 412 -26.95 20.78 -1.03
N GLY C 413 -27.56 21.65 -1.84
CA GLY C 413 -28.19 21.24 -3.09
C GLY C 413 -28.27 22.34 -4.14
N TYR C 414 -29.10 22.09 -5.15
CA TYR C 414 -29.23 22.95 -6.32
C TYR C 414 -30.70 23.22 -6.68
N GLU C 415 -31.04 24.48 -6.95
CA GLU C 415 -32.39 24.87 -7.32
C GLU C 415 -32.49 25.07 -8.84
N GLU C 416 -31.45 25.65 -9.44
CA GLU C 416 -31.27 25.60 -10.89
C GLU C 416 -29.90 25.03 -11.28
N LEU C 417 -29.88 24.38 -12.46
CA LEU C 417 -28.65 23.85 -13.08
C LEU C 417 -28.83 23.79 -14.60
N PRO C 418 -28.49 24.86 -15.36
CA PRO C 418 -28.79 24.91 -16.81
C PRO C 418 -28.01 23.87 -17.64
N VAL C 419 -28.75 23.04 -18.37
CA VAL C 419 -28.21 21.91 -19.12
C VAL C 419 -28.84 21.89 -20.52
N VAL C 420 -27.99 21.70 -21.52
CA VAL C 420 -28.38 21.34 -22.87
C VAL C 420 -27.91 19.91 -23.15
N ILE C 421 -28.84 19.10 -23.67
CA ILE C 421 -28.48 17.80 -24.21
C ILE C 421 -28.37 18.00 -25.72
N PRO C 422 -27.13 17.93 -26.30
CA PRO C 422 -26.93 18.16 -27.74
C PRO C 422 -27.44 17.07 -28.70
N THR C 423 -27.42 15.78 -28.30
CA THR C 423 -27.85 14.66 -29.18
C THR C 423 -28.35 13.47 -28.37
N ARG C 424 -28.87 12.46 -29.09
CA ARG C 424 -29.32 11.19 -28.50
C ARG C 424 -28.75 9.95 -29.23
N ASN C 425 -28.57 8.89 -28.40
CA ASN C 425 -28.05 7.56 -28.72
C ASN C 425 -26.55 7.65 -29.00
N ASP D 7 9.75 -36.78 -1.29
CA ASP D 7 10.97 -36.28 -1.98
C ASP D 7 12.00 -35.73 -0.95
N LEU D 8 13.07 -35.07 -1.46
CA LEU D 8 14.26 -34.67 -0.66
C LEU D 8 13.89 -33.60 0.36
N GLN D 9 12.96 -32.73 -0.03
CA GLN D 9 12.60 -31.58 0.79
C GLN D 9 11.71 -32.01 1.97
N ARG D 10 10.82 -32.98 1.75
CA ARG D 10 9.92 -33.47 2.80
C ARG D 10 10.67 -34.35 3.79
N ALA D 11 11.59 -35.18 3.27
CA ALA D 11 12.41 -36.06 4.08
C ALA D 11 13.26 -35.24 5.06
N ALA D 12 13.74 -34.09 4.59
CA ALA D 12 14.61 -33.21 5.34
C ALA D 12 13.82 -32.52 6.45
N ARG D 13 12.56 -32.23 6.13
CA ARG D 13 11.62 -31.63 7.06
C ARG D 13 11.44 -32.59 8.24
N ASP D 14 11.36 -33.89 7.95
CA ASP D 14 11.06 -34.90 8.93
C ASP D 14 12.31 -35.17 9.76
N ALA D 15 13.47 -35.15 9.10
CA ALA D 15 14.71 -35.42 9.77
C ALA D 15 14.97 -34.31 10.80
N ALA D 16 14.72 -33.07 10.35
CA ALA D 16 15.15 -31.88 11.04
C ALA D 16 14.29 -31.64 12.28
N TYR D 17 12.97 -31.81 12.12
CA TYR D 17 11.96 -31.60 13.21
C TYR D 17 11.87 -32.84 14.12
N SER D 18 12.42 -33.98 13.69
CA SER D 18 12.53 -35.19 14.52
C SER D 18 13.72 -35.11 15.48
N MET D 19 14.93 -34.81 14.98
CA MET D 19 16.21 -34.87 15.76
C MET D 19 16.20 -33.83 16.90
N PRO D 20 17.02 -34.03 17.96
CA PRO D 20 17.17 -33.03 19.02
C PRO D 20 17.86 -31.78 18.47
N ILE D 21 17.41 -30.61 18.92
CA ILE D 21 17.78 -29.35 18.32
C ILE D 21 19.27 -29.07 18.52
N GLU D 22 19.87 -29.68 19.56
CA GLU D 22 21.25 -29.41 19.98
C GLU D 22 22.22 -29.97 18.94
N GLU D 23 21.74 -30.96 18.17
CA GLU D 23 22.55 -31.70 17.20
C GLU D 23 22.48 -31.06 15.80
N ILE D 24 21.79 -29.93 15.66
CA ILE D 24 21.70 -29.21 14.38
C ILE D 24 23.02 -28.48 14.13
N ASN D 25 23.63 -28.77 12.98
CA ASN D 25 24.94 -28.27 12.61
C ASN D 25 24.86 -27.73 11.19
N PRO D 26 24.51 -26.44 10.98
CA PRO D 26 24.20 -25.94 9.64
C PRO D 26 25.44 -25.92 8.72
N ALA D 27 26.63 -25.88 9.33
CA ALA D 27 27.89 -25.72 8.63
C ALA D 27 28.26 -26.98 7.85
N ASP D 28 27.52 -28.08 8.02
CA ASP D 28 27.65 -29.31 7.19
C ASP D 28 27.46 -28.99 5.72
N PRO D 29 28.51 -29.16 4.88
CA PRO D 29 28.41 -28.87 3.44
C PRO D 29 27.51 -29.82 2.64
N GLU D 30 27.37 -31.06 3.11
CA GLU D 30 26.49 -32.02 2.49
C GLU D 30 25.05 -31.47 2.45
N LEU D 31 24.58 -30.87 3.55
CA LEU D 31 23.23 -30.32 3.59
C LEU D 31 23.05 -29.35 2.43
N PHE D 32 24.09 -28.55 2.17
CA PHE D 32 24.01 -27.47 1.22
C PHE D 32 24.00 -28.03 -0.20
N ARG D 33 24.89 -29.00 -0.49
CA ARG D 33 24.97 -29.55 -1.84
C ARG D 33 23.66 -30.28 -2.18
N THR D 34 23.05 -30.96 -1.21
CA THR D 34 21.84 -31.70 -1.49
C THR D 34 20.61 -30.79 -1.49
N ASP D 35 20.74 -29.56 -0.98
CA ASP D 35 19.72 -28.52 -0.98
C ASP D 35 18.63 -28.87 0.05
N THR D 36 19.05 -29.51 1.14
CA THR D 36 18.15 -29.97 2.21
C THR D 36 18.31 -29.10 3.48
N MET D 37 19.06 -28.00 3.37
CA MET D 37 19.57 -27.26 4.54
C MET D 37 18.49 -26.30 5.08
N TRP D 38 17.46 -26.03 4.26
CA TRP D 38 16.34 -25.12 4.54
C TRP D 38 15.58 -25.49 5.81
N PRO D 39 15.00 -26.71 5.95
CA PRO D 39 14.22 -27.04 7.13
C PRO D 39 14.97 -26.89 8.45
N TYR D 40 16.28 -27.14 8.43
CA TYR D 40 17.07 -27.01 9.62
C TYR D 40 17.14 -25.53 10.07
N PHE D 41 17.38 -24.61 9.12
CA PHE D 41 17.38 -23.16 9.37
C PHE D 41 15.97 -22.68 9.76
N GLU D 42 14.94 -23.24 9.12
CA GLU D 42 13.56 -22.88 9.38
C GLU D 42 13.20 -23.21 10.83
N ARG D 43 13.72 -24.31 11.35
CA ARG D 43 13.44 -24.74 12.72
C ARG D 43 14.25 -23.91 13.73
N LEU D 44 15.53 -23.62 13.42
CA LEU D 44 16.37 -22.81 14.27
C LEU D 44 15.79 -21.39 14.36
N ARG D 45 15.28 -20.87 13.24
CA ARG D 45 14.78 -19.50 13.18
C ARG D 45 13.60 -19.32 14.13
N LYS D 46 12.95 -20.42 14.51
CA LYS D 46 11.76 -20.42 15.38
C LYS D 46 12.10 -20.75 16.84
N GLU D 47 12.79 -21.89 17.06
CA GLU D 47 13.01 -22.50 18.38
C GLU D 47 14.45 -22.36 18.93
N ASP D 48 15.40 -21.85 18.12
CA ASP D 48 16.74 -21.48 18.63
C ASP D 48 17.45 -20.50 17.68
N PRO D 49 16.93 -19.25 17.56
CA PRO D 49 17.45 -18.31 16.57
C PRO D 49 18.94 -18.00 16.67
N VAL D 50 19.48 -18.09 17.88
CA VAL D 50 20.91 -17.97 18.09
C VAL D 50 21.37 -19.30 18.67
N HIS D 51 22.04 -20.10 17.86
CA HIS D 51 22.11 -21.53 18.09
C HIS D 51 23.56 -21.99 18.15
N TRP D 52 23.99 -22.38 19.36
CA TRP D 52 25.20 -23.08 19.51
C TRP D 52 25.08 -24.46 18.87
N GLY D 53 26.07 -24.80 18.02
CA GLY D 53 26.31 -26.13 17.49
C GLY D 53 27.80 -26.42 17.35
N VAL D 54 28.10 -27.69 17.06
CA VAL D 54 29.46 -28.18 16.92
C VAL D 54 29.53 -28.97 15.61
N SER D 55 30.64 -28.81 14.89
CA SER D 55 30.93 -29.58 13.70
C SER D 55 31.86 -30.73 14.09
N PRO D 56 31.77 -31.91 13.40
CA PRO D 56 32.79 -32.94 13.48
C PRO D 56 34.22 -32.46 13.19
N HIS D 57 34.39 -31.51 12.26
CA HIS D 57 35.75 -31.07 11.82
C HIS D 57 36.37 -30.14 12.88
N GLU D 58 37.65 -30.34 13.23
CA GLU D 58 38.32 -29.54 14.27
C GLU D 58 38.31 -28.05 13.92
N ASP D 59 38.85 -27.76 12.71
CA ASP D 59 39.12 -26.40 12.24
C ASP D 59 37.89 -25.54 12.56
N VAL D 60 36.69 -26.17 12.56
CA VAL D 60 35.41 -25.50 12.80
C VAL D 60 35.05 -25.55 14.30
N GLY D 61 34.97 -26.74 14.89
CA GLY D 61 34.62 -26.89 16.29
C GLY D 61 33.22 -26.36 16.58
N GLY D 62 33.04 -25.74 17.75
CA GLY D 62 31.77 -25.13 18.14
C GLY D 62 31.72 -23.69 17.69
N TYR D 63 30.50 -23.23 17.41
CA TYR D 63 30.26 -21.90 16.84
C TYR D 63 28.79 -21.52 17.02
N TRP D 64 28.53 -20.22 17.06
CA TRP D 64 27.18 -19.66 17.11
C TRP D 64 26.60 -19.53 15.69
N SER D 65 25.38 -20.00 15.51
CA SER D 65 24.70 -19.85 14.25
C SER D 65 23.61 -18.77 14.42
N VAL D 66 23.78 -17.62 13.74
CA VAL D 66 22.81 -16.48 13.80
C VAL D 66 21.91 -16.51 12.54
N THR D 67 20.63 -16.88 12.73
CA THR D 67 19.78 -17.32 11.63
C THR D 67 18.74 -16.28 11.19
N LYS D 68 18.49 -15.22 11.97
CA LYS D 68 17.39 -14.29 11.70
C LYS D 68 17.89 -12.92 11.23
N TYR D 69 17.02 -12.22 10.47
CA TYR D 69 17.34 -11.01 9.67
C TYR D 69 17.90 -9.87 10.54
N ASN D 70 17.11 -9.40 11.51
CA ASN D 70 17.50 -8.28 12.41
C ASN D 70 18.70 -8.68 13.28
N ASP D 71 18.71 -9.90 13.85
CA ASP D 71 19.85 -10.41 14.64
C ASP D 71 21.15 -10.33 13.82
N ILE D 72 21.07 -10.70 12.53
CA ILE D 72 22.22 -10.77 11.63
C ILE D 72 22.80 -9.35 11.45
N MET D 73 21.94 -8.39 11.15
CA MET D 73 22.32 -6.97 11.00
C MET D 73 23.05 -6.44 12.24
N ALA D 74 22.56 -6.80 13.43
CA ALA D 74 23.07 -6.38 14.71
C ALA D 74 24.52 -6.84 14.91
N VAL D 75 24.88 -8.01 14.35
CA VAL D 75 26.26 -8.58 14.40
C VAL D 75 27.13 -7.95 13.30
N ASP D 76 26.52 -7.78 12.13
CA ASP D 76 27.21 -7.34 10.95
C ASP D 76 27.61 -5.87 11.16
N THR D 77 26.67 -5.03 11.59
CA THR D 77 26.95 -3.60 11.76
C THR D 77 27.90 -3.36 12.94
N ASN D 78 27.99 -4.30 13.90
CA ASN D 78 28.76 -4.04 15.12
C ASN D 78 30.14 -4.68 15.05
N HIS D 79 31.08 -3.97 14.40
CA HIS D 79 32.44 -4.45 14.20
C HIS D 79 33.25 -4.37 15.49
N GLU D 80 32.84 -3.52 16.45
CA GLU D 80 33.59 -3.26 17.69
C GLU D 80 33.60 -4.52 18.58
N VAL D 81 32.47 -5.23 18.61
CA VAL D 81 32.33 -6.51 19.33
C VAL D 81 32.70 -7.69 18.41
N PHE D 82 32.06 -7.74 17.23
CA PHE D 82 32.22 -8.83 16.27
C PHE D 82 33.32 -8.48 15.25
N SER D 83 34.45 -9.16 15.36
CA SER D 83 35.66 -8.88 14.59
C SER D 83 35.74 -9.80 13.35
N SER D 84 36.15 -9.22 12.21
CA SER D 84 36.38 -10.00 11.00
C SER D 84 37.77 -10.64 11.02
N GLU D 85 38.56 -10.41 12.09
CA GLU D 85 39.88 -11.02 12.31
C GLU D 85 39.76 -12.22 13.23
N PRO D 86 40.37 -13.35 12.89
CA PRO D 86 41.41 -13.51 11.87
C PRO D 86 40.94 -14.02 10.51
N THR D 87 39.68 -14.47 10.39
CA THR D 87 39.09 -14.85 9.11
C THR D 87 37.56 -14.71 9.18
N ILE D 88 36.91 -14.94 8.03
CA ILE D 88 35.47 -14.70 7.83
C ILE D 88 34.75 -15.95 7.35
N VAL D 89 35.43 -17.09 7.40
CA VAL D 89 34.84 -18.39 7.23
C VAL D 89 35.05 -19.11 8.56
N LEU D 90 34.28 -20.17 8.79
CA LEU D 90 34.29 -20.86 10.09
C LEU D 90 35.64 -21.51 10.38
N PRO D 91 36.18 -22.39 9.48
CA PRO D 91 37.47 -23.04 9.72
C PRO D 91 38.62 -22.06 9.97
N ASP D 92 39.41 -22.35 11.03
CA ASP D 92 40.47 -21.42 11.46
C ASP D 92 41.56 -21.37 10.39
N PRO D 93 42.26 -20.23 10.21
CA PRO D 93 43.13 -20.04 9.07
C PRO D 93 44.28 -21.03 9.19
N ALA D 94 44.80 -21.49 8.04
CA ALA D 94 46.06 -22.21 7.92
C ALA D 94 47.14 -21.20 7.49
N ASP D 95 48.21 -21.67 6.84
CA ASP D 95 49.13 -20.74 6.19
C ASP D 95 49.46 -21.25 4.77
N ASP D 96 48.45 -21.16 3.87
CA ASP D 96 48.56 -21.40 2.41
C ASP D 96 48.20 -20.12 1.64
N LEU D 99 48.83 -13.72 1.95
CA LEU D 99 48.46 -12.44 1.28
C LEU D 99 47.42 -11.70 2.11
N PRO D 100 47.50 -10.36 2.20
CA PRO D 100 46.50 -9.55 2.93
C PRO D 100 45.13 -9.35 2.26
N MET D 101 44.11 -9.91 2.92
CA MET D 101 42.71 -9.74 2.57
C MET D 101 42.09 -8.72 3.54
N PHE D 102 41.64 -7.58 3.02
CA PHE D 102 41.07 -6.53 3.88
C PHE D 102 39.63 -6.86 4.31
N ILE D 103 39.06 -7.96 3.83
CA ILE D 103 37.78 -8.44 4.33
C ILE D 103 38.00 -9.02 5.73
N ALA D 104 39.21 -9.57 5.98
CA ALA D 104 39.59 -10.22 7.28
C ALA D 104 40.41 -9.28 8.17
N MET D 105 40.24 -7.96 7.97
CA MET D 105 40.90 -6.84 8.70
C MET D 105 39.85 -5.92 9.32
N ASP D 106 40.22 -5.23 10.42
CA ASP D 106 39.27 -4.50 11.24
C ASP D 106 39.43 -2.99 11.05
N PRO D 107 38.30 -2.25 11.22
CA PRO D 107 38.10 -0.83 10.89
C PRO D 107 39.16 0.28 10.83
N PRO D 108 40.15 0.38 11.74
CA PRO D 108 41.20 1.38 11.48
C PRO D 108 41.79 1.11 10.08
N LYS D 109 42.42 -0.07 9.96
CA LYS D 109 43.29 -0.45 8.82
C LYS D 109 42.41 -0.87 7.63
N HIS D 110 41.23 -1.44 7.91
CA HIS D 110 40.29 -1.93 6.87
C HIS D 110 39.80 -0.78 5.99
N ASP D 111 39.50 0.33 6.66
CA ASP D 111 38.98 1.55 6.06
C ASP D 111 39.95 2.05 4.98
N VAL D 112 41.25 2.01 5.31
CA VAL D 112 42.30 2.59 4.48
C VAL D 112 42.40 1.84 3.14
N GLN D 113 42.35 0.51 3.24
CA GLN D 113 42.64 -0.42 2.15
C GLN D 113 41.45 -0.47 1.19
N ARG D 114 40.25 -0.47 1.75
CA ARG D 114 39.04 -0.47 0.98
C ARG D 114 38.98 0.78 0.10
N LYS D 115 39.60 1.88 0.58
CA LYS D 115 39.58 3.18 -0.13
C LYS D 115 40.35 3.08 -1.44
N THR D 116 41.36 2.19 -1.48
CA THR D 116 42.15 1.94 -2.65
C THR D 116 41.27 1.35 -3.77
N VAL D 117 40.26 0.53 -3.44
CA VAL D 117 39.49 -0.22 -4.47
C VAL D 117 38.16 0.44 -4.79
N GLN D 118 37.86 1.62 -4.22
CA GLN D 118 36.58 2.32 -4.50
C GLN D 118 36.64 2.99 -5.88
N PRO D 119 37.77 3.60 -6.30
CA PRO D 119 37.86 4.17 -7.65
C PRO D 119 37.55 3.27 -8.86
N ILE D 120 37.81 1.96 -8.76
CA ILE D 120 37.64 0.97 -9.89
C ILE D 120 36.18 0.47 -9.98
N VAL D 121 35.40 0.69 -8.91
CA VAL D 121 33.95 0.38 -8.83
C VAL D 121 33.17 1.68 -8.58
N ALA D 122 33.77 2.81 -8.99
CA ALA D 122 33.10 4.08 -8.93
C ALA D 122 32.08 4.16 -10.05
N PRO D 123 31.00 4.93 -9.86
CA PRO D 123 29.98 5.10 -10.89
C PRO D 123 30.48 5.50 -12.28
N ASN D 124 31.41 6.44 -12.37
CA ASN D 124 31.81 6.98 -13.70
C ASN D 124 32.61 5.94 -14.49
N HIS D 125 33.37 5.08 -13.78
CA HIS D 125 34.09 3.95 -14.42
C HIS D 125 33.07 2.94 -14.98
N LEU D 126 32.10 2.57 -14.13
CA LEU D 126 31.03 1.64 -14.49
C LEU D 126 30.37 2.13 -15.79
N ALA D 127 30.14 3.44 -15.88
CA ALA D 127 29.49 4.03 -17.02
C ALA D 127 30.34 3.79 -18.26
N TYR D 128 31.66 3.84 -18.08
CA TYR D 128 32.61 3.57 -19.17
C TYR D 128 32.62 2.07 -19.54
N LEU D 129 32.53 1.19 -18.54
CA LEU D 129 32.59 -0.25 -18.74
C LEU D 129 31.33 -0.82 -19.39
N GLU D 130 30.18 -0.16 -19.24
CA GLU D 130 28.89 -0.73 -19.66
C GLU D 130 28.92 -1.08 -21.13
N PRO D 131 29.17 -0.11 -22.06
CA PRO D 131 29.14 -0.38 -23.50
C PRO D 131 30.03 -1.56 -23.94
N ILE D 132 31.14 -1.72 -23.21
CA ILE D 132 32.13 -2.74 -23.44
C ILE D 132 31.62 -4.10 -22.93
N ILE D 133 31.16 -4.16 -21.67
CA ILE D 133 30.61 -5.41 -21.08
C ILE D 133 29.49 -5.91 -21.98
N ARG D 134 28.59 -5.00 -22.37
CA ARG D 134 27.44 -5.28 -23.25
C ARG D 134 27.91 -5.95 -24.54
N GLU D 135 28.90 -5.35 -25.18
CA GLU D 135 29.35 -5.79 -26.46
C GLU D 135 29.92 -7.22 -26.32
N ARG D 136 30.68 -7.44 -25.24
CA ARG D 136 31.45 -8.67 -25.01
C ARG D 136 30.54 -9.79 -24.50
N ALA D 137 29.51 -9.44 -23.73
CA ALA D 137 28.48 -10.40 -23.32
C ALA D 137 27.80 -10.93 -24.59
N GLY D 138 27.39 -10.00 -25.46
CA GLY D 138 26.72 -10.35 -26.70
C GLY D 138 27.43 -11.48 -27.45
N LYS D 139 28.74 -11.32 -27.63
CA LYS D 139 29.57 -12.20 -28.46
C LYS D 139 29.70 -13.60 -27.82
N ILE D 140 29.71 -13.65 -26.49
CA ILE D 140 29.70 -14.92 -25.75
C ILE D 140 28.36 -15.63 -25.94
N LEU D 141 27.29 -14.84 -26.00
CA LEU D 141 25.95 -15.34 -26.17
C LEU D 141 25.68 -15.68 -27.64
N ASP D 142 26.33 -14.97 -28.58
CA ASP D 142 26.17 -15.17 -30.04
C ASP D 142 26.89 -16.45 -30.51
N ASP D 143 27.82 -16.94 -29.68
CA ASP D 143 28.57 -18.18 -29.89
C ASP D 143 28.03 -19.40 -29.12
N LEU D 144 26.85 -19.34 -28.49
CA LEU D 144 26.31 -20.53 -27.82
C LEU D 144 25.57 -21.40 -28.83
N PRO D 145 25.61 -22.74 -28.63
CA PRO D 145 24.93 -23.67 -29.52
C PRO D 145 23.43 -23.67 -29.22
N ILE D 146 22.64 -23.96 -30.27
CA ILE D 146 21.20 -23.96 -30.16
C ILE D 146 20.74 -25.40 -30.35
N GLY D 147 19.73 -25.79 -29.56
CA GLY D 147 19.08 -27.08 -29.66
C GLY D 147 20.02 -28.20 -29.26
N GLU D 148 20.94 -27.87 -28.36
CA GLU D 148 21.99 -28.74 -27.83
C GLU D 148 22.07 -28.49 -26.32
N GLU D 149 22.26 -29.57 -25.55
CA GLU D 149 22.40 -29.49 -24.09
C GLU D 149 23.82 -29.08 -23.72
N ILE D 150 23.92 -28.02 -22.91
CA ILE D 150 25.18 -27.52 -22.40
C ILE D 150 25.15 -27.56 -20.86
N ASN D 151 26.34 -27.48 -20.27
CA ASN D 151 26.46 -27.16 -18.87
C ASN D 151 26.48 -25.64 -18.79
N TRP D 152 25.39 -25.06 -18.32
CA TRP D 152 25.26 -23.62 -18.38
C TRP D 152 26.39 -22.97 -17.59
N VAL D 153 26.84 -23.63 -16.53
CA VAL D 153 27.84 -23.07 -15.64
C VAL D 153 29.13 -22.79 -16.40
N ASP D 154 29.59 -23.79 -17.17
CA ASP D 154 30.87 -23.76 -17.87
C ASP D 154 30.78 -22.91 -19.15
N LYS D 155 29.62 -22.94 -19.81
CA LYS D 155 29.50 -22.44 -21.18
C LYS D 155 29.02 -20.99 -21.21
N VAL D 156 28.37 -20.53 -20.14
CA VAL D 156 27.77 -19.23 -20.08
C VAL D 156 28.31 -18.50 -18.86
N SER D 157 27.99 -19.02 -17.66
CA SER D 157 28.24 -18.34 -16.38
C SER D 157 29.73 -17.97 -16.20
N ILE D 158 30.61 -18.93 -16.48
CA ILE D 158 32.04 -18.73 -16.24
C ILE D 158 32.63 -17.85 -17.36
N GLU D 159 32.10 -17.99 -18.57
CA GLU D 159 32.53 -17.17 -19.68
C GLU D 159 32.23 -15.70 -19.36
N LEU D 160 30.95 -15.41 -19.09
CA LEU D 160 30.48 -14.07 -18.85
C LEU D 160 31.19 -13.46 -17.64
N THR D 161 31.42 -14.27 -16.60
CA THR D 161 32.00 -13.78 -15.35
C THR D 161 33.48 -13.48 -15.60
N THR D 162 34.17 -14.40 -16.28
CA THR D 162 35.56 -14.19 -16.62
C THR D 162 35.67 -12.91 -17.43
N MET D 163 34.69 -12.70 -18.32
CA MET D 163 34.67 -11.53 -19.16
C MET D 163 34.63 -10.27 -18.29
N THR D 164 33.73 -10.24 -17.31
CA THR D 164 33.47 -9.01 -16.56
C THR D 164 34.72 -8.60 -15.77
N LEU D 165 35.39 -9.59 -15.16
CA LEU D 165 36.61 -9.36 -14.37
C LEU D 165 37.74 -8.82 -15.25
N ALA D 166 37.95 -9.46 -16.40
CA ALA D 166 38.91 -9.00 -17.39
C ALA D 166 38.61 -7.53 -17.73
N THR D 167 37.32 -7.23 -17.94
CA THR D 167 36.96 -5.96 -18.47
C THR D 167 37.22 -4.89 -17.41
N LEU D 168 36.87 -5.20 -16.16
CA LEU D 168 37.03 -4.27 -15.01
C LEU D 168 38.49 -3.75 -14.91
N PHE D 169 39.46 -4.67 -15.04
CA PHE D 169 40.92 -4.41 -14.88
C PHE D 169 41.65 -4.21 -16.23
N ASP D 170 40.92 -4.23 -17.35
CA ASP D 170 41.46 -4.21 -18.72
C ASP D 170 42.60 -5.23 -18.87
N PHE D 171 42.27 -6.51 -18.64
CA PHE D 171 43.19 -7.63 -18.84
C PHE D 171 43.07 -8.12 -20.27
N PRO D 172 44.21 -8.45 -20.93
CA PRO D 172 44.30 -8.67 -22.37
C PRO D 172 43.05 -9.10 -23.18
N TRP D 173 42.46 -10.24 -22.83
CA TRP D 173 41.36 -10.87 -23.63
C TRP D 173 41.97 -11.68 -24.79
N ASN D 205 52.05 -2.02 -23.17
CA ASN D 205 51.67 -3.43 -23.32
C ASN D 205 52.58 -4.36 -22.50
N LEU D 206 53.91 -4.12 -22.47
CA LEU D 206 54.87 -4.90 -21.61
C LEU D 206 54.45 -4.77 -20.14
N ARG D 207 53.90 -3.61 -19.77
CA ARG D 207 53.47 -3.29 -18.41
C ARG D 207 52.08 -3.89 -18.15
N ARG D 208 51.17 -3.73 -19.11
CA ARG D 208 49.77 -4.22 -19.06
C ARG D 208 49.69 -5.75 -19.04
N GLN D 209 50.54 -6.40 -19.86
CA GLN D 209 50.62 -7.85 -19.94
C GLN D 209 51.23 -8.43 -18.65
N THR D 210 52.25 -7.74 -18.10
CA THR D 210 53.00 -8.18 -16.90
C THR D 210 52.13 -8.17 -15.62
N LEU D 211 51.19 -7.23 -15.57
CA LEU D 211 50.28 -7.18 -14.46
C LEU D 211 49.33 -8.38 -14.49
N PHE D 212 48.80 -8.71 -15.67
CA PHE D 212 47.93 -9.88 -15.79
C PHE D 212 48.63 -11.14 -15.28
N GLU D 213 49.91 -11.33 -15.66
CA GLU D 213 50.66 -12.54 -15.34
C GLU D 213 50.94 -12.58 -13.84
N CYS D 214 51.19 -11.39 -13.27
CA CYS D 214 51.34 -11.19 -11.83
C CYS D 214 50.10 -11.67 -11.09
N VAL D 215 48.94 -11.19 -11.54
CA VAL D 215 47.67 -11.58 -10.99
C VAL D 215 47.44 -13.09 -11.17
N ASP D 216 47.54 -13.57 -12.42
CA ASP D 216 47.33 -14.99 -12.74
C ASP D 216 48.15 -15.85 -11.77
N TYR D 217 49.42 -15.50 -11.56
CA TYR D 217 50.34 -16.25 -10.69
C TYR D 217 49.77 -16.44 -9.28
N PHE D 218 49.28 -15.34 -8.68
CA PHE D 218 48.81 -15.34 -7.30
C PHE D 218 47.40 -15.91 -7.16
N MET D 219 46.59 -15.76 -8.23
CA MET D 219 45.31 -16.43 -8.34
C MET D 219 45.48 -17.96 -8.31
N ARG D 220 46.46 -18.49 -9.05
CA ARG D 220 46.71 -19.94 -9.08
C ARG D 220 47.10 -20.43 -7.69
N LEU D 221 47.75 -19.57 -6.89
CA LEU D 221 48.23 -19.90 -5.54
C LEU D 221 47.09 -19.80 -4.51
N TRP D 222 46.15 -18.88 -4.73
CA TRP D 222 44.90 -18.89 -4.00
C TRP D 222 44.26 -20.29 -4.14
N ASN D 223 43.82 -20.67 -5.34
CA ASN D 223 43.07 -21.94 -5.55
C ASN D 223 43.79 -23.11 -4.87
N GLU D 224 45.13 -23.10 -4.94
CA GLU D 224 45.96 -24.15 -4.34
C GLU D 224 45.66 -24.27 -2.84
N ARG D 249 53.64 -4.72 2.26
CA ARG D 249 54.47 -4.66 1.06
C ARG D 249 53.62 -5.18 -0.10
N MET D 250 52.76 -6.17 0.19
CA MET D 250 51.92 -6.85 -0.79
C MET D 250 50.52 -6.22 -0.81
N GLU D 251 50.43 -5.00 -0.29
CA GLU D 251 49.22 -4.42 0.29
C GLU D 251 48.14 -4.18 -0.77
N TYR D 252 48.54 -3.90 -2.01
CA TYR D 252 47.63 -3.51 -3.09
C TYR D 252 47.32 -4.71 -3.99
N LEU D 253 48.19 -5.72 -3.93
CA LEU D 253 48.03 -6.91 -4.72
C LEU D 253 46.87 -7.71 -4.12
N GLY D 254 46.89 -7.90 -2.80
CA GLY D 254 45.80 -8.58 -2.06
C GLY D 254 44.45 -7.94 -2.31
N ASN D 255 44.44 -6.60 -2.19
CA ASN D 255 43.28 -5.74 -2.47
C ASN D 255 42.74 -6.02 -3.90
N LEU D 256 43.61 -6.19 -4.90
CA LEU D 256 43.16 -6.50 -6.23
C LEU D 256 42.60 -7.93 -6.30
N ILE D 257 43.30 -8.89 -5.70
CA ILE D 257 42.91 -10.32 -5.69
C ILE D 257 41.53 -10.44 -5.00
N LEU D 258 41.36 -9.74 -3.88
CA LEU D 258 40.13 -9.83 -3.11
C LEU D 258 38.93 -9.44 -3.98
N LEU D 259 39.07 -8.37 -4.77
CA LEU D 259 38.05 -7.96 -5.74
C LEU D 259 37.72 -9.14 -6.66
N ILE D 260 38.76 -9.78 -7.19
CA ILE D 260 38.59 -10.85 -8.18
C ILE D 260 37.85 -11.99 -7.46
N VAL D 261 38.45 -12.49 -6.37
CA VAL D 261 37.85 -13.54 -5.59
C VAL D 261 36.40 -13.17 -5.28
N GLY D 262 36.19 -11.96 -4.75
CA GLY D 262 34.93 -11.54 -4.21
C GLY D 262 33.79 -11.53 -5.22
N GLY D 263 34.14 -11.27 -6.50
CA GLY D 263 33.17 -11.10 -7.59
C GLY D 263 33.15 -12.26 -8.59
N ASN D 264 34.10 -13.18 -8.46
CA ASN D 264 34.27 -14.22 -9.43
C ASN D 264 33.17 -15.27 -9.26
N ASP D 265 33.19 -16.02 -8.15
CA ASP D 265 32.22 -17.12 -7.94
C ASP D 265 30.81 -16.58 -7.64
N THR D 266 30.70 -15.34 -7.16
CA THR D 266 29.40 -14.76 -6.74
C THR D 266 28.56 -14.36 -7.97
N THR D 267 29.14 -13.54 -8.87
CA THR D 267 28.52 -13.20 -10.17
C THR D 267 28.09 -14.51 -10.87
N ARG D 268 28.99 -15.49 -10.82
CA ARG D 268 28.86 -16.75 -11.51
C ARG D 268 27.55 -17.44 -11.12
N ASN D 269 27.32 -17.52 -9.80
CA ASN D 269 26.29 -18.36 -9.22
C ASN D 269 24.94 -17.63 -9.25
N THR D 270 24.98 -16.32 -9.37
CA THR D 270 23.82 -15.48 -9.50
C THR D 270 23.30 -15.66 -10.93
N ILE D 271 24.23 -15.79 -11.91
CA ILE D 271 23.86 -16.00 -13.35
C ILE D 271 23.17 -17.36 -13.52
N SER D 272 23.86 -18.43 -13.08
CA SER D 272 23.30 -19.80 -12.96
C SER D 272 21.99 -19.83 -12.13
N GLY D 273 22.01 -19.16 -10.97
CA GLY D 273 20.84 -18.98 -10.11
C GLY D 273 19.62 -18.55 -10.91
N SER D 274 19.70 -17.38 -11.56
CA SER D 274 18.62 -16.75 -12.35
C SER D 274 17.91 -17.78 -13.21
N VAL D 275 18.70 -18.48 -14.04
CA VAL D 275 18.21 -19.41 -15.02
C VAL D 275 17.35 -20.47 -14.33
N LEU D 276 17.84 -21.00 -13.21
CA LEU D 276 17.15 -22.06 -12.47
C LEU D 276 15.83 -21.55 -11.87
N ALA D 277 15.86 -20.32 -11.36
CA ALA D 277 14.77 -19.72 -10.65
C ALA D 277 13.60 -19.47 -11.60
N LEU D 278 13.93 -19.01 -12.80
CA LEU D 278 12.92 -18.76 -13.81
C LEU D 278 12.35 -20.09 -14.35
N HIS D 279 13.16 -21.15 -14.39
CA HIS D 279 12.69 -22.48 -14.76
C HIS D 279 11.63 -22.93 -13.76
N GLN D 280 11.98 -22.83 -12.48
CA GLN D 280 11.16 -23.30 -11.39
C GLN D 280 9.84 -22.50 -11.33
N ASN D 281 9.82 -21.26 -11.83
CA ASN D 281 8.71 -20.34 -11.64
C ASN D 281 8.35 -19.69 -12.99
N PRO D 282 7.65 -20.43 -13.88
CA PRO D 282 7.33 -19.93 -15.23
C PRO D 282 6.47 -18.66 -15.26
N ASP D 283 5.59 -18.50 -14.28
CA ASP D 283 4.76 -17.29 -14.14
C ASP D 283 5.64 -16.04 -14.05
N GLN D 284 6.77 -16.16 -13.34
CA GLN D 284 7.74 -15.06 -13.17
C GLN D 284 8.53 -14.84 -14.46
N ASP D 285 8.88 -15.92 -15.16
CA ASP D 285 9.58 -15.81 -16.42
C ASP D 285 8.70 -15.07 -17.43
N ARG D 286 7.42 -15.43 -17.45
CA ARG D 286 6.44 -14.85 -18.36
C ARG D 286 6.42 -13.34 -18.11
N LYS D 287 6.32 -12.93 -16.84
CA LYS D 287 6.19 -11.50 -16.44
C LYS D 287 7.45 -10.73 -16.87
N LEU D 288 8.61 -11.35 -16.69
CA LEU D 288 9.85 -10.72 -16.96
C LEU D 288 9.91 -10.42 -18.45
N ARG D 289 9.59 -11.42 -19.28
CA ARG D 289 9.75 -11.32 -20.76
C ARG D 289 8.68 -10.40 -21.37
N GLU D 290 7.52 -10.28 -20.69
CA GLU D 290 6.43 -9.40 -21.08
C GLU D 290 6.81 -7.94 -20.81
N ASN D 291 7.44 -7.67 -19.66
CA ASN D 291 7.87 -6.31 -19.28
C ASN D 291 9.35 -6.33 -18.88
N PRO D 292 10.30 -6.18 -19.82
CA PRO D 292 11.73 -6.16 -19.50
C PRO D 292 12.21 -5.04 -18.56
N GLY D 293 11.34 -4.12 -18.18
CA GLY D 293 11.67 -3.11 -17.18
C GLY D 293 11.96 -3.72 -15.84
N LEU D 294 11.48 -4.97 -15.65
CA LEU D 294 11.56 -5.75 -14.40
C LEU D 294 12.94 -6.40 -14.11
N ILE D 295 13.88 -6.33 -15.06
CA ILE D 295 15.16 -7.04 -14.95
C ILE D 295 15.85 -6.67 -13.64
N PRO D 296 16.10 -5.37 -13.33
CA PRO D 296 16.71 -4.96 -12.06
C PRO D 296 15.97 -5.50 -10.82
N ALA D 297 14.63 -5.53 -10.86
CA ALA D 297 13.83 -6.18 -9.80
C ALA D 297 14.22 -7.67 -9.69
N MET D 298 14.32 -8.36 -10.83
CA MET D 298 14.61 -9.81 -10.90
C MET D 298 16.07 -10.11 -10.45
N VAL D 299 17.01 -9.21 -10.75
CA VAL D 299 18.39 -9.44 -10.35
C VAL D 299 18.50 -9.38 -8.84
N SER D 300 17.83 -8.39 -8.25
CA SER D 300 17.73 -8.21 -6.77
C SER D 300 17.17 -9.45 -6.08
N GLU D 301 16.10 -10.02 -6.65
CA GLU D 301 15.38 -11.13 -6.06
C GLU D 301 16.21 -12.40 -6.21
N THR D 302 16.90 -12.53 -7.34
CA THR D 302 17.80 -13.66 -7.51
C THR D 302 18.90 -13.57 -6.44
N ILE D 303 19.47 -12.38 -6.30
CA ILE D 303 20.55 -12.20 -5.36
C ILE D 303 20.09 -12.53 -3.95
N ARG D 304 18.81 -12.31 -3.64
CA ARG D 304 18.24 -12.69 -2.35
C ARG D 304 18.04 -14.21 -2.32
N TRP D 305 17.30 -14.70 -3.33
CA TRP D 305 16.81 -16.08 -3.43
C TRP D 305 17.99 -17.03 -3.38
N GLN D 306 18.82 -17.05 -4.42
CA GLN D 306 20.18 -17.57 -4.32
C GLN D 306 20.87 -16.73 -3.25
N THR D 307 21.71 -17.29 -2.41
CA THR D 307 22.43 -16.38 -1.54
C THR D 307 23.90 -16.72 -1.69
N PRO D 308 24.55 -16.25 -2.78
CA PRO D 308 25.80 -16.84 -3.27
C PRO D 308 26.84 -17.14 -2.19
N LEU D 309 27.04 -16.21 -1.26
CA LEU D 309 27.78 -16.45 -0.03
C LEU D 309 26.73 -16.55 1.07
N ALA D 310 26.69 -17.71 1.72
CA ALA D 310 25.61 -18.20 2.50
C ALA D 310 25.78 -17.76 3.94
N TYR D 311 27.01 -17.42 4.31
CA TYR D 311 27.29 -16.80 5.57
C TYR D 311 28.54 -15.95 5.47
N MET D 312 28.82 -15.25 6.57
CA MET D 312 30.15 -14.71 6.90
C MET D 312 30.32 -14.93 8.40
N ARG D 313 31.55 -15.24 8.85
CA ARG D 313 31.73 -15.42 10.28
C ARG D 313 32.46 -14.22 10.87
N ARG D 314 32.31 -14.08 12.19
CA ARG D 314 32.90 -13.05 12.99
C ARG D 314 33.42 -13.69 14.28
N ARG D 315 34.16 -12.93 15.09
CA ARG D 315 34.74 -13.40 16.36
C ARG D 315 34.41 -12.41 17.47
N ALA D 316 33.90 -12.88 18.61
CA ALA D 316 33.46 -11.96 19.66
C ALA D 316 34.66 -11.49 20.50
N LYS D 317 34.77 -10.17 20.69
CA LYS D 317 35.86 -9.56 21.45
C LYS D 317 35.51 -9.44 22.94
N ARG D 318 34.21 -9.37 23.26
CA ARG D 318 33.69 -9.37 24.66
C ARG D 318 32.42 -10.21 24.71
N ASP D 319 32.07 -10.71 25.89
CA ASP D 319 30.76 -11.34 26.07
C ASP D 319 29.71 -10.37 25.55
N PHE D 320 28.66 -10.91 24.94
CA PHE D 320 27.61 -10.09 24.35
C PHE D 320 26.30 -10.88 24.36
N GLU D 321 25.19 -10.18 24.61
CA GLU D 321 23.85 -10.78 24.73
C GLU D 321 23.10 -10.62 23.38
N LEU D 322 22.73 -11.75 22.77
CA LEU D 322 22.00 -11.73 21.53
C LEU D 322 21.01 -12.91 21.51
N GLY D 323 19.77 -12.60 21.06
CA GLY D 323 18.63 -13.52 21.12
C GLY D 323 18.57 -14.20 22.48
N GLY D 324 18.61 -13.40 23.54
CA GLY D 324 18.67 -13.88 24.93
C GLY D 324 19.68 -15.00 25.15
N LYS D 325 20.90 -14.85 24.63
CA LYS D 325 21.95 -15.84 24.85
C LYS D 325 23.30 -15.15 24.92
N THR D 326 24.20 -15.69 25.74
CA THR D 326 25.47 -15.01 26.03
C THR D 326 26.56 -15.63 25.15
N ILE D 327 26.83 -14.94 24.03
CA ILE D 327 27.97 -15.21 23.17
C ILE D 327 29.21 -14.74 23.93
N ARG D 328 30.12 -15.67 24.17
CA ARG D 328 31.24 -15.43 25.03
C ARG D 328 32.42 -14.94 24.18
N GLU D 329 33.51 -14.55 24.87
CA GLU D 329 34.65 -13.96 24.23
C GLU D 329 35.45 -15.04 23.51
N GLY D 330 35.87 -14.73 22.29
CA GLY D 330 36.64 -15.61 21.45
C GLY D 330 35.79 -16.51 20.57
N ASP D 331 34.46 -16.58 20.82
CA ASP D 331 33.52 -17.52 20.13
C ASP D 331 33.24 -17.04 18.70
N LYS D 332 33.09 -18.05 17.84
CA LYS D 332 32.78 -17.91 16.40
C LYS D 332 31.28 -17.65 16.23
N VAL D 333 30.96 -16.77 15.29
CA VAL D 333 29.62 -16.31 15.12
C VAL D 333 29.35 -16.26 13.61
N ALA D 334 28.70 -17.31 13.09
CA ALA D 334 28.27 -17.31 11.70
C ALA D 334 26.97 -16.49 11.54
N MET D 335 27.01 -15.51 10.62
CA MET D 335 25.84 -14.77 10.20
C MET D 335 25.29 -15.41 8.92
N TRP D 336 24.31 -16.31 9.06
CA TRP D 336 23.78 -17.14 7.98
C TRP D 336 22.80 -16.32 7.14
N TYR D 337 23.34 -15.49 6.27
CA TYR D 337 22.57 -14.70 5.31
C TYR D 337 21.45 -15.55 4.69
N VAL D 338 21.81 -16.80 4.37
CA VAL D 338 20.98 -17.66 3.53
C VAL D 338 19.64 -17.86 4.24
N SER D 339 19.67 -17.81 5.58
CA SER D 339 18.52 -18.02 6.45
C SER D 339 17.76 -16.72 6.66
N GLY D 340 18.48 -15.67 7.08
CA GLY D 340 17.94 -14.33 7.26
C GLY D 340 17.08 -13.93 6.09
N ASN D 341 17.60 -14.15 4.88
CA ASN D 341 16.91 -13.76 3.64
C ASN D 341 15.54 -14.47 3.53
N ARG D 342 15.24 -15.38 4.47
CA ARG D 342 13.99 -16.18 4.46
C ARG D 342 13.25 -16.15 5.81
N ASP D 343 13.52 -15.10 6.60
CA ASP D 343 12.91 -14.78 7.89
C ASP D 343 11.51 -14.18 7.64
N GLU D 344 10.45 -14.84 8.13
CA GLU D 344 9.05 -14.45 7.80
C GLU D 344 8.67 -13.14 8.52
N GLU D 345 9.43 -12.79 9.56
CA GLU D 345 9.14 -11.63 10.40
C GLU D 345 9.47 -10.33 9.67
N VAL D 346 10.47 -10.36 8.78
CA VAL D 346 10.88 -9.17 8.07
C VAL D 346 10.36 -9.20 6.62
N ILE D 347 10.33 -10.39 6.02
CA ILE D 347 10.16 -10.50 4.58
C ILE D 347 8.86 -11.25 4.28
N ASP D 348 8.04 -10.68 3.38
CA ASP D 348 6.79 -11.30 2.91
C ASP D 348 7.10 -12.56 2.09
N ARG D 349 6.44 -13.68 2.44
CA ARG D 349 6.45 -14.90 1.63
C ARG D 349 7.88 -15.26 1.22
N PRO D 350 8.76 -15.49 2.23
CA PRO D 350 10.21 -15.61 2.00
C PRO D 350 10.61 -16.64 0.95
N ASN D 351 9.96 -17.79 0.95
CA ASN D 351 10.40 -18.91 0.14
C ASN D 351 9.81 -18.82 -1.28
N ASP D 352 9.09 -17.73 -1.58
CA ASP D 352 8.66 -17.44 -2.95
C ASP D 352 9.78 -16.73 -3.75
N TYR D 353 9.85 -17.08 -5.04
CA TYR D 353 10.63 -16.32 -6.02
C TYR D 353 9.65 -15.38 -6.72
N TRP D 354 9.72 -14.10 -6.32
CA TRP D 354 8.73 -13.10 -6.61
C TRP D 354 9.44 -11.81 -7.04
N ILE D 355 9.45 -11.56 -8.35
CA ILE D 355 10.14 -10.41 -8.91
C ILE D 355 9.48 -9.12 -8.46
N GLU D 356 8.13 -9.08 -8.50
CA GLU D 356 7.32 -7.87 -8.22
C GLU D 356 6.96 -7.75 -6.73
N ARG D 357 7.69 -8.45 -5.84
CA ARG D 357 7.42 -8.40 -4.40
C ARG D 357 7.68 -6.97 -3.92
N PRO D 358 7.03 -6.51 -2.84
CA PRO D 358 7.42 -5.27 -2.18
C PRO D 358 8.78 -5.37 -1.48
N ARG D 359 9.60 -4.32 -1.65
CA ARG D 359 10.93 -4.15 -1.03
C ARG D 359 11.91 -5.24 -1.55
N VAL D 360 12.02 -5.34 -2.87
CA VAL D 360 12.84 -6.37 -3.52
C VAL D 360 14.33 -6.17 -3.18
N ARG D 361 14.71 -4.94 -2.83
CA ARG D 361 16.09 -4.59 -2.51
C ARG D 361 16.46 -5.03 -1.08
N GLN D 362 15.46 -5.11 -0.20
CA GLN D 362 15.68 -5.34 1.25
C GLN D 362 16.15 -6.79 1.47
N HIS D 363 17.49 -7.01 1.43
CA HIS D 363 18.04 -8.35 1.67
C HIS D 363 19.44 -8.24 2.25
N LEU D 364 19.96 -9.39 2.72
CA LEU D 364 21.22 -9.48 3.45
C LEU D 364 22.39 -9.90 2.55
N SER D 365 22.15 -10.21 1.27
CA SER D 365 23.14 -11.00 0.50
C SER D 365 24.49 -10.27 0.30
N PHE D 366 24.48 -8.94 0.44
CA PHE D 366 25.67 -8.11 0.28
C PHE D 366 26.22 -7.65 1.64
N GLY D 367 25.59 -8.08 2.73
CA GLY D 367 25.99 -7.73 4.10
C GLY D 367 25.44 -6.39 4.51
N PHE D 368 25.89 -5.89 5.68
CA PHE D 368 25.54 -4.55 6.22
C PHE D 368 26.67 -4.05 7.14
N GLY D 369 26.92 -2.73 7.15
CA GLY D 369 28.03 -2.15 7.89
C GLY D 369 29.26 -1.89 7.00
N VAL D 370 30.45 -1.87 7.63
CA VAL D 370 31.68 -1.37 6.99
C VAL D 370 32.15 -2.35 5.90
N HIS D 371 31.81 -3.64 6.05
CA HIS D 371 32.29 -4.67 5.14
C HIS D 371 31.35 -4.84 3.94
N ARG D 372 30.25 -4.06 3.89
CA ARG D 372 29.21 -4.25 2.88
C ARG D 372 29.87 -4.37 1.50
N CYS D 373 29.36 -5.27 0.68
CA CYS D 373 29.99 -5.62 -0.59
C CYS D 373 30.32 -4.35 -1.39
N VAL D 374 31.61 -4.06 -1.52
CA VAL D 374 32.09 -2.90 -2.23
C VAL D 374 31.68 -2.99 -3.70
N GLY D 375 31.46 -4.22 -4.21
CA GLY D 375 31.24 -4.46 -5.65
C GLY D 375 29.78 -4.58 -6.05
N ASN D 376 28.89 -4.35 -5.08
CA ASN D 376 27.49 -4.72 -5.21
C ASN D 376 26.87 -4.09 -6.45
N ARG D 377 27.22 -2.84 -6.78
CA ARG D 377 26.56 -2.08 -7.86
C ARG D 377 27.06 -2.53 -9.24
N LEU D 378 28.35 -2.89 -9.28
CA LEU D 378 28.96 -3.51 -10.42
C LEU D 378 28.29 -4.88 -10.64
N ALA D 379 27.98 -5.58 -9.55
CA ALA D 379 27.32 -6.90 -9.62
C ALA D 379 25.92 -6.80 -10.26
N GLU D 380 25.16 -5.78 -9.87
CA GLU D 380 23.79 -5.56 -10.31
C GLU D 380 23.79 -5.02 -11.75
N LEU D 381 24.81 -4.25 -12.12
CA LEU D 381 24.95 -3.71 -13.50
C LEU D 381 25.35 -4.83 -14.47
N GLN D 382 26.36 -5.63 -14.12
CA GLN D 382 26.82 -6.75 -14.94
C GLN D 382 25.62 -7.61 -15.32
N LEU D 383 24.94 -8.09 -14.27
CA LEU D 383 23.81 -9.00 -14.35
C LEU D 383 22.65 -8.35 -15.09
N LYS D 384 22.46 -7.03 -14.89
CA LYS D 384 21.46 -6.25 -15.62
C LYS D 384 21.72 -6.36 -17.12
N ILE D 385 22.96 -6.09 -17.52
CA ILE D 385 23.35 -6.07 -18.92
C ILE D 385 23.27 -7.50 -19.48
N ILE D 386 23.71 -8.47 -18.67
CA ILE D 386 23.71 -9.88 -19.10
C ILE D 386 22.29 -10.22 -19.55
N TRP D 387 21.30 -9.88 -18.71
CA TRP D 387 19.91 -10.36 -18.83
C TRP D 387 19.17 -9.55 -19.91
N GLU D 388 19.61 -8.32 -20.17
CA GLU D 388 19.08 -7.56 -21.30
C GLU D 388 19.44 -8.31 -22.59
N GLU D 389 20.71 -8.71 -22.71
CA GLU D 389 21.22 -9.34 -23.91
C GLU D 389 20.73 -10.80 -24.02
N ILE D 390 20.43 -11.45 -22.88
CA ILE D 390 19.88 -12.82 -22.90
C ILE D 390 18.44 -12.81 -23.45
N LEU D 391 17.62 -11.88 -22.96
CA LEU D 391 16.22 -11.82 -23.36
C LEU D 391 16.13 -11.42 -24.84
N ALA D 392 16.97 -10.48 -25.26
CA ALA D 392 17.03 -10.07 -26.66
C ALA D 392 17.08 -11.31 -27.55
N ARG D 393 17.95 -12.26 -27.18
CA ARG D 393 18.34 -13.34 -28.07
C ARG D 393 17.46 -14.57 -27.87
N PHE D 394 17.26 -14.98 -26.62
CA PHE D 394 16.65 -16.27 -26.35
C PHE D 394 15.26 -16.08 -25.73
N PRO D 395 14.18 -16.62 -26.36
CA PRO D 395 12.87 -16.63 -25.71
C PRO D 395 12.79 -17.65 -24.56
N ARG D 396 13.53 -18.76 -24.66
CA ARG D 396 13.44 -19.89 -23.73
C ARG D 396 14.87 -20.29 -23.35
N LEU D 397 15.07 -20.52 -22.04
CA LEU D 397 16.21 -21.19 -21.54
C LEU D 397 15.74 -22.41 -20.76
N GLU D 398 15.55 -23.56 -21.42
CA GLU D 398 14.95 -24.70 -20.72
C GLU D 398 16.04 -25.44 -19.93
N VAL D 399 15.76 -25.68 -18.66
CA VAL D 399 16.60 -26.46 -17.77
C VAL D 399 16.13 -27.92 -17.83
N VAL D 400 16.95 -28.79 -18.45
CA VAL D 400 16.51 -30.13 -18.94
C VAL D 400 16.91 -31.21 -17.94
N GLY D 401 17.33 -30.81 -16.74
CA GLY D 401 17.71 -31.74 -15.70
C GLY D 401 17.88 -31.04 -14.35
N PRO D 402 18.01 -31.80 -13.22
CA PRO D 402 18.34 -31.20 -11.93
C PRO D 402 19.83 -30.85 -11.91
N PRO D 403 20.25 -29.77 -11.21
CA PRO D 403 21.65 -29.36 -11.15
C PRO D 403 22.51 -30.16 -10.16
N ARG D 404 23.83 -29.95 -10.19
CA ARG D 404 24.76 -30.41 -9.16
C ARG D 404 25.34 -29.16 -8.48
N ARG D 405 25.18 -29.08 -7.15
CA ARG D 405 25.59 -27.91 -6.35
C ARG D 405 26.99 -28.11 -5.77
N VAL D 406 27.63 -26.98 -5.44
CA VAL D 406 28.96 -26.96 -4.88
C VAL D 406 28.93 -27.57 -3.48
N TYR D 407 29.89 -28.48 -3.21
CA TYR D 407 30.11 -29.06 -1.90
C TYR D 407 30.79 -28.02 -0.99
N SER D 408 29.96 -27.30 -0.20
CA SER D 408 30.37 -26.16 0.63
C SER D 408 29.16 -25.59 1.38
N SER D 409 29.41 -25.08 2.60
CA SER D 409 28.38 -24.31 3.31
C SER D 409 28.63 -22.81 3.17
N PHE D 410 29.75 -22.40 2.53
CA PHE D 410 30.10 -20.98 2.36
C PHE D 410 29.66 -20.52 0.97
N VAL D 411 30.21 -21.17 -0.07
CA VAL D 411 29.85 -20.89 -1.46
C VAL D 411 28.62 -21.72 -1.80
N LYS D 412 27.47 -21.06 -1.85
CA LYS D 412 26.22 -21.67 -2.27
C LYS D 412 26.09 -21.48 -3.80
N GLY D 413 26.44 -22.50 -4.57
CA GLY D 413 26.44 -22.33 -6.00
C GLY D 413 26.21 -23.62 -6.76
N TYR D 414 26.58 -23.60 -8.04
CA TYR D 414 26.28 -24.64 -8.95
C TYR D 414 27.50 -24.98 -9.79
N GLU D 415 27.78 -26.29 -9.89
CA GLU D 415 28.85 -26.86 -10.69
C GLU D 415 28.32 -27.36 -12.04
N GLU D 416 27.13 -27.95 -12.04
CA GLU D 416 26.44 -28.29 -13.27
C GLU D 416 25.00 -27.76 -13.27
N LEU D 417 24.60 -27.18 -14.41
CA LEU D 417 23.21 -26.79 -14.70
C LEU D 417 22.87 -27.13 -16.16
N PRO D 418 22.25 -28.31 -16.44
CA PRO D 418 21.90 -28.70 -17.81
C PRO D 418 20.86 -27.77 -18.47
N VAL D 419 21.21 -27.18 -19.61
CA VAL D 419 20.33 -26.24 -20.29
C VAL D 419 20.33 -26.50 -21.79
N VAL D 420 19.14 -26.43 -22.39
CA VAL D 420 18.99 -26.33 -23.83
C VAL D 420 18.52 -24.91 -24.14
N ILE D 421 19.03 -24.34 -25.22
CA ILE D 421 18.46 -23.14 -25.77
C ILE D 421 17.81 -23.54 -27.08
N PRO D 422 16.45 -23.59 -27.15
CA PRO D 422 15.75 -24.07 -28.35
C PRO D 422 15.86 -23.18 -29.59
N THR D 423 15.71 -21.87 -29.43
CA THR D 423 15.73 -20.97 -30.59
C THR D 423 16.43 -19.65 -30.25
N ARG D 424 16.72 -18.89 -31.32
CA ARG D 424 17.41 -17.61 -31.29
C ARG D 424 16.61 -16.52 -32.02
N ASN D 425 16.46 -15.37 -31.31
CA ASN D 425 15.85 -14.09 -31.75
C ASN D 425 14.43 -14.02 -31.20
CHA HEM E . -20.05 -26.99 16.77
CHB HEM E . -16.72 -28.18 13.47
CHC HEM E . -18.48 -32.70 13.28
CHD HEM E . -22.19 -31.26 15.98
C1A HEM E . -18.97 -26.95 15.93
C2A HEM E . -18.12 -25.84 15.78
C3A HEM E . -17.22 -26.17 14.85
C4A HEM E . -17.48 -27.47 14.40
CMA HEM E . -16.09 -25.26 14.40
CAA HEM E . -18.17 -24.51 16.52
CBA HEM E . -17.07 -24.35 17.59
CGA HEM E . -17.07 -22.97 18.24
O1A HEM E . -16.15 -22.67 19.05
O2A HEM E . -17.94 -22.09 18.00
C1B HEM E . -16.92 -29.54 13.18
C2B HEM E . -16.02 -30.28 12.34
C3B HEM E . -16.51 -31.57 12.27
C4B HEM E . -17.72 -31.57 13.11
CMB HEM E . -14.82 -29.71 11.65
CAB HEM E . -16.03 -32.80 11.58
CBB HEM E . -14.91 -32.93 10.90
C1C HEM E . -19.64 -32.73 13.98
C2C HEM E . -20.42 -33.86 14.20
C3C HEM E . -21.50 -33.47 14.96
C4C HEM E . -21.33 -32.07 15.21
CMC HEM E . -20.15 -35.23 13.67
CAC HEM E . -22.66 -34.27 15.49
CBC HEM E . -22.83 -35.57 15.30
C1D HEM E . -21.90 -29.97 16.43
C2D HEM E . -22.79 -29.22 17.36
C3D HEM E . -22.18 -28.03 17.58
C4D HEM E . -20.93 -28.08 16.78
CMD HEM E . -24.11 -29.70 17.96
CAD HEM E . -22.63 -26.89 18.49
CBD HEM E . -21.96 -27.08 19.87
CGD HEM E . -22.37 -26.07 20.94
O1D HEM E . -22.09 -26.25 22.16
O2D HEM E . -23.01 -25.04 20.60
NA HEM E . -18.57 -27.95 15.07
NB HEM E . -17.90 -30.34 13.62
NC HEM E . -20.19 -31.66 14.60
ND HEM E . -20.82 -29.25 16.10
FE HEM E . -19.44 -29.75 14.93
CHA HEM F . 23.08 28.94 -1.07
CHB HEM F . 18.70 29.46 -3.08
CHC HEM F . 20.07 33.74 -4.94
CHD HEM F . 24.57 32.70 -3.69
C1A HEM F . 21.76 28.73 -1.40
C2A HEM F . 20.98 27.63 -0.96
C3A HEM F . 19.75 27.77 -1.54
C4A HEM F . 19.77 28.95 -2.32
CMA HEM F . 18.58 26.84 -1.40
CAA HEM F . 21.43 26.54 -0.06
CBA HEM F . 20.78 26.63 1.33
CGA HEM F . 21.06 25.44 2.26
O1A HEM F . 20.41 25.35 3.33
O2A HEM F . 21.93 24.55 1.98
C1B HEM F . 18.69 30.71 -3.75
C2B HEM F . 17.52 31.31 -4.32
C3B HEM F . 17.89 32.50 -4.86
C4B HEM F . 19.33 32.62 -4.56
CMB HEM F . 16.17 30.70 -4.38
CAB HEM F . 17.14 33.56 -5.55
CBB HEM F . 15.81 33.62 -5.68
C1C HEM F . 21.43 33.85 -4.77
C2C HEM F . 22.21 34.96 -5.14
C3C HEM F . 23.52 34.66 -4.81
C4C HEM F . 23.49 33.35 -4.22
CMC HEM F . 21.69 36.21 -5.82
CAC HEM F . 24.79 35.45 -4.97
CBC HEM F . 24.86 36.62 -5.58
C1D HEM F . 24.49 31.61 -2.85
C2D HEM F . 25.68 31.13 -2.15
C3D HEM F . 25.26 30.09 -1.38
C4D HEM F . 23.82 29.95 -1.64
CMD HEM F . 27.09 31.68 -2.24
CAD HEM F . 26.13 29.22 -0.47
CBD HEM F . 26.17 29.77 0.96
CGD HEM F . 26.81 28.76 1.89
O1D HEM F . 27.13 29.03 3.09
O2D HEM F . 27.08 27.63 1.40
NA HEM F . 21.02 29.52 -2.23
NB HEM F . 19.75 31.51 -3.92
NC HEM F . 22.20 32.89 -4.22
ND HEM F . 23.43 30.89 -2.50
FE HEM F . 21.71 31.09 -3.20
CHA HEM G . -30.65 9.30 7.73
CHB HEM G . -27.94 10.94 4.09
CHC HEM G . -30.81 8.67 0.93
CHD HEM G . -33.86 7.74 4.51
C1A HEM G . -29.66 9.91 7.00
C2A HEM G . -28.58 10.59 7.62
C3A HEM G . -27.83 11.06 6.59
C4A HEM G . -28.44 10.68 5.35
CMA HEM G . -26.56 11.86 6.78
CAA HEM G . -28.28 10.77 9.11
CBA HEM G . -27.08 9.87 9.53
CGA HEM G . -26.52 9.97 10.96
O1A HEM G . -25.40 9.42 11.19
O2A HEM G . -27.17 10.56 11.90
C1B HEM G . -28.49 10.43 2.92
C2B HEM G . -27.88 10.59 1.63
C3B HEM G . -28.68 9.96 0.72
C4B HEM G . -29.78 9.40 1.52
CMB HEM G . -26.61 11.33 1.31
CAB HEM G . -28.56 9.76 -0.73
CBB HEM G . -27.54 10.17 -1.48
C1C HEM G . -31.91 8.21 1.59
C2C HEM G . -32.94 7.46 1.03
C3C HEM G . -33.83 7.20 2.07
C4C HEM G . -33.29 7.80 3.25
CMC HEM G . -33.01 7.07 -0.44
CAC HEM G . -35.08 6.42 2.08
CBC HEM G . -35.48 5.67 1.07
C1D HEM G . -33.19 8.11 5.68
C2D HEM G . -33.76 7.86 7.04
C3D HEM G . -32.86 8.27 7.94
C4D HEM G . -31.74 8.76 7.11
CMD HEM G . -35.10 7.22 7.43
CAD HEM G . -32.98 8.21 9.45
CBD HEM G . -32.36 6.90 9.97
CGD HEM G . -32.42 6.77 11.49
O1D HEM G . -32.22 5.69 12.13
O2D HEM G . -32.72 7.79 12.14
NA HEM G . -29.57 9.99 5.62
NB HEM G . -29.61 9.73 2.80
NC HEM G . -32.12 8.40 2.92
ND HEM G . -31.99 8.65 5.79
FE HEM G . -30.88 9.17 4.37
CHA HEM H . 32.25 -8.54 0.50
CHB HEM H . 28.41 -10.85 -1.42
CHC HEM H . 29.81 -9.42 -5.90
CHD HEM H . 33.83 -7.66 -3.99
C1A HEM H . 31.10 -9.27 0.34
C2A HEM H . 30.34 -9.77 1.42
C3A HEM H . 29.27 -10.40 0.88
C4A HEM H . 29.34 -10.31 -0.53
CMA HEM H . 28.20 -11.09 1.67
CAA HEM H . 30.62 -9.64 2.89
CBA HEM H . 29.73 -8.62 3.62
CGA HEM H . 29.96 -8.58 5.14
O1A HEM H . 29.23 -7.78 5.78
O2A HEM H . 30.81 -9.29 5.77
C1B HEM H . 28.48 -10.62 -2.81
C2B HEM H . 27.46 -11.05 -3.72
C3B HEM H . 27.84 -10.67 -4.99
C4B HEM H . 29.14 -9.95 -4.82
CMB HEM H . 26.23 -11.82 -3.35
CAB HEM H . 27.18 -10.79 -6.30
CBB HEM H . 25.92 -11.11 -6.44
C1C HEM H . 31.03 -8.82 -5.80
C2C HEM H . 31.77 -8.28 -6.88
C3C HEM H . 32.94 -7.79 -6.31
C4C HEM H . 32.88 -8.04 -4.90
CMC HEM H . 31.35 -8.26 -8.35
CAC HEM H . 34.07 -7.08 -6.95
CBC HEM H . 34.12 -6.65 -8.19
C1D HEM H . 33.67 -7.74 -2.62
C2D HEM H . 34.70 -7.21 -1.69
C3D HEM H . 34.25 -7.46 -0.45
C4D HEM H . 32.96 -8.13 -0.61
CMD HEM H . 36.01 -6.52 -2.01
CAD HEM H . 34.95 -7.12 0.82
CBD HEM H . 34.38 -5.82 1.33
CGD HEM H . 35.03 -5.43 2.63
O1D HEM H . 34.93 -4.23 2.91
O2D HEM H . 35.64 -6.24 3.41
NA HEM H . 30.48 -9.60 -0.85
NB HEM H . 29.45 -9.96 -3.50
NC HEM H . 31.70 -8.67 -4.62
ND HEM H . 32.67 -8.27 -1.93
FE HEM H . 31.15 -9.10 -2.64
#